data_5FDN
#
_entry.id   5FDN
#
_cell.length_a   264.260
_cell.length_b   268.130
_cell.length_c   77.930
_cell.angle_alpha   90.00
_cell.angle_beta   90.00
_cell.angle_gamma   90.00
#
_symmetry.space_group_name_H-M   'C 2 2 2'
#
loop_
_entity.id
_entity.type
_entity.pdbx_description
1 polymer 'Phosphoenolpyruvate carboxylase 3'
2 non-polymer 'ASPARTIC ACID'
3 non-polymer 'CITRATE ANION'
4 water water
#
_entity_poly.entity_id   1
_entity_poly.type   'polypeptide(L)'
_entity_poly.pdbx_seq_one_letter_code
;MGSSHHHHHHSSGLVPRGSMAGRNIEKMASIDAQLRQLVPAKVSEDDKLVEYDALLLDRFLDILQDLHGEDLRETVQELY
ELSAEYEGKREPSKLEELGSVLTSLDPGDSIVISKAFSHMLNLANLAEEVQIAHRRRIKKLKKGDFVDESSATTESDIEE
TFKRLVSDLGKSPEEIFDALKNQTVDLVLTAHPTQSVRRSLLQKHGRIRDCLAQLYAKDITPDDKQELDESLQREIQAAF
RTDEIRRTPPTPQDEMRAGMSYFHETIWKGVPKFLRRVDTALKNIGIDERVPYNAPLIQFSSWMGGDRDGNPRVTPEVTR
DVCLLARMMAANLYYNQIENLMFELSMWRCTDEFRVRADELHRNSRKDAAKHYIEFWKTIPPTEPYRVILGDVRDKLYHT
RERSRQLLSNGISDIPEEATFTNVEQFLEPLELCYRSLCSCGDSPIADGSLLDFLRQVSTFGLSLVRLDIRQESERHTDV
LDAITKHLDIGSSYRDWSEEGRQEWLLAELSGKRPLFGPDLPKTEEISDVLDTFKVISELPSDCFGAYIISMATSPSDVL
AVELLQRECHVKNPLRVVPLFEKLADLEAAPAAVARLFSIDWYKNRINGKQEVMIGYSDSGKDAGRLSAAWELYKAQEEL
VKVAKKYGVKLTMFHGRGGTVGRGGGPTHLAILSQPPDTVNGSLRVTVQGEVIEQSFGEAHLCFRTLQRFTAATLEHGMN
PPISPKPEWRALLDEMAVVATEEYRSVVFQEPRFVEYFRLATPELEYGRMNIGSRPSKRKPSGGIESLRAIPWIFAWTQT
RFHLPVWLGFGAAFRYAIKKDVRNLHMLQDMYKQWPFFRVTIDLIEMVFAKGDPGIAALYDKLLVSEDLWAFGEKLRANF
DETKNLVLQTAGHKDLLEGDPYLKQRLRLRDSYITTLNVCQAYTLKRIRDANYNVTLRPHISKEIMQSSKSAQELVKLNP
TSEYAPGLEDTLILTMKGIAAGLQNTG
;
_entity_poly.pdbx_strand_id   A,B
#
loop_
_chem_comp.id
_chem_comp.type
_chem_comp.name
_chem_comp.formula
FLC non-polymer 'CITRATE ANION' 'C6 H5 O7 -3'
#
# COMPACT_ATOMS: atom_id res chain seq x y z
N GLN A 34 20.92 -22.76 50.80
CA GLN A 34 19.95 -22.72 51.89
C GLN A 34 18.55 -23.08 51.35
N LEU A 35 17.53 -23.12 52.21
CA LEU A 35 16.17 -23.43 51.77
C LEU A 35 15.26 -22.22 51.96
N ARG A 36 14.10 -22.31 51.32
CA ARG A 36 13.54 -21.21 50.54
C ARG A 36 12.38 -20.50 51.22
N GLN A 37 12.50 -19.18 51.24
CA GLN A 37 11.44 -18.27 51.57
C GLN A 37 10.67 -17.76 50.36
N LEU A 38 11.28 -17.81 49.17
CA LEU A 38 10.59 -17.35 47.96
C LEU A 38 9.40 -18.23 47.62
N VAL A 39 9.44 -19.52 47.96
CA VAL A 39 8.38 -20.46 47.62
C VAL A 39 7.94 -21.18 48.89
N PRO A 40 7.12 -20.56 49.74
CA PRO A 40 6.82 -21.20 51.04
C PRO A 40 5.88 -22.37 50.92
N ALA A 41 5.02 -22.36 49.92
CA ALA A 41 3.97 -23.35 49.79
C ALA A 41 4.36 -24.42 48.77
N LYS A 42 3.99 -25.67 49.09
CA LYS A 42 4.02 -26.72 48.11
C LYS A 42 2.79 -26.60 47.21
N VAL A 43 2.97 -26.90 45.92
CA VAL A 43 1.85 -26.86 44.98
C VAL A 43 1.21 -28.23 44.76
N SER A 44 1.82 -29.29 45.27
CA SER A 44 1.25 -30.63 45.22
C SER A 44 1.94 -31.45 46.31
N GLU A 45 1.35 -32.59 46.67
CA GLU A 45 1.98 -33.33 47.76
C GLU A 45 3.35 -33.88 47.35
N ASP A 46 3.55 -34.18 46.07
CA ASP A 46 4.86 -34.62 45.59
C ASP A 46 5.70 -33.46 45.04
N ASP A 47 5.39 -32.22 45.42
CA ASP A 47 6.22 -31.07 45.07
C ASP A 47 7.56 -31.17 45.79
N LYS A 48 8.64 -31.37 45.03
CA LYS A 48 10.00 -31.37 45.58
C LYS A 48 10.89 -30.35 44.90
N LEU A 49 10.31 -29.38 44.19
CA LEU A 49 11.12 -28.54 43.31
C LEU A 49 12.15 -27.73 44.11
N VAL A 50 11.73 -27.15 45.24
CA VAL A 50 12.65 -26.38 46.08
C VAL A 50 13.78 -27.27 46.57
N GLU A 51 13.47 -28.50 46.96
CA GLU A 51 14.50 -29.45 47.36
C GLU A 51 15.47 -29.74 46.22
N TYR A 52 14.96 -29.97 45.01
CA TYR A 52 15.86 -30.17 43.87
C TYR A 52 16.80 -28.98 43.73
N ASP A 53 16.25 -27.76 43.74
CA ASP A 53 17.05 -26.56 43.50
C ASP A 53 18.08 -26.35 44.60
N ALA A 54 17.69 -26.52 45.86
CA ALA A 54 18.65 -26.39 46.96
C ALA A 54 19.79 -27.38 46.82
N LEU A 55 19.48 -28.64 46.47
CA LEU A 55 20.53 -29.64 46.25
C LEU A 55 21.43 -29.25 45.07
N LEU A 56 20.84 -28.89 43.93
CA LEU A 56 21.64 -28.50 42.78
C LEU A 56 22.55 -27.32 43.09
N LEU A 57 22.01 -26.30 43.78
CA LEU A 57 22.81 -25.10 44.07
C LEU A 57 23.95 -25.42 45.03
N ASP A 58 23.65 -26.15 46.12
CA ASP A 58 24.67 -26.51 47.11
C ASP A 58 25.81 -27.29 46.46
N ARG A 59 25.48 -28.29 45.63
CA ARG A 59 26.53 -29.08 45.01
C ARG A 59 27.31 -28.26 44.00
N PHE A 60 26.63 -27.36 43.28
CA PHE A 60 27.34 -26.57 42.27
C PHE A 60 28.26 -25.55 42.93
N LEU A 61 27.85 -24.98 44.07
CA LEU A 61 28.71 -24.01 44.74
C LEU A 61 30.00 -24.67 45.25
N ASP A 62 29.89 -25.88 45.81
CA ASP A 62 31.09 -26.64 46.16
C ASP A 62 31.97 -26.87 44.95
N ILE A 63 31.37 -27.18 43.80
CA ILE A 63 32.17 -27.33 42.59
C ILE A 63 32.82 -26.00 42.22
N LEU A 64 32.10 -24.89 42.35
CA LEU A 64 32.72 -23.59 42.06
C LEU A 64 33.91 -23.35 42.98
N GLN A 65 33.76 -23.69 44.25
CA GLN A 65 34.86 -23.54 45.20
C GLN A 65 36.05 -24.39 44.80
N ASP A 66 35.81 -25.67 44.48
CA ASP A 66 36.89 -26.56 44.06
C ASP A 66 37.66 -26.00 42.88
N LEU A 67 36.96 -25.43 41.91
CA LEU A 67 37.57 -25.04 40.65
C LEU A 67 38.18 -23.64 40.67
N HIS A 68 37.60 -22.72 41.45
CA HIS A 68 37.98 -21.31 41.39
C HIS A 68 38.24 -20.70 42.76
N GLY A 69 38.07 -21.45 43.84
CA GLY A 69 38.47 -20.97 45.15
C GLY A 69 37.29 -20.47 45.98
N GLU A 70 37.56 -20.42 47.29
CA GLU A 70 36.56 -20.02 48.27
C GLU A 70 36.07 -18.58 48.05
N ASP A 71 36.97 -17.68 47.63
CA ASP A 71 36.59 -16.28 47.43
C ASP A 71 35.56 -16.14 46.31
N LEU A 72 35.85 -16.77 45.17
CA LEU A 72 34.90 -16.80 44.06
C LEU A 72 33.56 -17.36 44.51
N ARG A 73 33.60 -18.51 45.20
CA ARG A 73 32.36 -19.12 45.66
C ARG A 73 31.57 -18.16 46.53
N GLU A 74 32.26 -17.44 47.40
CA GLU A 74 31.56 -16.55 48.34
C GLU A 74 30.96 -15.36 47.63
N THR A 75 31.65 -14.82 46.62
CA THR A 75 31.09 -13.73 45.82
C THR A 75 29.83 -14.20 45.08
N VAL A 76 29.91 -15.38 44.44
CA VAL A 76 28.75 -15.93 43.76
C VAL A 76 27.60 -16.08 44.73
N GLN A 77 27.88 -16.62 45.91
CA GLN A 77 26.85 -16.81 46.92
C GLN A 77 26.28 -15.49 47.39
N GLU A 78 27.12 -14.46 47.53
CA GLU A 78 26.63 -13.14 47.91
C GLU A 78 25.71 -12.55 46.84
N LEU A 79 26.11 -12.66 45.58
CA LEU A 79 25.24 -12.23 44.48
C LEU A 79 23.90 -12.95 44.53
N TYR A 80 23.91 -14.29 44.71
CA TYR A 80 22.67 -15.04 44.79
C TYR A 80 21.76 -14.49 45.88
N GLU A 81 22.33 -14.23 47.06
CA GLU A 81 21.50 -13.79 48.18
C GLU A 81 20.94 -12.38 47.95
N LEU A 82 21.73 -11.49 47.35
CA LEU A 82 21.21 -10.18 46.98
C LEU A 82 20.04 -10.30 46.01
N SER A 83 20.16 -11.18 45.00
CA SER A 83 19.09 -11.39 44.03
C SER A 83 17.84 -11.94 44.68
N ALA A 84 17.98 -12.99 45.49
CA ALA A 84 16.84 -13.58 46.16
C ALA A 84 16.15 -12.58 47.09
N GLU A 85 16.93 -11.69 47.71
CA GLU A 85 16.32 -10.64 48.52
C GLU A 85 15.52 -9.68 47.64
N TYR A 86 16.08 -9.31 46.49
CA TYR A 86 15.34 -8.50 45.54
C TYR A 86 14.02 -9.16 45.18
N GLU A 87 14.05 -10.45 44.85
CA GLU A 87 12.80 -11.11 44.49
C GLU A 87 11.80 -11.13 45.64
N GLY A 88 12.28 -11.02 46.87
CA GLY A 88 11.37 -11.00 48.01
C GLY A 88 10.52 -9.73 48.07
N LYS A 89 11.13 -8.56 47.85
CA LYS A 89 10.34 -7.33 47.91
C LYS A 89 10.45 -6.47 46.65
N ARG A 90 11.56 -6.57 45.92
CA ARG A 90 11.80 -5.85 44.67
C ARG A 90 12.01 -4.35 44.92
N GLU A 91 12.88 -4.05 45.88
CA GLU A 91 13.24 -2.65 46.05
C GLU A 91 14.41 -2.31 45.13
N PRO A 92 14.35 -1.19 44.42
CA PRO A 92 15.43 -0.86 43.47
C PRO A 92 16.80 -0.71 44.11
N SER A 93 16.87 -0.32 45.37
CA SER A 93 18.17 -0.20 46.04
C SER A 93 18.92 -1.53 46.06
N LYS A 94 18.18 -2.65 46.15
CA LYS A 94 18.80 -3.96 46.13
C LYS A 94 19.46 -4.27 44.79
N LEU A 95 18.96 -3.67 43.69
CA LEU A 95 19.65 -3.80 42.39
C LEU A 95 20.94 -3.01 42.36
N GLU A 96 20.98 -1.86 43.07
CA GLU A 96 22.22 -1.10 43.09
C GLU A 96 23.29 -1.82 43.89
N GLU A 97 22.90 -2.48 44.98
CA GLU A 97 23.85 -3.30 45.73
C GLU A 97 24.42 -4.41 44.86
N LEU A 98 23.56 -5.10 44.09
CA LEU A 98 24.04 -6.08 43.12
C LEU A 98 25.03 -5.45 42.14
N GLY A 99 24.70 -4.27 41.62
CA GLY A 99 25.57 -3.65 40.63
C GLY A 99 26.90 -3.20 41.20
N SER A 100 26.90 -2.76 42.47
CA SER A 100 28.16 -2.36 43.10
C SER A 100 29.14 -3.53 43.12
N VAL A 101 28.65 -4.73 43.45
CA VAL A 101 29.50 -5.91 43.35
C VAL A 101 29.88 -6.17 41.90
N LEU A 102 28.90 -6.17 40.99
CA LEU A 102 29.16 -6.63 39.62
C LEU A 102 30.10 -5.69 38.87
N THR A 103 29.95 -4.37 39.03
CA THR A 103 30.86 -3.46 38.31
C THR A 103 32.29 -3.55 38.81
N SER A 104 32.50 -4.03 40.03
CA SER A 104 33.85 -4.16 40.55
C SER A 104 34.58 -5.38 40.02
N LEU A 105 33.94 -6.22 39.20
CA LEU A 105 34.55 -7.44 38.71
C LEU A 105 35.32 -7.14 37.42
N ASP A 106 36.55 -7.63 37.33
CA ASP A 106 37.30 -7.49 36.09
C ASP A 106 36.69 -8.41 35.03
N PRO A 107 37.14 -8.31 33.77
CA PRO A 107 36.56 -9.20 32.74
C PRO A 107 36.64 -10.69 33.07
N GLY A 108 37.76 -11.15 33.60
CA GLY A 108 37.90 -12.57 33.90
C GLY A 108 36.94 -13.04 34.98
N ASP A 109 36.83 -12.27 36.07
CA ASP A 109 35.84 -12.61 37.09
C ASP A 109 34.41 -12.46 36.56
N SER A 110 34.18 -11.50 35.67
CA SER A 110 32.85 -11.31 35.10
C SER A 110 32.41 -12.54 34.33
N ILE A 111 33.33 -13.12 33.56
CA ILE A 111 33.05 -14.33 32.82
C ILE A 111 32.66 -15.47 33.77
N VAL A 112 33.44 -15.65 34.84
CA VAL A 112 33.17 -16.76 35.75
C VAL A 112 31.82 -16.58 36.43
N ILE A 113 31.48 -15.34 36.80
CA ILE A 113 30.20 -15.11 37.48
C ILE A 113 29.04 -15.32 36.51
N SER A 114 29.17 -14.83 35.27
CA SER A 114 28.03 -14.92 34.36
C SER A 114 27.83 -16.36 33.88
N LYS A 115 28.93 -17.07 33.59
CA LYS A 115 28.87 -18.53 33.40
C LYS A 115 28.16 -19.21 34.56
N ALA A 116 28.60 -18.92 35.79
CA ALA A 116 28.05 -19.59 36.97
C ALA A 116 26.54 -19.44 37.04
N PHE A 117 26.04 -18.22 36.87
CA PHE A 117 24.60 -18.00 37.00
C PHE A 117 23.84 -18.55 35.80
N SER A 118 24.45 -18.55 34.61
CA SER A 118 23.82 -19.21 33.47
C SER A 118 23.62 -20.69 33.77
N HIS A 119 24.64 -21.33 34.35
CA HIS A 119 24.57 -22.75 34.64
C HIS A 119 23.57 -23.05 35.75
N MET A 120 23.46 -22.17 36.75
CA MET A 120 22.45 -22.39 37.77
C MET A 120 21.05 -22.40 37.16
N LEU A 121 20.84 -21.52 36.18
CA LEU A 121 19.55 -21.45 35.50
C LEU A 121 19.28 -22.73 34.72
N ASN A 122 20.29 -23.23 34.00
CA ASN A 122 20.18 -24.52 33.34
C ASN A 122 19.83 -25.63 34.33
N LEU A 123 20.53 -25.68 35.47
CA LEU A 123 20.22 -26.67 36.48
C LEU A 123 18.79 -26.52 37.00
N ALA A 124 18.36 -25.27 37.21
CA ALA A 124 16.97 -25.06 37.65
C ALA A 124 15.97 -25.57 36.63
N ASN A 125 16.27 -25.43 35.33
CA ASN A 125 15.34 -25.92 34.30
C ASN A 125 15.30 -27.45 34.28
N LEU A 126 16.44 -28.11 34.49
CA LEU A 126 16.43 -29.56 34.56
C LEU A 126 15.59 -30.06 35.73
N ALA A 127 15.71 -29.40 36.88
CA ALA A 127 14.88 -29.72 38.03
C ALA A 127 13.39 -29.57 37.71
N GLU A 128 13.03 -28.49 37.00
CA GLU A 128 11.64 -28.31 36.58
C GLU A 128 11.17 -29.50 35.77
N GLU A 129 12.00 -29.96 34.82
CA GLU A 129 11.62 -31.07 33.97
C GLU A 129 11.36 -32.33 34.78
N VAL A 130 12.23 -32.63 35.76
CA VAL A 130 12.01 -33.78 36.62
C VAL A 130 10.72 -33.63 37.39
N GLN A 131 10.49 -32.44 37.96
CA GLN A 131 9.25 -32.22 38.68
C GLN A 131 8.03 -32.43 37.78
N ILE A 132 8.03 -31.79 36.61
CA ILE A 132 6.90 -31.90 35.70
C ILE A 132 6.69 -33.36 35.32
N ALA A 133 7.79 -34.06 35.01
CA ALA A 133 7.71 -35.43 34.53
C ALA A 133 7.09 -36.36 35.56
N HIS A 134 7.28 -36.08 36.86
CA HIS A 134 6.87 -37.02 37.89
C HIS A 134 5.76 -36.50 38.79
N ARG A 135 5.10 -35.41 38.39
CA ARG A 135 3.99 -34.90 39.18
C ARG A 135 2.77 -35.79 38.99
N ARG A 136 2.34 -36.42 40.06
CA ARG A 136 1.27 -37.41 39.98
C ARG A 136 -0.05 -36.74 39.60
N ARG A 137 -0.80 -37.40 38.72
CA ARG A 137 -2.09 -36.88 38.25
C ARG A 137 -3.17 -37.07 39.33
N ILE A 138 -3.88 -35.99 39.64
CA ILE A 138 -4.95 -35.97 40.63
C ILE A 138 -6.25 -35.78 39.87
N LYS A 139 -7.04 -36.84 39.71
CA LYS A 139 -8.24 -36.73 38.88
C LYS A 139 -9.24 -35.71 39.44
N LYS A 140 -9.44 -35.71 40.77
CA LYS A 140 -10.37 -34.75 41.41
C LYS A 140 -9.88 -33.32 41.34
N LEU A 141 -8.80 -33.05 40.63
CA LEU A 141 -8.41 -31.68 40.33
C LEU A 141 -9.11 -31.15 39.08
N LYS A 142 -9.56 -32.02 38.20
CA LYS A 142 -10.25 -31.56 36.99
C LYS A 142 -11.52 -30.83 37.36
N LYS A 143 -11.77 -29.72 36.68
CA LYS A 143 -13.06 -29.03 36.79
C LYS A 143 -14.15 -29.64 35.93
N GLY A 144 -13.80 -30.36 34.89
CA GLY A 144 -14.78 -30.86 33.96
C GLY A 144 -15.12 -29.94 32.81
N ASP A 145 -14.33 -28.91 32.56
CA ASP A 145 -14.57 -28.00 31.44
C ASP A 145 -13.28 -27.81 30.64
N PHE A 146 -13.32 -26.94 29.61
CA PHE A 146 -12.18 -26.79 28.71
C PHE A 146 -10.97 -26.16 29.38
N VAL A 147 -11.15 -25.49 30.53
CA VAL A 147 -10.01 -24.93 31.26
C VAL A 147 -9.09 -26.04 31.75
N ASP A 148 -9.63 -27.25 31.99
CA ASP A 148 -8.77 -28.39 32.30
C ASP A 148 -7.68 -28.60 31.26
N GLU A 149 -7.94 -28.21 30.00
CA GLU A 149 -6.98 -28.46 28.92
C GLU A 149 -5.84 -27.44 28.86
N SER A 150 -5.79 -26.45 29.75
CA SER A 150 -4.68 -25.50 29.71
C SER A 150 -3.53 -25.90 30.63
N SER A 151 -3.65 -27.01 31.35
CA SER A 151 -2.61 -27.44 32.28
C SER A 151 -2.39 -28.94 32.15
N ALA A 152 -1.13 -29.35 32.10
CA ALA A 152 -0.80 -30.79 32.14
C ALA A 152 -1.35 -31.46 33.38
N THR A 153 -1.56 -30.73 34.48
CA THR A 153 -2.10 -31.34 35.69
C THR A 153 -3.55 -31.74 35.53
N THR A 154 -4.25 -31.20 34.54
CA THR A 154 -5.66 -31.51 34.37
C THR A 154 -6.06 -31.88 32.94
N GLU A 155 -5.17 -31.77 31.96
CA GLU A 155 -5.55 -31.98 30.57
C GLU A 155 -5.98 -33.43 30.32
N SER A 156 -6.81 -33.62 29.30
CA SER A 156 -7.18 -34.98 28.90
C SER A 156 -6.00 -35.65 28.21
N ASP A 157 -5.71 -36.89 28.59
CA ASP A 157 -4.80 -37.72 27.81
C ASP A 157 -5.58 -38.28 26.63
N ILE A 158 -4.97 -39.18 25.83
CA ILE A 158 -5.61 -39.55 24.57
C ILE A 158 -6.89 -40.36 24.84
N GLU A 159 -6.85 -41.29 25.79
CA GLU A 159 -8.03 -42.07 26.10
C GLU A 159 -9.14 -41.22 26.71
N GLU A 160 -8.79 -40.25 27.57
CA GLU A 160 -9.81 -39.34 28.10
C GLU A 160 -10.45 -38.52 26.99
N THR A 161 -9.65 -38.07 26.02
CA THR A 161 -10.21 -37.39 24.84
C THR A 161 -11.19 -38.31 24.09
N PHE A 162 -10.78 -39.55 23.81
CA PHE A 162 -11.68 -40.51 23.16
C PHE A 162 -13.00 -40.62 23.92
N LYS A 163 -12.90 -40.79 25.23
CA LYS A 163 -14.11 -41.07 26.02
C LYS A 163 -15.02 -39.86 26.09
N ARG A 164 -14.48 -38.65 26.14
CA ARG A 164 -15.35 -37.48 26.08
C ARG A 164 -16.01 -37.38 24.70
N LEU A 165 -15.29 -37.73 23.64
CA LEU A 165 -15.89 -37.66 22.32
C LEU A 165 -17.04 -38.65 22.19
N VAL A 166 -16.89 -39.84 22.76
CA VAL A 166 -17.96 -40.82 22.74
C VAL A 166 -19.14 -40.37 23.62
N SER A 167 -18.85 -39.95 24.86
CA SER A 167 -19.90 -39.76 25.86
C SER A 167 -20.57 -38.40 25.75
N ASP A 168 -19.81 -37.33 25.50
CA ASP A 168 -20.39 -35.99 25.44
C ASP A 168 -20.78 -35.57 24.04
N LEU A 169 -20.12 -36.09 23.00
CA LEU A 169 -20.37 -35.65 21.64
C LEU A 169 -21.02 -36.72 20.78
N GLY A 170 -21.29 -37.89 21.33
CA GLY A 170 -21.97 -38.93 20.57
C GLY A 170 -21.22 -39.39 19.35
N LYS A 171 -19.90 -39.26 19.32
CA LYS A 171 -19.14 -39.82 18.22
C LYS A 171 -18.98 -41.33 18.44
N SER A 172 -18.94 -42.06 17.36
CA SER A 172 -18.74 -43.49 17.54
C SER A 172 -17.26 -43.82 17.60
N PRO A 173 -16.89 -44.93 18.24
CA PRO A 173 -15.50 -45.39 18.14
C PRO A 173 -15.02 -45.54 16.71
N GLU A 174 -15.91 -45.88 15.78
CA GLU A 174 -15.50 -46.04 14.39
C GLU A 174 -15.16 -44.70 13.76
N GLU A 175 -15.95 -43.67 14.06
CA GLU A 175 -15.63 -42.33 13.57
C GLU A 175 -14.32 -41.83 14.15
N ILE A 176 -14.10 -42.05 15.45
CA ILE A 176 -12.84 -41.64 16.06
C ILE A 176 -11.68 -42.30 15.35
N PHE A 177 -11.76 -43.62 15.17
CA PHE A 177 -10.72 -44.38 14.50
C PHE A 177 -10.47 -43.87 13.09
N ASP A 178 -11.55 -43.63 12.34
CA ASP A 178 -11.41 -43.22 10.95
C ASP A 178 -10.74 -41.84 10.85
N ALA A 179 -11.14 -40.91 11.73
CA ALA A 179 -10.47 -39.61 11.76
C ALA A 179 -9.01 -39.74 12.13
N LEU A 180 -8.70 -40.55 13.15
CA LEU A 180 -7.31 -40.76 13.57
C LEU A 180 -6.47 -41.28 12.42
N LYS A 181 -6.98 -42.28 11.70
CA LYS A 181 -6.24 -42.85 10.58
C LYS A 181 -5.86 -41.80 9.55
N ASN A 182 -6.66 -40.74 9.45
CA ASN A 182 -6.50 -39.77 8.38
C ASN A 182 -5.87 -38.46 8.87
N GLN A 183 -5.40 -38.40 10.12
CA GLN A 183 -4.92 -37.14 10.65
C GLN A 183 -3.39 -37.10 10.61
N THR A 184 -2.85 -35.89 10.51
CA THR A 184 -1.42 -35.67 10.58
C THR A 184 -1.14 -34.48 11.48
N VAL A 185 -0.22 -34.68 12.42
CA VAL A 185 0.40 -33.61 13.18
C VAL A 185 1.82 -33.48 12.63
N ASP A 186 2.15 -32.29 12.15
CA ASP A 186 3.43 -32.02 11.49
C ASP A 186 4.12 -30.97 12.35
N LEU A 187 5.20 -31.37 13.03
CA LEU A 187 5.92 -30.48 13.94
C LEU A 187 7.17 -29.96 13.22
N VAL A 188 7.28 -28.64 13.11
CA VAL A 188 8.33 -28.03 12.30
C VAL A 188 9.40 -27.46 13.24
N LEU A 189 10.60 -28.05 13.15
CA LEU A 189 11.73 -27.63 13.98
C LEU A 189 12.44 -26.42 13.37
N THR A 190 12.77 -25.45 14.24
CA THR A 190 13.49 -24.25 13.85
C THR A 190 14.71 -24.09 14.77
N ALA A 191 15.64 -23.25 14.35
CA ALA A 191 16.91 -23.15 15.08
C ALA A 191 16.72 -22.40 16.40
N HIS A 192 17.58 -22.72 17.36
CA HIS A 192 17.63 -21.94 18.60
C HIS A 192 18.17 -20.54 18.29
N PRO A 193 17.44 -19.47 18.63
CA PRO A 193 17.90 -18.11 18.26
C PRO A 193 19.13 -17.64 19.03
N THR A 194 19.61 -18.37 20.05
CA THR A 194 20.79 -17.94 20.80
C THR A 194 21.83 -19.01 21.07
N GLN A 195 21.44 -20.28 21.24
CA GLN A 195 22.35 -21.29 21.80
C GLN A 195 22.06 -22.64 21.16
N SER A 196 22.93 -23.07 20.24
CA SER A 196 22.92 -24.46 19.79
C SER A 196 23.50 -25.33 20.90
N VAL A 197 22.75 -26.33 21.34
CA VAL A 197 23.22 -27.26 22.36
C VAL A 197 23.57 -28.58 21.70
N ARG A 198 24.86 -28.93 21.75
CA ARG A 198 25.33 -30.19 21.20
C ARG A 198 24.76 -31.38 21.98
N ARG A 199 24.71 -32.53 21.32
CA ARG A 199 24.05 -33.68 21.92
C ARG A 199 24.80 -34.24 23.12
N SER A 200 26.13 -34.16 23.16
CA SER A 200 26.84 -34.67 24.33
C SER A 200 26.46 -33.89 25.58
N LEU A 201 26.14 -32.60 25.45
CA LEU A 201 25.67 -31.84 26.61
C LEU A 201 24.26 -32.27 27.01
N LEU A 202 23.40 -32.53 26.03
CA LEU A 202 22.07 -33.06 26.33
C LEU A 202 22.16 -34.33 27.15
N GLN A 203 23.10 -35.22 26.80
CA GLN A 203 23.27 -36.46 27.57
C GLN A 203 23.68 -36.17 29.00
N LYS A 204 24.55 -35.19 29.21
CA LYS A 204 24.89 -34.80 30.57
C LYS A 204 23.65 -34.28 31.31
N HIS A 205 22.88 -33.41 30.65
CA HIS A 205 21.63 -32.93 31.23
C HIS A 205 20.72 -34.09 31.64
N GLY A 206 20.60 -35.10 30.78
CA GLY A 206 19.75 -36.25 31.11
C GLY A 206 20.26 -37.04 32.31
N ARG A 207 21.58 -37.19 32.43
CA ARG A 207 22.11 -37.91 33.59
C ARG A 207 21.88 -37.12 34.87
N ILE A 208 22.01 -35.79 34.81
CA ILE A 208 21.66 -34.97 35.97
C ILE A 208 20.21 -35.19 36.34
N ARG A 209 19.31 -35.15 35.34
CA ARG A 209 17.89 -35.38 35.62
C ARG A 209 17.64 -36.76 36.23
N ASP A 210 18.28 -37.80 35.69
CA ASP A 210 18.07 -39.15 36.24
C ASP A 210 18.55 -39.23 37.68
N CYS A 211 19.70 -38.62 37.98
CA CYS A 211 20.17 -38.56 39.36
C CYS A 211 19.13 -37.91 40.27
N LEU A 212 18.62 -36.73 39.87
CA LEU A 212 17.59 -36.06 40.66
C LEU A 212 16.38 -36.96 40.87
N ALA A 213 15.93 -37.64 39.81
CA ALA A 213 14.72 -38.43 39.93
C ALA A 213 14.89 -39.62 40.88
N GLN A 214 16.07 -40.22 40.91
CA GLN A 214 16.32 -41.40 41.72
C GLN A 214 16.68 -41.06 43.17
N LEU A 215 17.34 -39.92 43.40
CA LEU A 215 17.75 -39.52 44.75
C LEU A 215 16.58 -39.35 45.71
N TYR A 216 15.39 -39.07 45.20
CA TYR A 216 14.23 -38.85 46.07
C TYR A 216 13.21 -39.97 46.01
N ALA A 217 13.50 -41.06 45.31
CA ALA A 217 12.71 -42.27 45.47
C ALA A 217 12.84 -42.77 46.90
N LYS A 218 11.84 -43.51 47.36
CA LYS A 218 11.97 -44.14 48.66
C LYS A 218 12.60 -45.52 48.58
N ASP A 219 13.39 -45.75 47.53
CA ASP A 219 14.52 -46.67 47.55
C ASP A 219 15.61 -45.99 48.37
N ILE A 220 15.48 -46.08 49.69
CA ILE A 220 16.19 -45.19 50.59
C ILE A 220 17.63 -45.65 50.82
N THR A 221 18.11 -46.65 50.04
CA THR A 221 19.40 -47.28 50.37
C THR A 221 20.49 -46.22 50.52
N PRO A 222 21.11 -46.11 51.70
CA PRO A 222 22.13 -45.06 51.90
C PRO A 222 23.27 -45.13 50.92
N ASP A 223 23.69 -46.32 50.49
CA ASP A 223 24.84 -46.40 49.58
C ASP A 223 24.44 -46.04 48.14
N ASP A 224 23.24 -46.43 47.71
CA ASP A 224 22.71 -45.95 46.44
C ASP A 224 22.66 -44.43 46.40
N LYS A 225 22.07 -43.84 47.45
CA LYS A 225 21.96 -42.39 47.55
C LYS A 225 23.33 -41.73 47.47
N GLN A 226 24.29 -42.25 48.22
CA GLN A 226 25.65 -41.73 48.19
C GLN A 226 26.23 -41.76 46.78
N GLU A 227 26.07 -42.87 46.07
CA GLU A 227 26.63 -42.97 44.72
C GLU A 227 25.89 -42.08 43.72
N LEU A 228 24.57 -41.96 43.88
CA LEU A 228 23.81 -41.06 43.02
C LEU A 228 24.22 -39.60 43.26
N ASP A 229 24.45 -39.25 44.52
CA ASP A 229 24.97 -37.92 44.85
C ASP A 229 26.33 -37.70 44.18
N GLU A 230 27.22 -38.69 44.30
CA GLU A 230 28.54 -38.64 43.65
C GLU A 230 28.40 -38.50 42.14
N SER A 231 27.48 -39.25 41.54
CA SER A 231 27.24 -39.14 40.11
C SER A 231 26.69 -37.75 39.73
N LEU A 232 25.71 -37.24 40.51
CA LEU A 232 25.18 -35.89 40.27
C LEU A 232 26.30 -34.83 40.31
N GLN A 233 27.17 -34.88 41.32
CA GLN A 233 28.26 -33.89 41.39
C GLN A 233 29.16 -33.97 40.18
N ARG A 234 29.49 -35.18 39.76
CA ARG A 234 30.37 -35.37 38.62
C ARG A 234 29.73 -34.83 37.33
N GLU A 235 28.42 -34.99 37.17
CA GLU A 235 27.76 -34.56 35.93
C GLU A 235 27.56 -33.05 35.91
N ILE A 236 27.21 -32.45 37.06
CA ILE A 236 27.17 -30.99 37.15
C ILE A 236 28.50 -30.40 36.70
N GLN A 237 29.60 -31.00 37.16
CA GLN A 237 30.92 -30.47 36.79
C GLN A 237 31.21 -30.70 35.32
N ALA A 238 30.98 -31.92 34.83
CA ALA A 238 31.21 -32.18 33.41
C ALA A 238 30.42 -31.18 32.54
N ALA A 239 29.16 -30.90 32.90
CA ALA A 239 28.38 -29.95 32.13
C ALA A 239 28.94 -28.52 32.27
N PHE A 240 29.35 -28.13 33.48
CA PHE A 240 29.87 -26.77 33.67
C PHE A 240 31.18 -26.57 32.93
N ARG A 241 32.01 -27.61 32.81
CA ARG A 241 33.31 -27.56 32.16
C ARG A 241 33.22 -27.71 30.64
N THR A 242 32.01 -27.74 30.10
CA THR A 242 31.81 -27.69 28.65
C THR A 242 31.56 -26.22 28.30
N ASP A 243 32.66 -25.49 28.12
CA ASP A 243 32.60 -24.03 27.99
C ASP A 243 33.73 -23.55 27.08
N GLU A 244 34.00 -24.29 26.00
CA GLU A 244 35.09 -23.95 25.11
C GLU A 244 34.85 -22.58 24.46
N ILE A 245 35.94 -22.02 23.95
CA ILE A 245 36.04 -20.58 23.73
C ILE A 245 35.76 -20.17 22.27
N ARG A 246 35.37 -21.12 21.41
CA ARG A 246 35.04 -20.81 20.02
C ARG A 246 33.96 -19.73 19.95
N ARG A 247 34.33 -18.52 19.52
CA ARG A 247 33.43 -17.37 19.53
C ARG A 247 32.78 -17.10 18.18
N THR A 248 33.01 -17.95 17.18
CA THR A 248 32.36 -17.78 15.89
C THR A 248 30.87 -18.10 16.02
N PRO A 249 30.06 -17.65 15.07
CA PRO A 249 28.76 -18.30 14.87
C PRO A 249 28.99 -19.71 14.35
N PRO A 250 28.23 -20.69 14.81
CA PRO A 250 28.33 -22.02 14.20
C PRO A 250 27.75 -21.96 12.80
N THR A 251 28.29 -22.80 11.92
CA THR A 251 27.75 -22.83 10.57
C THR A 251 26.28 -23.26 10.62
N PRO A 252 25.47 -22.88 9.63
CA PRO A 252 24.11 -23.43 9.55
C PRO A 252 24.06 -24.93 9.71
N GLN A 253 25.04 -25.64 9.14
CA GLN A 253 25.14 -27.08 9.34
C GLN A 253 25.29 -27.43 10.81
N ASP A 254 26.13 -26.69 11.55
CA ASP A 254 26.31 -26.97 12.97
C ASP A 254 25.02 -26.75 13.73
N GLU A 255 24.33 -25.62 13.47
CA GLU A 255 23.04 -25.37 14.09
C GLU A 255 22.06 -26.52 13.80
N MET A 256 22.06 -27.04 12.58
CA MET A 256 21.11 -28.10 12.21
C MET A 256 21.41 -29.40 12.94
N ARG A 257 22.69 -29.82 12.93
CA ARG A 257 23.09 -31.02 13.66
C ARG A 257 22.71 -30.93 15.12
N ALA A 258 22.93 -29.77 15.74
CA ALA A 258 22.50 -29.57 17.12
C ALA A 258 20.99 -29.68 17.23
N GLY A 259 20.26 -29.05 16.30
CA GLY A 259 18.81 -29.10 16.34
C GLY A 259 18.25 -30.49 16.17
N MET A 260 18.96 -31.36 15.43
CA MET A 260 18.48 -32.72 15.19
C MET A 260 18.74 -33.65 16.37
N SER A 261 19.35 -33.13 17.44
CA SER A 261 19.78 -33.96 18.56
C SER A 261 18.62 -34.62 19.31
N TYR A 262 17.42 -34.04 19.28
CA TYR A 262 16.33 -34.61 20.06
C TYR A 262 15.78 -35.91 19.47
N PHE A 263 16.07 -36.21 18.21
CA PHE A 263 15.58 -37.47 17.66
C PHE A 263 16.22 -38.66 18.36
N HIS A 264 17.56 -38.67 18.45
CA HIS A 264 18.24 -39.74 19.19
C HIS A 264 17.88 -39.68 20.67
N GLU A 265 17.79 -38.48 21.25
CA GLU A 265 17.55 -38.37 22.69
C GLU A 265 16.20 -38.94 23.12
N THR A 266 15.09 -38.51 22.48
CA THR A 266 13.76 -38.95 22.90
C THR A 266 12.78 -39.26 21.77
N ILE A 267 12.82 -38.49 20.68
CA ILE A 267 11.72 -38.56 19.71
C ILE A 267 11.71 -39.90 18.98
N TRP A 268 12.90 -40.42 18.64
CA TRP A 268 13.00 -41.68 17.92
C TRP A 268 12.25 -42.81 18.64
N LYS A 269 12.45 -42.93 19.95
CA LYS A 269 11.72 -43.94 20.71
C LYS A 269 10.35 -43.44 21.18
N GLY A 270 10.19 -42.13 21.35
CA GLY A 270 8.93 -41.61 21.87
C GLY A 270 7.74 -41.80 20.94
N VAL A 271 7.97 -41.73 19.63
CA VAL A 271 6.87 -41.85 18.66
C VAL A 271 6.20 -43.23 18.75
N PRO A 272 6.93 -44.34 18.59
CA PRO A 272 6.24 -45.64 18.71
C PRO A 272 5.66 -45.88 20.09
N LYS A 273 6.30 -45.37 21.14
CA LYS A 273 5.73 -45.48 22.47
C LYS A 273 4.37 -44.79 22.53
N PHE A 274 4.28 -43.57 22.01
CA PHE A 274 2.98 -42.89 22.04
C PHE A 274 1.97 -43.56 21.12
N LEU A 275 2.40 -44.00 19.92
CA LEU A 275 1.45 -44.70 19.02
C LEU A 275 0.91 -45.97 19.66
N ARG A 276 1.75 -46.67 20.44
CA ARG A 276 1.24 -47.84 21.14
C ARG A 276 0.19 -47.44 22.17
N ARG A 277 0.35 -46.29 22.82
CA ARG A 277 -0.69 -45.80 23.73
C ARG A 277 -1.98 -45.52 22.97
N VAL A 278 -1.90 -44.96 21.76
CA VAL A 278 -3.09 -44.77 20.96
C VAL A 278 -3.79 -46.11 20.74
N ASP A 279 -3.01 -47.16 20.43
CA ASP A 279 -3.60 -48.50 20.26
C ASP A 279 -4.33 -48.91 21.53
N THR A 280 -3.69 -48.73 22.69
CA THR A 280 -4.32 -49.12 23.95
C THR A 280 -5.60 -48.35 24.19
N ALA A 281 -5.57 -47.03 23.96
CA ALA A 281 -6.77 -46.21 24.11
C ALA A 281 -7.88 -46.69 23.18
N LEU A 282 -7.50 -47.10 21.96
CA LEU A 282 -8.50 -47.57 21.01
C LEU A 282 -9.17 -48.84 21.52
N LYS A 283 -8.36 -49.81 21.98
CA LYS A 283 -8.92 -51.02 22.58
C LYS A 283 -9.92 -50.67 23.67
N ASN A 284 -9.61 -49.68 24.48
CA ASN A 284 -10.44 -49.37 25.63
C ASN A 284 -11.73 -48.64 25.27
N ILE A 285 -11.93 -48.25 24.01
CA ILE A 285 -13.24 -47.73 23.57
C ILE A 285 -13.91 -48.68 22.60
N GLY A 286 -13.36 -49.88 22.39
CA GLY A 286 -14.04 -50.87 21.59
C GLY A 286 -13.48 -51.10 20.20
N ILE A 287 -12.39 -50.44 19.85
CA ILE A 287 -11.76 -50.60 18.54
C ILE A 287 -10.60 -51.56 18.71
N ASP A 288 -10.68 -52.72 18.06
CA ASP A 288 -9.64 -53.73 18.24
C ASP A 288 -8.50 -53.61 17.24
N GLU A 289 -8.63 -52.78 16.23
CA GLU A 289 -7.53 -52.53 15.31
C GLU A 289 -6.50 -51.61 15.94
N ARG A 290 -5.24 -51.82 15.57
CA ARG A 290 -4.22 -50.81 15.86
C ARG A 290 -4.28 -49.70 14.81
N VAL A 291 -3.72 -48.55 15.15
CA VAL A 291 -3.51 -47.57 14.09
C VAL A 291 -2.63 -48.22 13.02
N PRO A 292 -3.05 -48.23 11.75
CA PRO A 292 -2.19 -48.77 10.69
C PRO A 292 -0.79 -48.17 10.78
N TYR A 293 0.22 -49.03 10.66
CA TYR A 293 1.57 -48.58 10.98
C TYR A 293 2.12 -47.59 9.96
N ASN A 294 1.53 -47.51 8.78
CA ASN A 294 1.99 -46.54 7.79
C ASN A 294 1.13 -45.28 7.76
N ALA A 295 0.17 -45.14 8.65
CA ALA A 295 -0.58 -43.89 8.72
C ALA A 295 0.32 -42.77 9.25
N PRO A 296 0.43 -41.63 8.53
CA PRO A 296 1.34 -40.55 8.99
C PRO A 296 0.71 -39.66 10.07
N LEU A 297 0.39 -40.26 11.22
CA LEU A 297 -0.18 -39.49 12.33
C LEU A 297 0.78 -38.42 12.83
N ILE A 298 2.07 -38.72 12.88
CA ILE A 298 3.12 -37.82 13.35
C ILE A 298 4.12 -37.66 12.22
N GLN A 299 4.47 -36.42 11.91
CA GLN A 299 5.48 -36.08 10.92
C GLN A 299 6.35 -34.95 11.48
N PHE A 300 7.61 -34.90 11.05
CA PHE A 300 8.50 -33.82 11.47
C PHE A 300 9.08 -33.12 10.26
N SER A 301 9.18 -31.80 10.38
CA SER A 301 9.76 -30.98 9.35
C SER A 301 10.84 -30.13 9.99
N SER A 302 11.51 -29.34 9.16
CA SER A 302 12.60 -28.53 9.66
C SER A 302 12.82 -27.35 8.74
N TRP A 303 13.24 -26.23 9.32
CA TRP A 303 13.70 -25.04 8.59
C TRP A 303 15.22 -24.92 8.58
N MET A 304 15.92 -25.82 9.26
CA MET A 304 17.33 -25.63 9.57
C MET A 304 18.16 -25.94 8.34
N GLY A 305 18.71 -24.89 7.72
CA GLY A 305 19.37 -25.02 6.44
C GLY A 305 18.46 -24.82 5.23
N GLY A 306 17.18 -24.51 5.44
CA GLY A 306 16.29 -24.22 4.32
C GLY A 306 15.80 -22.79 4.29
N ASP A 307 15.64 -22.20 5.47
CA ASP A 307 15.18 -20.81 5.56
C ASP A 307 16.32 -19.88 5.18
N ARG A 308 16.19 -19.21 4.03
CA ARG A 308 17.12 -18.17 3.56
C ARG A 308 16.61 -16.77 3.78
N ASP A 309 15.39 -16.62 4.29
CA ASP A 309 14.79 -15.29 4.37
C ASP A 309 15.67 -14.40 5.25
N GLY A 310 16.32 -13.42 4.63
CA GLY A 310 17.15 -12.50 5.38
C GLY A 310 18.35 -13.17 6.01
N ASN A 311 18.96 -14.12 5.33
CA ASN A 311 20.08 -14.89 5.87
C ASN A 311 20.93 -15.42 4.73
N PRO A 312 21.86 -14.60 4.24
CA PRO A 312 22.70 -15.03 3.10
C PRO A 312 23.64 -16.18 3.43
N ARG A 313 23.86 -16.50 4.71
CA ARG A 313 24.69 -17.64 5.03
C ARG A 313 24.03 -18.97 4.67
N VAL A 314 22.70 -19.00 4.58
CA VAL A 314 22.02 -20.20 4.09
C VAL A 314 22.12 -20.16 2.56
N THR A 315 23.04 -20.95 2.03
CA THR A 315 23.37 -21.01 0.62
C THR A 315 22.81 -22.30 0.00
N PRO A 316 22.80 -22.39 -1.33
CA PRO A 316 22.42 -23.67 -1.96
C PRO A 316 23.22 -24.86 -1.44
N GLU A 317 24.49 -24.62 -1.10
CA GLU A 317 25.37 -25.69 -0.63
C GLU A 317 25.02 -26.10 0.79
N VAL A 318 24.64 -25.12 1.62
CA VAL A 318 24.11 -25.43 2.95
C VAL A 318 22.89 -26.33 2.86
N THR A 319 21.97 -26.02 1.94
CA THR A 319 20.75 -26.82 1.79
C THR A 319 21.10 -28.24 1.35
N ARG A 320 21.96 -28.39 0.34
CA ARG A 320 22.42 -29.72 -0.03
C ARG A 320 23.00 -30.45 1.18
N ASP A 321 23.81 -29.76 1.98
CA ASP A 321 24.46 -30.38 3.13
C ASP A 321 23.43 -30.92 4.13
N VAL A 322 22.46 -30.10 4.53
CA VAL A 322 21.54 -30.53 5.58
C VAL A 322 20.61 -31.64 5.06
N CYS A 323 20.35 -31.67 3.76
CA CYS A 323 19.59 -32.80 3.22
C CYS A 323 20.40 -34.10 3.33
N LEU A 324 21.70 -34.05 3.02
CA LEU A 324 22.53 -35.24 3.12
C LEU A 324 22.78 -35.61 4.58
N LEU A 325 23.00 -34.62 5.44
CA LEU A 325 23.16 -34.89 6.88
C LEU A 325 21.92 -35.58 7.43
N ALA A 326 20.73 -35.10 7.07
CA ALA A 326 19.50 -35.69 7.58
C ALA A 326 19.36 -37.15 7.13
N ARG A 327 19.69 -37.44 5.87
CA ARG A 327 19.55 -38.81 5.38
C ARG A 327 20.62 -39.71 6.00
N MET A 328 21.79 -39.16 6.27
CA MET A 328 22.81 -39.89 7.00
C MET A 328 22.36 -40.23 8.42
N MET A 329 21.83 -39.23 9.13
CA MET A 329 21.36 -39.45 10.49
C MET A 329 20.26 -40.49 10.53
N ALA A 330 19.33 -40.41 9.59
CA ALA A 330 18.23 -41.38 9.56
C ALA A 330 18.75 -42.79 9.34
N ALA A 331 19.62 -42.97 8.32
CA ALA A 331 20.13 -44.31 8.02
C ALA A 331 20.90 -44.87 9.21
N ASN A 332 21.68 -44.01 9.88
CA ASN A 332 22.42 -44.43 11.07
C ASN A 332 21.48 -44.89 12.19
N LEU A 333 20.37 -44.17 12.38
CA LEU A 333 19.42 -44.58 13.42
C LEU A 333 18.78 -45.93 13.09
N TYR A 334 18.37 -46.15 11.84
CA TYR A 334 17.85 -47.47 11.49
C TYR A 334 18.96 -48.53 11.62
N TYR A 335 20.18 -48.19 11.22
CA TYR A 335 21.25 -49.19 11.21
C TYR A 335 21.61 -49.61 12.63
N ASN A 336 21.58 -48.68 13.58
CA ASN A 336 21.88 -48.99 14.97
C ASN A 336 20.71 -49.66 15.69
N GLN A 337 19.63 -49.94 14.98
CA GLN A 337 18.46 -50.58 15.53
C GLN A 337 18.16 -51.93 14.91
N ILE A 338 18.58 -52.16 13.65
CA ILE A 338 18.13 -53.34 12.91
C ILE A 338 18.69 -54.62 13.51
N GLU A 339 19.89 -54.56 14.11
CA GLU A 339 20.45 -55.78 14.69
C GLU A 339 19.64 -56.24 15.90
N ASN A 340 19.05 -55.30 16.64
CA ASN A 340 18.16 -55.70 17.72
C ASN A 340 16.97 -56.48 17.19
N LEU A 341 16.44 -56.07 16.04
CA LEU A 341 15.36 -56.84 15.41
C LEU A 341 15.86 -58.21 14.97
N MET A 342 17.06 -58.26 14.39
CA MET A 342 17.63 -59.55 14.01
C MET A 342 17.79 -60.45 15.23
N PHE A 343 18.38 -59.94 16.33
CA PHE A 343 18.61 -60.79 17.49
C PHE A 343 17.31 -61.39 17.97
N GLU A 344 16.26 -60.57 17.98
CA GLU A 344 15.01 -60.95 18.60
C GLU A 344 14.23 -61.92 17.72
N LEU A 345 14.23 -61.72 16.40
CA LEU A 345 13.43 -62.52 15.49
C LEU A 345 14.21 -63.77 15.08
N SER A 346 14.40 -64.65 16.06
CA SER A 346 15.10 -65.92 15.86
C SER A 346 14.17 -67.03 15.38
N MET A 347 12.87 -66.75 15.27
CA MET A 347 11.86 -67.71 14.82
C MET A 347 12.30 -68.50 13.60
N TRP A 348 11.85 -69.75 13.50
CA TRP A 348 12.07 -70.55 12.31
C TRP A 348 10.80 -70.73 11.49
N ARG A 349 9.62 -70.64 12.10
CA ARG A 349 8.36 -70.74 11.37
C ARG A 349 8.14 -69.50 10.50
N CYS A 350 7.84 -69.72 9.22
CA CYS A 350 7.47 -68.64 8.32
C CYS A 350 6.62 -69.20 7.18
N THR A 351 6.04 -68.28 6.41
CA THR A 351 5.19 -68.64 5.29
C THR A 351 6.02 -69.17 4.12
N ASP A 352 5.32 -69.80 3.18
CA ASP A 352 5.99 -70.24 1.94
C ASP A 352 6.58 -69.04 1.21
N GLU A 353 5.83 -67.94 1.12
CA GLU A 353 6.36 -66.72 0.52
C GLU A 353 7.64 -66.28 1.21
N PHE A 354 7.65 -66.31 2.56
CA PHE A 354 8.83 -65.85 3.27
C PHE A 354 10.01 -66.77 3.04
N ARG A 355 9.78 -68.10 3.10
CA ARG A 355 10.83 -69.06 2.82
C ARG A 355 11.40 -68.87 1.43
N VAL A 356 10.52 -68.74 0.43
CA VAL A 356 11.00 -68.44 -0.90
C VAL A 356 11.96 -67.26 -0.85
N ARG A 357 11.50 -66.12 -0.31
CA ARG A 357 12.32 -64.91 -0.25
C ARG A 357 13.63 -65.10 0.52
N ALA A 358 13.64 -65.95 1.56
CA ALA A 358 14.87 -66.14 2.32
C ALA A 358 15.77 -67.19 1.67
N ASP A 359 15.18 -68.17 0.98
CA ASP A 359 15.98 -69.11 0.20
C ASP A 359 16.75 -68.40 -0.89
N GLU A 360 16.06 -67.65 -1.76
CA GLU A 360 16.80 -66.63 -2.51
C GLU A 360 17.31 -65.65 -1.46
N LEU A 361 18.38 -64.95 -1.77
CA LEU A 361 19.26 -64.31 -0.80
C LEU A 361 20.20 -65.37 -0.23
N HIS A 362 20.11 -66.63 -0.68
CA HIS A 362 21.25 -67.54 -0.56
C HIS A 362 21.96 -67.62 -1.89
N ARG A 363 22.14 -66.43 -2.45
CA ARG A 363 23.36 -65.89 -3.01
C ARG A 363 22.95 -64.89 -4.07
N ASN A 364 22.67 -63.69 -3.60
CA ASN A 364 22.70 -62.47 -4.38
C ASN A 364 23.94 -61.75 -3.90
N ALA A 370 29.97 -60.85 9.02
CA ALA A 370 29.08 -60.51 7.91
C ALA A 370 29.45 -59.15 7.30
N LYS A 371 30.74 -58.99 6.95
CA LYS A 371 31.29 -57.74 6.45
C LYS A 371 31.18 -56.64 7.49
N HIS A 372 30.05 -55.92 7.53
CA HIS A 372 29.87 -54.78 8.41
C HIS A 372 28.72 -55.02 9.38
N TYR A 373 29.01 -54.83 10.67
CA TYR A 373 28.07 -55.15 11.72
C TYR A 373 28.48 -54.43 12.99
N ILE A 374 27.55 -54.34 13.94
CA ILE A 374 27.82 -53.70 15.22
C ILE A 374 28.07 -54.74 16.31
N GLU A 375 27.17 -55.69 16.48
CA GLU A 375 27.31 -56.82 17.38
C GLU A 375 27.08 -58.16 16.69
N PHE A 376 26.10 -58.24 15.80
CA PHE A 376 25.70 -59.48 15.16
C PHE A 376 26.73 -59.94 14.12
N TRP A 377 27.74 -60.70 14.57
CA TRP A 377 28.88 -61.05 13.72
C TRP A 377 28.71 -62.37 12.97
N LYS A 378 27.85 -63.26 13.45
CA LYS A 378 27.85 -64.62 12.95
C LYS A 378 27.25 -64.72 11.56
N THR A 379 27.70 -65.74 10.83
CA THR A 379 27.04 -66.12 9.58
C THR A 379 25.61 -66.55 9.88
N ILE A 380 24.66 -66.07 9.09
CA ILE A 380 23.24 -66.29 9.36
C ILE A 380 22.82 -67.59 8.69
N PRO A 381 22.34 -68.59 9.45
CA PRO A 381 21.90 -69.83 8.82
C PRO A 381 20.57 -69.65 8.14
N PRO A 382 20.27 -70.44 7.10
CA PRO A 382 18.94 -70.40 6.49
C PRO A 382 17.84 -70.88 7.42
N THR A 383 18.16 -71.53 8.54
CA THR A 383 17.13 -71.92 9.48
C THR A 383 16.61 -70.75 10.31
N GLU A 384 17.22 -69.58 10.17
CA GLU A 384 16.73 -68.34 10.77
C GLU A 384 16.27 -67.40 9.66
N PRO A 385 15.09 -67.63 9.07
CA PRO A 385 14.71 -66.87 7.87
C PRO A 385 14.57 -65.37 8.11
N TYR A 386 14.01 -64.96 9.26
CA TYR A 386 13.81 -63.54 9.49
C TYR A 386 15.16 -62.82 9.59
N ARG A 387 16.16 -63.47 10.19
CA ARG A 387 17.48 -62.87 10.23
C ARG A 387 18.10 -62.75 8.85
N VAL A 388 17.82 -63.69 7.94
CA VAL A 388 18.33 -63.57 6.58
C VAL A 388 17.76 -62.33 5.91
N ILE A 389 16.43 -62.18 5.98
CA ILE A 389 15.78 -61.00 5.41
C ILE A 389 16.29 -59.73 6.08
N LEU A 390 16.31 -59.72 7.42
CA LEU A 390 16.70 -58.50 8.11
C LEU A 390 18.19 -58.22 7.96
N GLY A 391 19.00 -59.27 7.82
CA GLY A 391 20.43 -59.05 7.59
C GLY A 391 20.69 -58.35 6.27
N ASP A 392 19.91 -58.67 5.25
CA ASP A 392 20.04 -57.95 3.98
C ASP A 392 19.61 -56.49 4.13
N VAL A 393 18.57 -56.22 4.93
CA VAL A 393 18.21 -54.84 5.21
C VAL A 393 19.35 -54.12 5.91
N ARG A 394 20.00 -54.81 6.86
CA ARG A 394 21.13 -54.19 7.56
C ARG A 394 22.22 -53.79 6.58
N ASP A 395 22.56 -54.68 5.63
CA ASP A 395 23.57 -54.35 4.64
C ASP A 395 23.17 -53.12 3.82
N LYS A 396 21.91 -53.06 3.35
CA LYS A 396 21.45 -51.89 2.60
C LYS A 396 21.53 -50.61 3.44
N LEU A 397 21.19 -50.71 4.73
CA LEU A 397 21.25 -49.54 5.61
C LEU A 397 22.69 -49.08 5.81
N TYR A 398 23.62 -50.01 5.99
CA TYR A 398 25.03 -49.62 6.10
C TYR A 398 25.46 -48.86 4.87
N HIS A 399 25.20 -49.41 3.68
CA HIS A 399 25.58 -48.76 2.43
C HIS A 399 24.84 -47.44 2.24
N THR A 400 23.56 -47.38 2.62
CA THR A 400 22.85 -46.12 2.57
C THR A 400 23.54 -45.07 3.44
N ARG A 401 23.91 -45.47 4.66
CA ARG A 401 24.54 -44.53 5.57
C ARG A 401 25.86 -44.04 5.01
N GLU A 402 26.67 -44.96 4.49
CA GLU A 402 28.02 -44.61 4.07
C GLU A 402 28.02 -43.83 2.76
N ARG A 403 27.13 -44.18 1.83
CA ARG A 403 26.98 -43.38 0.61
C ARG A 403 26.65 -41.93 0.93
N SER A 404 25.70 -41.71 1.85
CA SER A 404 25.35 -40.35 2.25
C SER A 404 26.52 -39.65 2.93
N ARG A 405 27.28 -40.38 3.75
CA ARG A 405 28.43 -39.78 4.42
C ARG A 405 29.48 -39.35 3.41
N GLN A 406 29.71 -40.16 2.39
CA GLN A 406 30.70 -39.82 1.36
C GLN A 406 30.20 -38.68 0.49
N LEU A 407 28.97 -38.78 -0.02
CA LEU A 407 28.43 -37.72 -0.86
C LEU A 407 28.45 -36.39 -0.13
N LEU A 408 28.22 -36.41 1.18
CA LEU A 408 28.25 -35.19 1.97
C LEU A 408 29.68 -34.68 2.14
N SER A 409 30.60 -35.58 2.49
CA SER A 409 31.96 -35.17 2.86
C SER A 409 32.80 -34.81 1.64
N ASN A 410 32.80 -35.66 0.60
CA ASN A 410 33.70 -35.47 -0.54
C ASN A 410 32.93 -35.44 -1.87
N GLY A 411 31.67 -35.03 -1.84
CA GLY A 411 30.89 -34.86 -3.07
C GLY A 411 30.71 -36.07 -3.97
N ILE A 412 31.53 -37.11 -3.76
CA ILE A 412 31.61 -38.27 -4.64
C ILE A 412 31.40 -39.54 -3.81
N SER A 413 30.82 -40.56 -4.43
CA SER A 413 30.68 -41.86 -3.77
C SER A 413 30.92 -43.01 -4.75
N ASP A 414 31.68 -43.99 -4.28
CA ASP A 414 31.87 -45.26 -4.97
C ASP A 414 30.75 -46.25 -4.74
N ILE A 415 29.75 -45.91 -3.92
CA ILE A 415 28.67 -46.83 -3.59
C ILE A 415 27.52 -46.60 -4.55
N PRO A 416 27.17 -47.58 -5.37
CA PRO A 416 26.06 -47.39 -6.30
C PRO A 416 24.72 -47.27 -5.58
N GLU A 417 23.82 -46.48 -6.17
CA GLU A 417 22.51 -46.25 -5.57
C GLU A 417 21.75 -47.56 -5.37
N GLU A 418 21.99 -48.55 -6.23
CA GLU A 418 21.26 -49.80 -6.17
C GLU A 418 21.64 -50.64 -4.96
N ALA A 419 22.75 -50.32 -4.29
CA ALA A 419 23.12 -50.98 -3.06
C ALA A 419 22.49 -50.33 -1.83
N THR A 420 21.66 -49.30 -2.03
CA THR A 420 21.12 -48.50 -0.93
C THR A 420 19.61 -48.43 -1.04
N PHE A 421 19.01 -47.89 0.01
CA PHE A 421 17.60 -47.50 -0.01
C PHE A 421 17.53 -46.06 -0.49
N THR A 422 16.89 -45.84 -1.65
CA THR A 422 16.71 -44.50 -2.18
C THR A 422 15.29 -43.99 -2.03
N ASN A 423 14.33 -44.86 -1.77
CA ASN A 423 12.97 -44.46 -1.46
C ASN A 423 12.44 -45.39 -0.38
N VAL A 424 11.45 -44.90 0.36
CA VAL A 424 11.05 -45.56 1.60
C VAL A 424 10.29 -46.85 1.34
N GLU A 425 9.70 -46.95 0.14
CA GLU A 425 9.01 -48.15 -0.30
C GLU A 425 9.95 -49.35 -0.32
N GLN A 426 11.18 -49.16 -0.83
CA GLN A 426 12.18 -50.21 -0.82
C GLN A 426 12.47 -50.71 0.59
N PHE A 427 12.59 -49.77 1.53
CA PHE A 427 12.86 -50.10 2.92
C PHE A 427 11.68 -50.85 3.54
N LEU A 428 10.47 -50.32 3.35
CA LEU A 428 9.28 -50.91 3.98
C LEU A 428 8.97 -52.33 3.48
N GLU A 429 9.30 -52.63 2.23
CA GLU A 429 8.86 -53.90 1.65
C GLU A 429 9.33 -55.12 2.45
N PRO A 430 10.62 -55.31 2.72
CA PRO A 430 11.01 -56.52 3.49
C PRO A 430 10.49 -56.51 4.91
N LEU A 431 10.34 -55.33 5.52
CA LEU A 431 9.81 -55.24 6.87
C LEU A 431 8.36 -55.70 6.90
N GLU A 432 7.54 -55.22 5.94
CA GLU A 432 6.14 -55.65 5.89
C GLU A 432 6.02 -57.12 5.55
N LEU A 433 6.95 -57.66 4.74
CA LEU A 433 7.01 -59.10 4.52
C LEU A 433 7.19 -59.84 5.84
N CYS A 434 8.19 -59.43 6.64
CA CYS A 434 8.35 -60.01 7.97
C CYS A 434 7.06 -59.93 8.76
N TYR A 435 6.36 -58.80 8.68
CA TYR A 435 5.16 -58.60 9.49
C TYR A 435 4.08 -59.61 9.12
N ARG A 436 3.75 -59.71 7.81
CA ARG A 436 2.65 -60.59 7.43
C ARG A 436 3.02 -62.06 7.62
N SER A 437 4.27 -62.43 7.38
CA SER A 437 4.69 -63.79 7.64
C SER A 437 4.47 -64.17 9.10
N LEU A 438 4.93 -63.32 10.03
CA LEU A 438 4.77 -63.61 11.44
C LEU A 438 3.29 -63.75 11.81
N CYS A 439 2.46 -62.82 11.33
CA CYS A 439 1.03 -62.86 11.65
C CYS A 439 0.38 -64.11 11.07
N SER A 440 0.79 -64.52 9.86
CA SER A 440 0.21 -65.71 9.25
C SER A 440 0.57 -66.98 10.01
N CYS A 441 1.69 -66.98 10.74
CA CYS A 441 2.16 -68.18 11.44
C CYS A 441 1.77 -68.21 12.90
N GLY A 442 0.81 -67.39 13.31
CA GLY A 442 0.39 -67.34 14.70
C GLY A 442 1.21 -66.42 15.61
N ASP A 443 2.17 -65.69 15.07
CA ASP A 443 3.06 -64.83 15.87
C ASP A 443 2.73 -63.35 15.73
N SER A 444 1.46 -63.00 15.55
CA SER A 444 1.11 -61.58 15.49
C SER A 444 1.43 -60.84 16.79
N PRO A 445 1.30 -61.45 18.00
CA PRO A 445 1.83 -60.76 19.19
C PRO A 445 3.30 -60.37 19.04
N ILE A 446 4.13 -61.23 18.45
CA ILE A 446 5.53 -60.87 18.24
C ILE A 446 5.66 -59.77 17.18
N ALA A 447 4.87 -59.86 16.12
CA ALA A 447 4.95 -58.86 15.06
C ALA A 447 4.61 -57.48 15.61
N ASP A 448 3.67 -57.44 16.54
CA ASP A 448 3.19 -56.21 17.14
C ASP A 448 4.13 -55.69 18.22
N GLY A 449 5.32 -56.28 18.39
CA GLY A 449 6.29 -55.75 19.32
C GLY A 449 7.28 -54.84 18.62
N SER A 450 8.55 -55.25 18.62
CA SER A 450 9.61 -54.39 18.09
C SER A 450 9.43 -54.14 16.60
N LEU A 451 8.99 -55.15 15.85
CA LEU A 451 8.83 -54.97 14.42
C LEU A 451 7.82 -53.86 14.12
N LEU A 452 6.70 -53.86 14.84
CA LEU A 452 5.68 -52.82 14.66
C LEU A 452 6.24 -51.44 15.01
N ASP A 453 6.96 -51.33 16.14
CA ASP A 453 7.65 -50.09 16.46
C ASP A 453 8.53 -49.64 15.30
N PHE A 454 9.25 -50.59 14.69
CA PHE A 454 10.20 -50.23 13.63
C PHE A 454 9.47 -49.74 12.39
N LEU A 455 8.37 -50.42 12.02
CA LEU A 455 7.52 -49.98 10.91
C LEU A 455 6.97 -48.58 11.14
N ARG A 456 6.56 -48.29 12.37
CA ARG A 456 6.06 -46.95 12.66
C ARG A 456 7.17 -45.92 12.59
N GLN A 457 8.39 -46.29 12.99
CA GLN A 457 9.52 -45.37 12.85
C GLN A 457 9.79 -45.07 11.38
N VAL A 458 9.80 -46.11 10.55
CA VAL A 458 10.04 -45.88 9.12
C VAL A 458 8.96 -44.98 8.54
N SER A 459 7.70 -45.22 8.91
CA SER A 459 6.61 -44.42 8.38
C SER A 459 6.60 -43.01 8.93
N THR A 460 7.07 -42.81 10.15
CA THR A 460 7.13 -41.47 10.72
C THR A 460 8.30 -40.68 10.14
N PHE A 461 9.48 -41.29 10.13
CA PHE A 461 10.69 -40.56 9.85
C PHE A 461 11.17 -40.72 8.42
N GLY A 462 10.77 -41.78 7.72
CA GLY A 462 11.23 -41.92 6.34
C GLY A 462 12.76 -42.02 6.28
N LEU A 463 13.30 -41.75 5.11
CA LEU A 463 14.74 -41.79 4.90
C LEU A 463 15.46 -40.49 5.26
N SER A 464 14.75 -39.45 5.71
CA SER A 464 15.34 -38.15 5.99
C SER A 464 15.16 -37.65 7.42
N LEU A 465 14.41 -38.37 8.26
CA LEU A 465 13.98 -37.90 9.58
C LEU A 465 13.01 -36.72 9.48
N VAL A 466 13.41 -35.69 8.73
CA VAL A 466 12.60 -34.48 8.58
C VAL A 466 12.51 -34.10 7.11
N ARG A 467 11.39 -33.49 6.73
CA ARG A 467 11.30 -32.77 5.46
C ARG A 467 11.71 -31.33 5.67
N LEU A 468 12.52 -30.82 4.73
CA LEU A 468 13.09 -29.48 4.82
C LEU A 468 12.20 -28.48 4.07
N ASP A 469 11.71 -27.46 4.79
CA ASP A 469 11.10 -26.30 4.14
C ASP A 469 12.16 -25.37 3.58
N ILE A 470 11.88 -24.82 2.40
CA ILE A 470 12.69 -23.77 1.78
C ILE A 470 11.92 -22.47 1.92
N ARG A 471 12.57 -21.42 2.43
CA ARG A 471 11.85 -20.15 2.54
C ARG A 471 12.69 -19.03 1.95
N GLN A 472 12.02 -18.13 1.20
CA GLN A 472 12.66 -16.99 0.57
C GLN A 472 11.61 -15.89 0.37
N GLU A 473 12.07 -14.65 0.36
CA GLU A 473 11.22 -13.47 0.22
C GLU A 473 10.63 -13.36 -1.19
N SER A 474 9.38 -12.90 -1.26
CA SER A 474 8.72 -12.72 -2.55
C SER A 474 9.54 -11.83 -3.49
N GLU A 475 10.05 -10.70 -2.98
CA GLU A 475 10.77 -9.75 -3.85
C GLU A 475 11.97 -10.38 -4.53
N ARG A 476 12.60 -11.38 -3.90
CA ARG A 476 13.74 -12.06 -4.53
C ARG A 476 13.31 -12.83 -5.77
N HIS A 477 12.08 -13.37 -5.78
CA HIS A 477 11.59 -14.03 -6.98
C HIS A 477 11.22 -13.00 -8.05
N THR A 478 10.67 -11.85 -7.63
CA THR A 478 10.34 -10.78 -8.56
C THR A 478 11.60 -10.27 -9.27
N ASP A 479 12.71 -10.19 -8.53
CA ASP A 479 13.98 -9.78 -9.13
C ASP A 479 14.39 -10.71 -10.24
N VAL A 480 14.28 -12.02 -10.02
CA VAL A 480 14.62 -12.98 -11.05
C VAL A 480 13.77 -12.76 -12.29
N LEU A 481 12.45 -12.68 -12.11
CA LEU A 481 11.57 -12.55 -13.26
C LEU A 481 11.74 -11.20 -13.95
N ASP A 482 12.13 -10.17 -13.20
CA ASP A 482 12.41 -8.87 -13.81
C ASP A 482 13.65 -8.94 -14.71
N ALA A 483 14.73 -9.55 -14.23
CA ALA A 483 15.92 -9.68 -15.06
C ALA A 483 15.63 -10.48 -16.32
N ILE A 484 14.80 -11.51 -16.20
CA ILE A 484 14.47 -12.33 -17.36
C ILE A 484 13.69 -11.52 -18.39
N THR A 485 12.67 -10.79 -17.95
CA THR A 485 11.81 -10.06 -18.89
C THR A 485 12.51 -8.84 -19.44
N LYS A 486 13.33 -8.18 -18.62
CA LYS A 486 14.13 -7.05 -19.09
C LYS A 486 15.05 -7.48 -20.24
N HIS A 487 15.65 -8.67 -20.11
CA HIS A 487 16.45 -9.23 -21.18
C HIS A 487 15.65 -9.49 -22.46
N LEU A 488 14.32 -9.63 -22.36
CA LEU A 488 13.53 -9.77 -23.58
C LEU A 488 13.45 -8.49 -24.40
N ASP A 489 13.76 -7.33 -23.79
CA ASP A 489 13.82 -6.04 -24.49
C ASP A 489 12.49 -5.71 -25.18
N ILE A 490 11.43 -5.57 -24.37
CA ILE A 490 10.10 -5.32 -24.91
C ILE A 490 9.50 -4.03 -24.34
N GLY A 491 10.34 -3.13 -23.82
CA GLY A 491 9.89 -1.82 -23.38
C GLY A 491 9.55 -1.71 -21.90
N SER A 492 9.40 -2.85 -21.22
CA SER A 492 9.11 -2.88 -19.79
C SER A 492 9.44 -4.27 -19.28
N SER A 493 9.41 -4.43 -17.96
CA SER A 493 9.77 -5.70 -17.35
C SER A 493 8.83 -6.01 -16.20
N TYR A 494 8.97 -7.24 -15.69
CA TYR A 494 8.01 -7.80 -14.74
C TYR A 494 7.74 -6.87 -13.57
N ARG A 495 8.78 -6.26 -13.01
CA ARG A 495 8.60 -5.44 -11.82
C ARG A 495 7.67 -4.25 -12.09
N ASP A 496 7.66 -3.74 -13.33
CA ASP A 496 6.80 -2.60 -13.68
C ASP A 496 5.34 -3.00 -13.71
N TRP A 497 5.04 -4.26 -14.01
CA TRP A 497 3.69 -4.64 -14.34
C TRP A 497 2.80 -4.66 -13.11
N SER A 498 1.51 -4.40 -13.33
CA SER A 498 0.53 -4.50 -12.27
C SER A 498 0.38 -5.96 -11.85
N GLU A 499 -0.26 -6.17 -10.69
CA GLU A 499 -0.54 -7.54 -10.27
C GLU A 499 -1.29 -8.30 -11.35
N GLU A 500 -2.29 -7.66 -11.96
CA GLU A 500 -3.00 -8.33 -13.05
C GLU A 500 -2.09 -8.56 -14.26
N GLY A 501 -1.20 -7.61 -14.54
CA GLY A 501 -0.27 -7.79 -15.65
C GLY A 501 0.71 -8.93 -15.40
N ARG A 502 1.23 -9.02 -14.17
CA ARG A 502 2.10 -10.12 -13.81
C ARG A 502 1.39 -11.47 -13.96
N GLN A 503 0.17 -11.58 -13.42
CA GLN A 503 -0.57 -12.83 -13.56
C GLN A 503 -0.75 -13.20 -15.03
N GLU A 504 -1.06 -12.21 -15.86
CA GLU A 504 -1.26 -12.48 -17.28
C GLU A 504 0.01 -13.07 -17.90
N TRP A 505 1.17 -12.47 -17.61
CA TRP A 505 2.40 -13.00 -18.16
C TRP A 505 2.73 -14.38 -17.60
N LEU A 506 2.60 -14.54 -16.28
CA LEU A 506 2.88 -15.83 -15.65
C LEU A 506 1.99 -16.93 -16.22
N LEU A 507 0.69 -16.65 -16.40
CA LEU A 507 -0.20 -17.70 -16.87
C LEU A 507 0.08 -18.10 -18.32
N ALA A 508 0.52 -17.15 -19.16
CA ALA A 508 0.87 -17.48 -20.54
C ALA A 508 2.13 -18.36 -20.58
N GLU A 509 3.13 -18.02 -19.77
CA GLU A 509 4.29 -18.89 -19.58
C GLU A 509 3.88 -20.28 -19.08
N LEU A 510 3.06 -20.33 -18.04
CA LEU A 510 2.69 -21.61 -17.47
C LEU A 510 1.83 -22.43 -18.43
N SER A 511 0.95 -21.76 -19.19
CA SER A 511 0.12 -22.46 -20.17
C SER A 511 0.93 -22.95 -21.35
N GLY A 512 2.13 -22.42 -21.57
CA GLY A 512 2.88 -22.69 -22.77
C GLY A 512 4.01 -23.69 -22.57
N LYS A 513 4.64 -24.04 -23.69
CA LYS A 513 5.74 -25.02 -23.73
C LYS A 513 7.10 -24.36 -23.83
N ARG A 514 7.15 -23.05 -24.03
CA ARG A 514 8.41 -22.38 -24.35
C ARG A 514 9.31 -22.32 -23.12
N PRO A 515 10.57 -22.72 -23.21
CA PRO A 515 11.48 -22.55 -22.07
C PRO A 515 11.61 -21.09 -21.70
N LEU A 516 11.79 -20.85 -20.41
CA LEU A 516 12.02 -19.51 -19.90
C LEU A 516 13.50 -19.14 -19.91
N PHE A 517 14.38 -20.14 -19.84
CA PHE A 517 15.78 -19.89 -19.53
C PHE A 517 16.70 -20.13 -20.73
N GLY A 518 17.94 -19.78 -20.46
CA GLY A 518 19.09 -19.98 -21.30
C GLY A 518 20.23 -19.33 -20.55
N PRO A 519 21.48 -19.77 -20.78
CA PRO A 519 22.62 -19.13 -20.09
C PRO A 519 22.81 -17.68 -20.53
N ASP A 520 22.00 -17.25 -21.50
CA ASP A 520 21.92 -15.87 -22.00
C ASP A 520 21.27 -14.93 -20.99
N LEU A 521 21.62 -15.01 -19.72
CA LEU A 521 20.93 -14.19 -18.74
C LEU A 521 21.92 -13.53 -17.79
N PRO A 522 22.02 -12.20 -17.81
CA PRO A 522 22.87 -11.52 -16.83
C PRO A 522 22.30 -11.70 -15.42
N LYS A 523 23.14 -12.20 -14.51
CA LYS A 523 22.68 -12.57 -13.18
C LYS A 523 23.50 -11.85 -12.12
N THR A 524 22.82 -11.23 -11.19
CA THR A 524 23.47 -10.79 -9.96
C THR A 524 23.78 -11.98 -9.07
N GLU A 525 24.54 -11.70 -8.01
CA GLU A 525 24.78 -12.68 -6.96
C GLU A 525 23.47 -13.23 -6.41
N GLU A 526 22.57 -12.32 -6.00
CA GLU A 526 21.31 -12.73 -5.38
C GLU A 526 20.46 -13.56 -6.34
N ILE A 527 20.45 -13.20 -7.62
CA ILE A 527 19.65 -13.91 -8.62
C ILE A 527 20.19 -15.32 -8.85
N SER A 528 21.52 -15.47 -8.89
CA SER A 528 22.12 -16.80 -9.00
C SER A 528 21.81 -17.65 -7.77
N ASP A 529 21.81 -17.02 -6.60
CA ASP A 529 21.45 -17.73 -5.38
C ASP A 529 20.04 -18.33 -5.47
N VAL A 530 19.06 -17.55 -5.94
CA VAL A 530 17.70 -18.05 -6.09
C VAL A 530 17.67 -19.22 -7.06
N LEU A 531 18.29 -19.06 -8.22
CA LEU A 531 18.23 -20.11 -9.24
C LEU A 531 19.04 -21.35 -8.82
N ASP A 532 20.17 -21.15 -8.15
CA ASP A 532 20.96 -22.28 -7.69
C ASP A 532 20.24 -23.03 -6.58
N THR A 533 19.49 -22.31 -5.73
CA THR A 533 18.64 -22.98 -4.74
C THR A 533 17.69 -23.95 -5.44
N PHE A 534 17.01 -23.49 -6.50
CA PHE A 534 16.11 -24.39 -7.23
C PHE A 534 16.88 -25.53 -7.89
N LYS A 535 18.09 -25.24 -8.36
CA LYS A 535 18.90 -26.30 -8.96
C LYS A 535 19.18 -27.40 -7.95
N VAL A 536 19.68 -27.03 -6.77
CA VAL A 536 19.92 -27.98 -5.69
C VAL A 536 18.67 -28.79 -5.40
N ILE A 537 17.52 -28.13 -5.30
CA ILE A 537 16.27 -28.83 -5.07
C ILE A 537 16.03 -29.88 -6.15
N SER A 538 16.28 -29.49 -7.42
CA SER A 538 16.00 -30.37 -8.56
C SER A 538 16.87 -31.62 -8.55
N GLU A 539 18.00 -31.60 -7.87
CA GLU A 539 18.97 -32.70 -7.90
C GLU A 539 18.84 -33.66 -6.73
N LEU A 540 17.98 -33.36 -5.76
CA LEU A 540 17.88 -34.14 -4.54
C LEU A 540 16.56 -34.89 -4.50
N PRO A 541 16.49 -35.98 -3.74
CA PRO A 541 15.23 -36.74 -3.67
C PRO A 541 14.10 -35.87 -3.15
N SER A 542 12.90 -36.08 -3.69
CA SER A 542 11.78 -35.22 -3.32
C SER A 542 11.35 -35.46 -1.87
N ASP A 543 11.65 -36.64 -1.31
CA ASP A 543 11.40 -36.92 0.11
C ASP A 543 12.19 -35.98 1.04
N CYS A 544 13.24 -35.32 0.53
CA CYS A 544 14.00 -34.39 1.35
C CYS A 544 13.23 -33.12 1.72
N PHE A 545 12.23 -32.75 0.95
CA PHE A 545 11.69 -31.40 1.04
C PHE A 545 10.23 -31.39 1.45
N GLY A 546 9.83 -30.28 2.07
CA GLY A 546 8.45 -30.01 2.35
C GLY A 546 7.93 -28.85 1.52
N ALA A 547 7.68 -27.74 2.18
CA ALA A 547 7.00 -26.61 1.57
C ALA A 547 8.02 -25.61 1.06
N TYR A 548 7.71 -24.96 -0.06
CA TYR A 548 8.42 -23.75 -0.44
C TYR A 548 7.62 -22.58 0.10
N ILE A 549 8.16 -21.92 1.11
CA ILE A 549 7.48 -20.84 1.82
C ILE A 549 7.90 -19.50 1.23
N ILE A 550 6.93 -18.64 0.95
CA ILE A 550 7.22 -17.32 0.41
C ILE A 550 6.98 -16.31 1.52
N SER A 551 8.07 -15.74 2.04
CA SER A 551 7.98 -14.65 3.00
C SER A 551 7.46 -13.38 2.33
N MET A 552 6.82 -12.54 3.13
CA MET A 552 6.26 -11.26 2.67
C MET A 552 5.37 -11.47 1.45
N ALA A 553 4.66 -12.59 1.40
CA ALA A 553 3.73 -12.83 0.30
C ALA A 553 2.53 -11.89 0.44
N THR A 554 2.01 -11.44 -0.72
CA THR A 554 0.79 -10.64 -0.75
C THR A 554 -0.21 -11.13 -1.79
N SER A 555 0.26 -11.71 -2.90
CA SER A 555 -0.51 -11.72 -4.13
C SER A 555 -0.41 -13.06 -4.84
N PRO A 556 -1.40 -13.39 -5.67
CA PRO A 556 -1.32 -14.63 -6.46
C PRO A 556 -0.04 -14.72 -7.29
N SER A 557 0.44 -13.61 -7.87
CA SER A 557 1.65 -13.66 -8.68
C SER A 557 2.86 -14.14 -7.88
N ASP A 558 2.90 -13.81 -6.58
CA ASP A 558 3.98 -14.32 -5.72
C ASP A 558 4.04 -15.84 -5.76
N VAL A 559 2.89 -16.50 -5.68
CA VAL A 559 2.86 -17.96 -5.70
C VAL A 559 3.12 -18.49 -7.11
N LEU A 560 2.48 -17.89 -8.13
CA LEU A 560 2.71 -18.34 -9.50
C LEU A 560 4.17 -18.14 -9.92
N ALA A 561 4.81 -17.07 -9.44
CA ALA A 561 6.20 -16.84 -9.78
C ALA A 561 7.08 -18.01 -9.36
N VAL A 562 6.87 -18.50 -8.13
CA VAL A 562 7.64 -19.65 -7.66
C VAL A 562 7.27 -20.90 -8.44
N GLU A 563 5.98 -21.10 -8.72
CA GLU A 563 5.59 -22.27 -9.50
C GLU A 563 6.29 -22.28 -10.85
N LEU A 564 6.40 -21.12 -11.51
CA LEU A 564 7.08 -21.02 -12.80
C LEU A 564 8.55 -21.31 -12.66
N LEU A 565 9.20 -20.69 -11.68
CA LEU A 565 10.63 -20.87 -11.50
C LEU A 565 10.97 -22.31 -11.14
N GLN A 566 10.13 -22.99 -10.36
CA GLN A 566 10.36 -24.40 -10.05
C GLN A 566 10.37 -25.23 -11.33
N ARG A 567 9.34 -25.05 -12.16
CA ARG A 567 9.24 -25.82 -13.39
C ARG A 567 10.42 -25.54 -14.32
N GLU A 568 10.78 -24.26 -14.47
CA GLU A 568 11.81 -23.89 -15.42
C GLU A 568 13.21 -24.21 -14.93
N CYS A 569 13.40 -24.42 -13.63
CA CYS A 569 14.65 -24.95 -13.11
C CYS A 569 14.64 -26.47 -13.01
N HIS A 570 13.60 -27.11 -13.56
CA HIS A 570 13.53 -28.57 -13.75
C HIS A 570 13.36 -29.32 -12.43
N VAL A 571 12.63 -28.74 -11.50
CA VAL A 571 12.22 -29.49 -10.31
C VAL A 571 11.11 -30.43 -10.76
N LYS A 572 11.42 -31.71 -10.88
CA LYS A 572 10.48 -32.64 -11.48
C LYS A 572 9.25 -32.85 -10.60
N ASN A 573 9.43 -32.82 -9.26
CA ASN A 573 8.33 -32.90 -8.30
C ASN A 573 8.30 -31.59 -7.52
N PRO A 574 7.59 -30.57 -8.01
CA PRO A 574 7.67 -29.25 -7.38
C PRO A 574 7.15 -29.26 -5.95
N LEU A 575 7.80 -28.49 -5.10
CA LEU A 575 7.35 -28.36 -3.73
C LEU A 575 6.01 -27.63 -3.73
N ARG A 576 5.17 -27.99 -2.76
CA ARG A 576 3.95 -27.21 -2.56
C ARG A 576 4.38 -25.80 -2.18
N VAL A 577 3.63 -24.81 -2.66
CA VAL A 577 4.01 -23.42 -2.44
C VAL A 577 3.09 -22.81 -1.40
N VAL A 578 3.69 -22.13 -0.42
CA VAL A 578 3.02 -21.72 0.82
C VAL A 578 3.24 -20.23 1.02
N PRO A 579 2.26 -19.38 0.77
CA PRO A 579 2.44 -17.95 1.07
C PRO A 579 2.41 -17.72 2.58
N LEU A 580 3.31 -16.88 3.05
CA LEU A 580 3.29 -16.37 4.42
C LEU A 580 2.85 -14.92 4.36
N PHE A 581 1.60 -14.64 4.79
CA PHE A 581 1.06 -13.29 4.83
C PHE A 581 1.37 -12.68 6.19
N GLU A 582 2.12 -11.58 6.21
CA GLU A 582 2.72 -11.05 7.42
C GLU A 582 2.01 -9.81 7.96
N LYS A 583 1.93 -8.74 7.18
CA LYS A 583 1.31 -7.52 7.67
C LYS A 583 -0.20 -7.67 7.77
N LEU A 584 -0.80 -6.84 8.62
CA LEU A 584 -2.25 -6.87 8.80
C LEU A 584 -2.98 -6.69 7.47
N ALA A 585 -2.53 -5.73 6.65
CA ALA A 585 -3.17 -5.50 5.37
C ALA A 585 -2.99 -6.71 4.44
N ASP A 586 -1.85 -7.40 4.54
CA ASP A 586 -1.65 -8.61 3.75
C ASP A 586 -2.60 -9.73 4.17
N LEU A 587 -2.81 -9.88 5.48
CA LEU A 587 -3.79 -10.86 5.99
C LEU A 587 -5.19 -10.51 5.50
N GLU A 588 -5.56 -9.24 5.55
CA GLU A 588 -6.90 -8.86 5.13
C GLU A 588 -7.13 -9.24 3.67
N ALA A 589 -6.08 -9.15 2.84
CA ALA A 589 -6.17 -9.47 1.43
C ALA A 589 -5.89 -10.93 1.13
N ALA A 590 -5.45 -11.70 2.13
CA ALA A 590 -5.09 -13.10 1.88
C ALA A 590 -6.26 -13.92 1.34
N PRO A 591 -7.48 -13.85 1.89
CA PRO A 591 -8.54 -14.73 1.36
C PRO A 591 -8.84 -14.48 -0.12
N ALA A 592 -8.92 -13.22 -0.56
CA ALA A 592 -9.16 -12.99 -1.98
C ALA A 592 -7.98 -13.46 -2.84
N ALA A 593 -6.74 -13.35 -2.32
CA ALA A 593 -5.59 -13.83 -3.08
C ALA A 593 -5.64 -15.34 -3.26
N VAL A 594 -5.99 -16.06 -2.20
CA VAL A 594 -6.08 -17.50 -2.25
C VAL A 594 -7.25 -17.93 -3.15
N ALA A 595 -8.38 -17.22 -3.07
CA ALA A 595 -9.50 -17.52 -3.95
C ALA A 595 -9.12 -17.35 -5.42
N ARG A 596 -8.39 -16.28 -5.74
CA ARG A 596 -7.92 -16.11 -7.12
C ARG A 596 -7.04 -17.26 -7.57
N LEU A 597 -6.09 -17.68 -6.72
CA LEU A 597 -5.26 -18.82 -7.07
C LEU A 597 -6.10 -20.06 -7.35
N PHE A 598 -7.07 -20.34 -6.47
CA PHE A 598 -7.90 -21.53 -6.64
C PHE A 598 -8.74 -21.44 -7.91
N SER A 599 -9.07 -20.24 -8.36
CA SER A 599 -9.88 -20.07 -9.56
C SER A 599 -9.06 -20.22 -10.84
N ILE A 600 -7.74 -20.29 -10.73
CA ILE A 600 -6.85 -20.40 -11.88
C ILE A 600 -6.65 -21.88 -12.19
N ASP A 601 -7.12 -22.31 -13.37
CA ASP A 601 -7.13 -23.73 -13.77
C ASP A 601 -5.78 -24.40 -13.59
N TRP A 602 -4.70 -23.73 -14.04
CA TRP A 602 -3.38 -24.35 -13.98
C TRP A 602 -2.97 -24.62 -12.54
N TYR A 603 -3.22 -23.64 -11.66
CA TYR A 603 -2.87 -23.82 -10.25
C TYR A 603 -3.79 -24.84 -9.60
N LYS A 604 -5.09 -24.74 -9.84
CA LYS A 604 -6.04 -25.72 -9.33
C LYS A 604 -5.60 -27.14 -9.65
N ASN A 605 -5.27 -27.40 -10.92
CA ASN A 605 -4.78 -28.72 -11.29
C ASN A 605 -3.47 -29.06 -10.58
N ARG A 606 -2.57 -28.08 -10.48
CA ARG A 606 -1.26 -28.28 -9.87
C ARG A 606 -1.36 -28.78 -8.43
N ILE A 607 -2.27 -28.21 -7.63
CA ILE A 607 -2.23 -28.44 -6.19
C ILE A 607 -2.99 -29.68 -5.75
N ASN A 608 -3.81 -30.26 -6.61
CA ASN A 608 -4.43 -31.56 -6.36
C ASN A 608 -5.21 -31.56 -5.04
N GLY A 609 -6.06 -30.54 -4.88
CA GLY A 609 -6.99 -30.47 -3.77
C GLY A 609 -6.42 -30.09 -2.41
N LYS A 610 -5.16 -29.62 -2.34
CA LYS A 610 -4.51 -29.30 -1.08
C LYS A 610 -3.81 -27.94 -1.15
N GLN A 611 -3.89 -27.17 -0.06
CA GLN A 611 -3.15 -25.90 0.04
C GLN A 611 -2.74 -25.65 1.49
N GLU A 612 -1.49 -25.24 1.68
CA GLU A 612 -1.01 -24.77 2.97
C GLU A 612 -0.84 -23.25 2.91
N VAL A 613 -1.23 -22.57 3.99
CA VAL A 613 -1.03 -21.12 4.15
C VAL A 613 -0.35 -20.89 5.49
N MET A 614 0.68 -20.05 5.52
CA MET A 614 1.43 -19.82 6.75
C MET A 614 1.04 -18.50 7.37
N ILE A 615 0.88 -18.49 8.68
CA ILE A 615 0.71 -17.24 9.41
C ILE A 615 1.84 -17.12 10.42
N GLY A 616 2.22 -15.89 10.71
CA GLY A 616 3.30 -15.64 11.63
C GLY A 616 2.89 -14.64 12.69
N TYR A 617 2.63 -15.14 13.90
CA TYR A 617 2.12 -14.29 14.98
C TYR A 617 3.11 -13.18 15.33
N SER A 618 4.38 -13.52 15.57
CA SER A 618 5.34 -12.47 15.90
C SER A 618 5.45 -11.46 14.77
N ASP A 619 5.45 -11.95 13.52
CA ASP A 619 5.52 -11.07 12.35
C ASP A 619 4.36 -10.08 12.33
N SER A 620 3.14 -10.57 12.51
CA SER A 620 1.97 -9.69 12.42
C SER A 620 1.86 -8.79 13.64
N GLY A 621 2.27 -9.27 14.81
CA GLY A 621 2.29 -8.41 15.98
C GLY A 621 3.29 -7.28 15.87
N LYS A 622 4.36 -7.47 15.10
CA LYS A 622 5.32 -6.37 14.94
C LYS A 622 4.74 -5.27 14.08
N ASP A 623 3.86 -5.61 13.14
CA ASP A 623 3.24 -4.62 12.27
C ASP A 623 2.18 -3.82 13.02
N ALA A 624 1.35 -4.49 13.82
CA ALA A 624 0.11 -3.89 14.29
C ALA A 624 -0.14 -4.12 15.77
N GLY A 625 0.80 -4.71 16.50
CA GLY A 625 0.50 -5.04 17.88
C GLY A 625 -0.17 -6.38 18.02
N ARG A 626 0.07 -7.01 19.18
CA ARG A 626 -0.26 -8.43 19.37
C ARG A 626 -1.77 -8.66 19.43
N LEU A 627 -2.51 -7.82 20.14
CA LEU A 627 -3.96 -8.01 20.21
C LEU A 627 -4.60 -7.95 18.83
N SER A 628 -4.23 -6.95 18.02
CA SER A 628 -4.85 -6.82 16.71
C SER A 628 -4.40 -7.93 15.76
N ALA A 629 -3.12 -8.34 15.87
CA ALA A 629 -2.68 -9.49 15.07
C ALA A 629 -3.45 -10.74 15.46
N ALA A 630 -3.67 -10.95 16.76
CA ALA A 630 -4.34 -12.18 17.20
C ALA A 630 -5.77 -12.24 16.68
N TRP A 631 -6.50 -11.13 16.77
CA TRP A 631 -7.89 -11.11 16.31
C TRP A 631 -7.96 -11.17 14.79
N GLU A 632 -7.07 -10.46 14.09
CA GLU A 632 -7.08 -10.55 12.63
C GLU A 632 -6.68 -11.94 12.15
N LEU A 633 -5.79 -12.62 12.88
CA LEU A 633 -5.43 -13.98 12.49
C LEU A 633 -6.60 -14.95 12.70
N TYR A 634 -7.35 -14.77 13.80
CA TYR A 634 -8.56 -15.57 13.98
C TYR A 634 -9.49 -15.42 12.78
N LYS A 635 -9.73 -14.18 12.37
CA LYS A 635 -10.69 -13.92 11.30
C LYS A 635 -10.13 -14.34 9.93
N ALA A 636 -8.84 -14.08 9.68
CA ALA A 636 -8.26 -14.50 8.41
C ALA A 636 -8.41 -16.01 8.21
N GLN A 637 -8.26 -16.78 9.29
CA GLN A 637 -8.42 -18.23 9.17
C GLN A 637 -9.88 -18.61 8.93
N GLU A 638 -10.81 -17.91 9.58
CA GLU A 638 -12.23 -18.09 9.28
C GLU A 638 -12.49 -17.89 7.79
N GLU A 639 -11.98 -16.80 7.21
CA GLU A 639 -12.22 -16.50 5.81
C GLU A 639 -11.52 -17.48 4.88
N LEU A 640 -10.29 -17.88 5.21
CA LEU A 640 -9.56 -18.85 4.37
C LEU A 640 -10.29 -20.18 4.31
N VAL A 641 -10.87 -20.61 5.43
CA VAL A 641 -11.67 -21.84 5.45
C VAL A 641 -12.85 -21.72 4.51
N LYS A 642 -13.52 -20.56 4.51
CA LYS A 642 -14.64 -20.37 3.59
C LYS A 642 -14.19 -20.49 2.13
N VAL A 643 -13.07 -19.84 1.80
CA VAL A 643 -12.53 -19.94 0.45
C VAL A 643 -12.21 -21.38 0.11
N ALA A 644 -11.51 -22.08 1.02
CA ALA A 644 -11.13 -23.46 0.77
C ALA A 644 -12.35 -24.35 0.56
N LYS A 645 -13.40 -24.15 1.37
CA LYS A 645 -14.60 -24.96 1.21
C LYS A 645 -15.25 -24.71 -0.15
N LYS A 646 -15.35 -23.43 -0.56
CA LYS A 646 -15.96 -23.11 -1.84
C LYS A 646 -15.28 -23.82 -3.00
N TYR A 647 -13.96 -23.93 -2.96
CA TYR A 647 -13.23 -24.49 -4.08
C TYR A 647 -12.92 -25.96 -3.91
N GLY A 648 -13.37 -26.57 -2.82
CA GLY A 648 -13.07 -27.98 -2.59
C GLY A 648 -11.62 -28.28 -2.28
N VAL A 649 -10.90 -27.37 -1.64
CA VAL A 649 -9.49 -27.56 -1.31
C VAL A 649 -9.34 -27.87 0.17
N LYS A 650 -8.45 -28.79 0.49
CA LYS A 650 -8.16 -29.12 1.89
C LYS A 650 -7.05 -28.18 2.38
N LEU A 651 -7.42 -27.31 3.31
CA LEU A 651 -6.56 -26.21 3.76
C LEU A 651 -5.81 -26.64 5.02
N THR A 652 -4.50 -26.49 5.00
CA THR A 652 -3.66 -26.65 6.18
C THR A 652 -3.10 -25.28 6.55
N MET A 653 -3.37 -24.84 7.79
CA MET A 653 -2.75 -23.64 8.34
C MET A 653 -1.42 -24.00 8.99
N PHE A 654 -0.36 -23.30 8.62
CA PHE A 654 0.97 -23.51 9.19
C PHE A 654 1.20 -22.40 10.21
N HIS A 655 1.26 -22.77 11.48
CA HIS A 655 1.42 -21.80 12.56
C HIS A 655 2.89 -21.47 12.75
N GLY A 656 3.27 -20.24 12.41
CA GLY A 656 4.60 -19.77 12.68
C GLY A 656 4.77 -19.34 14.12
N ARG A 657 5.97 -18.89 14.44
CA ARG A 657 6.31 -18.66 15.83
C ARG A 657 5.50 -17.50 16.42
N GLY A 658 5.35 -17.54 17.74
CA GLY A 658 4.78 -16.46 18.52
C GLY A 658 3.35 -16.70 18.99
N GLY A 659 2.72 -17.80 18.58
CA GLY A 659 1.32 -18.02 18.92
C GLY A 659 1.13 -18.83 20.21
N THR A 660 -0.12 -18.92 20.66
CA THR A 660 -0.40 -19.71 21.85
C THR A 660 -0.09 -21.19 21.62
N VAL A 661 -0.17 -21.67 20.37
CA VAL A 661 0.19 -23.06 20.09
C VAL A 661 1.70 -23.28 20.19
N GLY A 662 2.49 -22.23 20.27
CA GLY A 662 3.93 -22.38 20.34
C GLY A 662 4.49 -22.40 21.75
N ARG A 663 3.63 -22.38 22.77
CA ARG A 663 4.07 -22.33 24.15
C ARG A 663 4.66 -23.67 24.62
N GLY A 664 4.24 -24.77 24.03
CA GLY A 664 4.57 -26.05 24.65
C GLY A 664 3.98 -26.24 26.04
N GLY A 665 4.15 -27.42 26.62
CA GLY A 665 3.43 -27.74 27.84
C GLY A 665 1.92 -27.77 27.66
N GLY A 666 1.22 -27.97 28.77
CA GLY A 666 -0.22 -27.92 28.82
C GLY A 666 -0.88 -26.79 28.04
N PRO A 667 -0.42 -25.53 28.16
CA PRO A 667 -1.13 -24.44 27.47
C PRO A 667 -1.35 -24.69 25.99
N THR A 668 -0.43 -25.40 25.35
CA THR A 668 -0.58 -25.75 23.94
C THR A 668 -1.86 -26.55 23.68
N HIS A 669 -2.30 -27.33 24.66
CA HIS A 669 -3.45 -28.19 24.45
C HIS A 669 -4.71 -27.37 24.22
N LEU A 670 -5.04 -26.45 25.14
CA LEU A 670 -6.19 -25.57 24.91
C LEU A 670 -5.98 -24.66 23.70
N ALA A 671 -4.73 -24.25 23.46
CA ALA A 671 -4.46 -23.38 22.33
C ALA A 671 -4.92 -24.02 21.01
N ILE A 672 -4.65 -25.31 20.82
CA ILE A 672 -5.10 -25.99 19.61
C ILE A 672 -6.63 -26.07 19.58
N LEU A 673 -7.23 -26.45 20.71
CA LEU A 673 -8.69 -26.55 20.78
C LEU A 673 -9.38 -25.22 20.51
N SER A 674 -8.68 -24.09 20.78
CA SER A 674 -9.23 -22.75 20.63
C SER A 674 -9.22 -22.24 19.19
N GLN A 675 -8.59 -22.96 18.25
CA GLN A 675 -8.58 -22.59 16.83
C GLN A 675 -9.99 -22.34 16.30
N PRO A 676 -10.20 -21.46 15.33
CA PRO A 676 -11.53 -21.28 14.78
C PRO A 676 -12.04 -22.62 14.19
N PRO A 677 -13.35 -22.84 14.22
CA PRO A 677 -13.90 -24.08 13.68
C PRO A 677 -13.38 -24.37 12.28
N ASP A 678 -13.11 -25.65 12.03
CA ASP A 678 -12.71 -26.20 10.73
C ASP A 678 -11.36 -25.72 10.25
N THR A 679 -10.59 -24.97 11.04
CA THR A 679 -9.24 -24.59 10.62
C THR A 679 -8.20 -25.69 10.80
N VAL A 680 -8.54 -26.82 11.42
CA VAL A 680 -7.60 -27.91 11.65
C VAL A 680 -7.90 -29.09 10.74
N ASN A 681 -9.10 -29.66 10.86
CA ASN A 681 -9.61 -30.63 9.91
C ASN A 681 -8.59 -31.73 9.66
N GLY A 682 -8.08 -32.32 10.74
CA GLY A 682 -7.18 -33.45 10.62
C GLY A 682 -5.74 -33.12 10.20
N SER A 683 -5.36 -31.86 10.10
CA SER A 683 -4.01 -31.54 9.63
C SER A 683 -3.50 -30.34 10.40
N LEU A 684 -2.66 -30.59 11.41
CA LEU A 684 -2.05 -29.56 12.23
C LEU A 684 -0.59 -29.40 11.81
N ARG A 685 -0.18 -28.17 11.51
CA ARG A 685 1.23 -27.91 11.24
C ARG A 685 1.66 -26.74 12.10
N VAL A 686 2.62 -26.98 13.00
CA VAL A 686 2.99 -26.03 14.04
C VAL A 686 4.50 -25.91 14.14
N THR A 687 4.97 -24.68 14.26
CA THR A 687 6.38 -24.43 14.52
C THR A 687 6.74 -24.83 15.95
N VAL A 688 7.81 -25.60 16.10
CA VAL A 688 8.38 -25.87 17.42
C VAL A 688 9.53 -24.88 17.58
N GLN A 689 9.32 -23.85 18.38
CA GLN A 689 10.32 -22.80 18.53
C GLN A 689 11.57 -23.35 19.22
N GLY A 690 12.73 -22.89 18.74
CA GLY A 690 14.00 -23.38 19.27
C GLY A 690 14.13 -23.16 20.77
N GLU A 691 13.61 -22.04 21.27
CA GLU A 691 13.70 -21.77 22.70
C GLU A 691 12.77 -22.66 23.53
N VAL A 692 11.90 -23.43 22.87
CA VAL A 692 10.94 -24.29 23.52
C VAL A 692 11.26 -25.78 23.33
N ILE A 693 12.13 -26.13 22.39
CA ILE A 693 12.25 -27.53 22.00
C ILE A 693 12.75 -28.38 23.17
N GLU A 694 13.66 -27.84 23.98
CA GLU A 694 14.18 -28.62 25.11
C GLU A 694 13.07 -28.98 26.08
N GLN A 695 12.22 -28.00 26.43
CA GLN A 695 11.13 -28.31 27.34
C GLN A 695 10.12 -29.24 26.70
N SER A 696 9.92 -29.15 25.38
CA SER A 696 8.92 -29.98 24.71
C SER A 696 9.40 -31.41 24.53
N PHE A 697 10.69 -31.63 24.24
CA PHE A 697 11.18 -32.95 23.88
C PHE A 697 12.38 -33.46 24.67
N GLY A 698 13.00 -32.66 25.53
CA GLY A 698 14.25 -33.08 26.15
C GLY A 698 14.10 -34.27 27.07
N GLU A 699 13.01 -34.32 27.84
CA GLU A 699 12.79 -35.38 28.81
C GLU A 699 11.73 -36.33 28.26
N ALA A 700 11.95 -37.63 28.45
CA ALA A 700 11.18 -38.62 27.69
C ALA A 700 9.68 -38.55 28.01
N HIS A 701 9.30 -38.32 29.27
CA HIS A 701 7.89 -38.19 29.61
C HIS A 701 7.28 -36.94 28.98
N LEU A 702 8.01 -35.83 29.00
CA LEU A 702 7.50 -34.59 28.43
C LEU A 702 7.34 -34.71 26.93
N CYS A 703 8.28 -35.42 26.29
CA CYS A 703 8.19 -35.70 24.87
C CYS A 703 6.93 -36.48 24.54
N PHE A 704 6.70 -37.58 25.26
CA PHE A 704 5.47 -38.35 25.12
C PHE A 704 4.24 -37.46 25.28
N ARG A 705 4.23 -36.63 26.33
CA ARG A 705 3.05 -35.81 26.58
C ARG A 705 2.88 -34.71 25.56
N THR A 706 3.96 -34.31 24.90
CA THR A 706 3.85 -33.35 23.80
C THR A 706 3.17 -33.99 22.59
N LEU A 707 3.68 -35.14 22.13
CA LEU A 707 3.03 -35.87 21.05
C LEU A 707 1.58 -36.12 21.37
N GLN A 708 1.29 -36.46 22.63
CA GLN A 708 -0.05 -36.83 23.03
C GLN A 708 -1.00 -35.65 22.91
N ARG A 709 -0.61 -34.48 23.45
CA ARG A 709 -1.55 -33.37 23.44
C ARG A 709 -1.74 -32.81 22.03
N PHE A 710 -0.69 -32.80 21.19
CA PHE A 710 -0.89 -32.40 19.80
C PHE A 710 -1.84 -33.36 19.08
N THR A 711 -1.69 -34.67 19.31
CA THR A 711 -2.54 -35.65 18.66
C THR A 711 -3.97 -35.59 19.18
N ALA A 712 -4.13 -35.55 20.51
CA ALA A 712 -5.46 -35.48 21.12
C ALA A 712 -6.21 -34.21 20.72
N ALA A 713 -5.57 -33.06 20.81
CA ALA A 713 -6.25 -31.80 20.51
C ALA A 713 -6.59 -31.70 19.04
N THR A 714 -5.72 -32.20 18.17
CA THR A 714 -6.01 -32.17 16.75
C THR A 714 -7.24 -33.02 16.44
N LEU A 715 -7.31 -34.23 17.00
CA LEU A 715 -8.47 -35.09 16.79
C LEU A 715 -9.73 -34.45 17.34
N GLU A 716 -9.66 -33.93 18.57
CA GLU A 716 -10.85 -33.40 19.22
C GLU A 716 -11.39 -32.20 18.45
N HIS A 717 -10.51 -31.32 17.97
CA HIS A 717 -10.97 -30.06 17.42
C HIS A 717 -11.91 -30.25 16.23
N GLY A 718 -11.61 -31.23 15.37
CA GLY A 718 -12.46 -31.48 14.21
C GLY A 718 -13.82 -32.03 14.56
N MET A 719 -13.96 -32.66 15.72
CA MET A 719 -15.24 -33.20 16.16
C MET A 719 -15.87 -32.40 17.28
N ASN A 720 -15.23 -31.31 17.72
CA ASN A 720 -15.66 -30.54 18.87
C ASN A 720 -15.14 -29.12 18.75
N PRO A 721 -15.57 -28.35 17.75
CA PRO A 721 -15.05 -26.99 17.61
C PRO A 721 -15.39 -26.15 18.84
N PRO A 722 -14.61 -25.12 19.11
CA PRO A 722 -14.96 -24.22 20.22
C PRO A 722 -16.17 -23.37 19.84
N ILE A 723 -16.80 -22.78 20.86
CA ILE A 723 -17.96 -21.94 20.58
C ILE A 723 -17.58 -20.82 19.62
N SER A 724 -18.51 -20.46 18.78
CA SER A 724 -18.29 -19.29 17.98
C SER A 724 -18.60 -18.04 18.79
N PRO A 725 -17.87 -16.96 18.57
CA PRO A 725 -18.05 -15.78 19.41
C PRO A 725 -19.44 -15.18 19.25
N LYS A 726 -19.96 -14.65 20.35
CA LYS A 726 -21.20 -13.91 20.30
C LYS A 726 -21.01 -12.65 19.44
N PRO A 727 -22.07 -12.20 18.76
CA PRO A 727 -21.94 -10.99 17.94
C PRO A 727 -21.33 -9.80 18.68
N GLU A 728 -21.67 -9.60 19.95
CA GLU A 728 -21.13 -8.44 20.67
C GLU A 728 -19.64 -8.62 21.01
N TRP A 729 -19.18 -9.85 21.18
CA TRP A 729 -17.74 -10.08 21.36
C TRP A 729 -16.97 -9.69 20.12
N ARG A 730 -17.42 -10.14 18.94
CA ARG A 730 -16.75 -9.77 17.69
C ARG A 730 -16.73 -8.26 17.52
N ALA A 731 -17.87 -7.60 17.74
CA ALA A 731 -17.94 -6.16 17.55
C ALA A 731 -16.97 -5.44 18.47
N LEU A 732 -16.95 -5.83 19.76
CA LEU A 732 -16.00 -5.22 20.69
C LEU A 732 -14.56 -5.46 20.26
N LEU A 733 -14.24 -6.71 19.88
CA LEU A 733 -12.88 -6.98 19.43
C LEU A 733 -12.53 -6.21 18.17
N ASP A 734 -13.47 -6.12 17.20
CA ASP A 734 -13.23 -5.28 16.02
C ASP A 734 -12.87 -3.85 16.41
N GLU A 735 -13.53 -3.30 17.44
CA GLU A 735 -13.22 -1.92 17.84
C GLU A 735 -11.90 -1.85 18.61
N MET A 736 -11.68 -2.78 19.55
CA MET A 736 -10.45 -2.78 20.34
C MET A 736 -9.21 -2.92 19.46
N ALA A 737 -9.32 -3.71 18.39
CA ALA A 737 -8.18 -3.90 17.51
C ALA A 737 -7.73 -2.59 16.87
N VAL A 738 -8.68 -1.70 16.55
CA VAL A 738 -8.31 -0.40 15.98
C VAL A 738 -7.60 0.44 17.03
N VAL A 739 -8.16 0.50 18.24
CA VAL A 739 -7.54 1.24 19.34
C VAL A 739 -6.16 0.69 19.64
N ALA A 740 -6.04 -0.65 19.73
CA ALA A 740 -4.76 -1.23 20.12
C ALA A 740 -3.70 -0.97 19.08
N THR A 741 -4.04 -1.11 17.79
CA THR A 741 -3.04 -0.85 16.76
C THR A 741 -2.63 0.62 16.78
N GLU A 742 -3.61 1.50 16.99
CA GLU A 742 -3.30 2.91 17.07
C GLU A 742 -2.32 3.20 18.21
N GLU A 743 -2.57 2.63 19.39
CA GLU A 743 -1.62 2.84 20.49
C GLU A 743 -0.25 2.24 20.14
N TYR A 744 -0.22 0.99 19.66
CA TYR A 744 1.04 0.35 19.34
C TYR A 744 1.83 1.15 18.30
N ARG A 745 1.18 1.54 17.20
CA ARG A 745 1.90 2.25 16.15
C ARG A 745 2.28 3.67 16.59
N SER A 746 1.50 4.31 17.45
CA SER A 746 1.88 5.66 17.88
C SER A 746 3.21 5.65 18.63
N VAL A 747 3.47 4.58 19.39
CA VAL A 747 4.75 4.46 20.09
C VAL A 747 5.84 3.97 19.14
N VAL A 748 5.59 2.86 18.44
CA VAL A 748 6.66 2.13 17.77
C VAL A 748 7.07 2.79 16.46
N PHE A 749 6.13 3.38 15.72
CA PHE A 749 6.44 3.93 14.41
C PHE A 749 6.32 5.45 14.32
N GLN A 750 5.49 6.07 15.15
CA GLN A 750 5.26 7.50 15.05
C GLN A 750 6.16 8.32 15.96
N GLU A 751 6.54 7.81 17.14
CA GLU A 751 7.42 8.56 18.03
C GLU A 751 8.78 8.75 17.35
N PRO A 752 9.14 10.01 17.03
CA PRO A 752 10.37 10.24 16.27
C PRO A 752 11.60 9.68 16.93
N ARG A 753 11.62 9.63 18.26
CA ARG A 753 12.81 9.20 19.00
C ARG A 753 12.71 7.78 19.51
N PHE A 754 11.75 7.00 19.02
CA PHE A 754 11.58 5.65 19.54
C PHE A 754 12.79 4.78 19.21
N VAL A 755 13.21 4.78 17.95
CA VAL A 755 14.33 3.93 17.55
C VAL A 755 15.58 4.30 18.34
N GLU A 756 15.79 5.60 18.57
CA GLU A 756 16.90 6.07 19.38
C GLU A 756 16.85 5.45 20.77
N TYR A 757 15.70 5.60 21.45
CA TYR A 757 15.50 4.99 22.75
C TYR A 757 15.71 3.48 22.69
N PHE A 758 15.04 2.82 21.73
CA PHE A 758 15.20 1.38 21.51
C PHE A 758 16.67 0.98 21.44
N ARG A 759 17.49 1.74 20.71
CA ARG A 759 18.89 1.38 20.56
C ARG A 759 19.68 1.51 21.85
N LEU A 760 19.24 2.36 22.78
CA LEU A 760 19.95 2.55 24.04
C LEU A 760 19.45 1.62 25.14
N ALA A 761 18.13 1.56 25.34
CA ALA A 761 17.51 0.88 26.48
C ALA A 761 17.61 -0.63 26.40
N THR A 762 18.24 -1.17 25.36
CA THR A 762 18.06 -2.51 24.91
C THR A 762 19.35 -3.00 24.30
N PRO A 763 19.71 -4.29 24.46
CA PRO A 763 20.91 -4.82 23.80
C PRO A 763 20.75 -5.16 22.33
N GLU A 764 19.76 -4.56 21.64
CA GLU A 764 19.43 -4.98 20.27
C GLU A 764 20.63 -4.87 19.34
N LEU A 765 21.35 -3.74 19.39
CA LEU A 765 22.50 -3.55 18.50
C LEU A 765 23.59 -4.57 18.79
N GLU A 766 23.78 -4.91 20.07
CA GLU A 766 24.80 -5.89 20.42
C GLU A 766 24.36 -7.30 20.03
N TYR A 767 23.05 -7.56 19.95
CA TYR A 767 22.59 -8.85 19.42
C TYR A 767 23.10 -9.07 18.01
N GLY A 768 23.06 -8.02 17.17
CA GLY A 768 23.52 -8.10 15.80
C GLY A 768 25.02 -8.20 15.65
N ARG A 769 25.76 -7.42 16.44
CA ARG A 769 27.22 -7.45 16.41
C ARG A 769 27.76 -8.86 16.66
N MET A 770 27.02 -9.68 17.41
CA MET A 770 27.40 -11.06 17.65
C MET A 770 26.41 -12.02 16.99
N GLY A 783 16.62 1.70 7.54
CA GLY A 783 15.27 1.67 8.06
C GLY A 783 15.18 1.55 9.57
N GLY A 784 13.96 1.52 10.09
CA GLY A 784 13.72 1.40 11.53
C GLY A 784 13.14 0.06 11.90
N ILE A 785 12.01 0.08 12.62
CA ILE A 785 11.41 -1.16 13.11
C ILE A 785 10.81 -2.00 11.97
N GLU A 786 10.25 -1.36 10.94
CA GLU A 786 9.67 -2.09 9.82
C GLU A 786 10.70 -3.05 9.20
N SER A 787 11.93 -2.57 9.03
CA SER A 787 12.96 -3.41 8.44
C SER A 787 13.52 -4.42 9.44
N LEU A 788 13.46 -4.11 10.74
CA LEU A 788 13.94 -5.04 11.75
C LEU A 788 13.12 -6.32 11.72
N ARG A 789 13.81 -7.45 11.88
CA ARG A 789 13.16 -8.75 11.90
C ARG A 789 12.39 -8.94 13.21
N ALA A 790 11.41 -9.86 13.17
CA ALA A 790 10.55 -10.07 14.34
C ALA A 790 11.33 -10.68 15.51
N ILE A 791 12.24 -11.61 15.24
CA ILE A 791 12.99 -12.28 16.31
C ILE A 791 13.85 -11.29 17.11
N PRO A 792 14.71 -10.46 16.48
CA PRO A 792 15.43 -9.42 17.26
C PRO A 792 14.52 -8.47 18.01
N TRP A 793 13.40 -8.08 17.39
CA TRP A 793 12.40 -7.23 18.03
C TRP A 793 11.92 -7.85 19.34
N ILE A 794 11.54 -9.12 19.31
CA ILE A 794 11.11 -9.77 20.55
C ILE A 794 12.31 -9.97 21.48
N PHE A 795 13.44 -10.40 20.94
CA PHE A 795 14.63 -10.63 21.75
C PHE A 795 14.98 -9.41 22.57
N ALA A 796 15.07 -8.24 21.91
CA ALA A 796 15.62 -7.04 22.54
C ALA A 796 14.87 -6.66 23.80
N TRP A 797 13.54 -6.67 23.73
CA TRP A 797 12.75 -6.31 24.91
C TRP A 797 12.57 -7.47 25.88
N THR A 798 12.80 -8.70 25.42
CA THR A 798 12.79 -9.82 26.36
C THR A 798 13.94 -9.69 27.34
N GLN A 799 15.13 -9.34 26.82
CA GLN A 799 16.34 -9.25 27.63
C GLN A 799 16.20 -8.26 28.78
N THR A 800 15.54 -7.13 28.55
CA THR A 800 15.40 -6.10 29.57
C THR A 800 14.22 -6.35 30.48
N ARG A 801 13.53 -7.48 30.32
CA ARG A 801 12.37 -7.87 31.11
C ARG A 801 11.20 -6.91 30.92
N PHE A 802 11.16 -6.21 29.80
CA PHE A 802 10.08 -5.25 29.57
C PHE A 802 8.98 -5.81 28.66
N HIS A 803 9.36 -6.52 27.60
CA HIS A 803 8.41 -7.30 26.79
C HIS A 803 7.43 -6.43 26.04
N LEU A 804 7.83 -5.19 25.72
CA LEU A 804 6.92 -4.24 25.07
C LEU A 804 6.22 -4.82 23.84
N PRO A 805 6.88 -5.58 22.96
CA PRO A 805 6.19 -6.10 21.76
C PRO A 805 4.97 -6.96 22.07
N VAL A 806 4.91 -7.58 23.25
CA VAL A 806 3.86 -8.54 23.55
C VAL A 806 2.60 -7.86 24.08
N TRP A 807 2.73 -6.87 24.97
CA TRP A 807 1.57 -6.28 25.62
C TRP A 807 1.16 -4.90 25.11
N LEU A 808 2.03 -4.20 24.39
CA LEU A 808 1.70 -2.82 24.02
C LEU A 808 0.46 -2.80 23.12
N GLY A 809 -0.54 -2.05 23.54
CA GLY A 809 -1.79 -1.91 22.81
C GLY A 809 -2.97 -2.53 23.52
N PHE A 810 -2.72 -3.55 24.37
CA PHE A 810 -3.79 -4.08 25.21
C PHE A 810 -4.33 -3.02 26.15
N GLY A 811 -3.46 -2.13 26.64
CA GLY A 811 -3.88 -1.10 27.57
C GLY A 811 -4.92 -0.15 27.02
N ALA A 812 -4.58 0.56 25.93
CA ALA A 812 -5.54 1.45 25.29
C ALA A 812 -6.82 0.71 24.95
N ALA A 813 -6.70 -0.54 24.49
CA ALA A 813 -7.89 -1.27 24.04
C ALA A 813 -8.84 -1.56 25.19
N PHE A 814 -8.31 -2.11 26.29
CA PHE A 814 -9.16 -2.39 27.45
C PHE A 814 -9.72 -1.09 28.03
N ARG A 815 -8.90 -0.04 28.08
CA ARG A 815 -9.36 1.22 28.63
C ARG A 815 -10.51 1.78 27.81
N TYR A 816 -10.34 1.79 26.48
CA TYR A 816 -11.40 2.22 25.58
C TYR A 816 -12.67 1.40 25.78
N ALA A 817 -12.53 0.10 25.94
CA ALA A 817 -13.73 -0.73 26.04
C ALA A 817 -14.50 -0.44 27.31
N ILE A 818 -13.79 -0.25 28.42
CA ILE A 818 -14.44 -0.04 29.71
C ILE A 818 -15.10 1.32 29.75
N LYS A 819 -14.41 2.33 29.22
CA LYS A 819 -14.99 3.67 29.12
C LYS A 819 -16.22 3.70 28.23
N LYS A 820 -16.19 2.99 27.10
CA LYS A 820 -17.27 3.10 26.12
C LYS A 820 -18.60 2.65 26.71
N ASP A 821 -18.58 1.61 27.54
CA ASP A 821 -19.79 1.07 28.12
C ASP A 821 -19.41 0.33 29.39
N VAL A 822 -20.03 0.70 30.52
CA VAL A 822 -19.61 0.16 31.81
C VAL A 822 -19.80 -1.35 31.88
N ARG A 823 -20.60 -1.92 31.00
CA ARG A 823 -20.83 -3.35 31.07
C ARG A 823 -19.86 -4.16 30.22
N ASN A 824 -18.92 -3.50 29.54
CA ASN A 824 -17.89 -4.19 28.79
C ASN A 824 -16.88 -4.89 29.70
N LEU A 825 -16.60 -4.34 30.89
CA LEU A 825 -15.70 -5.04 31.80
C LEU A 825 -16.26 -6.43 32.11
N HIS A 826 -17.55 -6.52 32.43
CA HIS A 826 -18.17 -7.82 32.63
C HIS A 826 -18.17 -8.66 31.34
N MET A 827 -18.25 -8.02 30.18
CA MET A 827 -18.20 -8.76 28.92
C MET A 827 -16.80 -9.31 28.66
N LEU A 828 -15.77 -8.48 28.85
CA LEU A 828 -14.40 -8.96 28.74
C LEU A 828 -14.16 -10.16 29.65
N GLN A 829 -14.71 -10.12 30.87
CA GLN A 829 -14.51 -11.23 31.80
C GLN A 829 -15.30 -12.46 31.38
N ASP A 830 -16.49 -12.26 30.81
CA ASP A 830 -17.25 -13.39 30.25
C ASP A 830 -16.50 -14.01 29.07
N MET A 831 -15.84 -13.19 28.25
CA MET A 831 -15.09 -13.73 27.13
C MET A 831 -13.92 -14.56 27.61
N TYR A 832 -13.22 -14.07 28.64
CA TYR A 832 -12.13 -14.83 29.24
C TYR A 832 -12.63 -16.15 29.82
N LYS A 833 -13.82 -16.16 30.41
CA LYS A 833 -14.35 -17.38 30.99
C LYS A 833 -14.89 -18.36 29.97
N GLN A 834 -15.41 -17.87 28.84
CA GLN A 834 -16.24 -18.70 27.97
C GLN A 834 -15.64 -18.98 26.60
N TRP A 835 -14.75 -18.14 26.13
CA TRP A 835 -14.26 -18.18 24.76
C TRP A 835 -12.79 -18.63 24.76
N PRO A 836 -12.51 -19.89 24.38
CA PRO A 836 -11.11 -20.37 24.40
C PRO A 836 -10.11 -19.43 23.73
N PHE A 837 -10.42 -18.93 22.53
CA PHE A 837 -9.48 -18.00 21.89
C PHE A 837 -9.12 -16.83 22.79
N PHE A 838 -10.12 -16.21 23.42
CA PHE A 838 -9.79 -15.04 24.24
C PHE A 838 -9.05 -15.46 25.50
N ARG A 839 -9.40 -16.62 26.06
CA ARG A 839 -8.74 -17.04 27.29
C ARG A 839 -7.26 -17.38 27.06
N VAL A 840 -6.95 -18.15 26.00
CA VAL A 840 -5.54 -18.46 25.74
C VAL A 840 -4.78 -17.19 25.35
N THR A 841 -5.44 -16.26 24.67
CA THR A 841 -4.77 -15.02 24.30
C THR A 841 -4.32 -14.25 25.54
N ILE A 842 -5.24 -14.12 26.51
CA ILE A 842 -4.93 -13.41 27.76
C ILE A 842 -3.94 -14.20 28.60
N ASP A 843 -4.11 -15.54 28.68
CA ASP A 843 -3.18 -16.35 29.46
C ASP A 843 -1.75 -16.14 29.01
N LEU A 844 -1.51 -16.05 27.70
CA LEU A 844 -0.14 -15.82 27.25
C LEU A 844 0.36 -14.46 27.73
N ILE A 845 -0.49 -13.44 27.69
CA ILE A 845 -0.07 -12.11 28.13
C ILE A 845 0.27 -12.13 29.61
N GLU A 846 -0.54 -12.80 30.40
CA GLU A 846 -0.28 -12.92 31.82
C GLU A 846 1.04 -13.63 32.09
N MET A 847 1.32 -14.70 31.33
CA MET A 847 2.59 -15.40 31.47
C MET A 847 3.77 -14.49 31.17
N VAL A 848 3.64 -13.65 30.14
CA VAL A 848 4.75 -12.76 29.79
C VAL A 848 4.93 -11.66 30.84
N PHE A 849 3.82 -11.10 31.35
CA PHE A 849 3.95 -10.16 32.47
C PHE A 849 4.65 -10.80 33.67
N ALA A 850 4.37 -12.08 33.96
CA ALA A 850 5.02 -12.73 35.08
C ALA A 850 6.53 -12.84 34.88
N LYS A 851 6.99 -12.83 33.62
CA LYS A 851 8.41 -12.77 33.32
C LYS A 851 8.96 -11.36 33.27
N GLY A 852 8.15 -10.33 33.52
CA GLY A 852 8.58 -8.96 33.36
C GLY A 852 8.90 -8.30 34.70
N ASP A 853 9.76 -7.30 34.66
CA ASP A 853 10.12 -6.53 35.85
C ASP A 853 10.44 -5.10 35.41
N PRO A 854 9.52 -4.15 35.61
CA PRO A 854 9.80 -2.78 35.20
C PRO A 854 10.93 -2.14 36.01
N GLY A 855 11.15 -2.61 37.24
CA GLY A 855 12.29 -2.13 38.00
C GLY A 855 13.61 -2.45 37.32
N ILE A 856 13.72 -3.64 36.74
CA ILE A 856 14.92 -3.98 35.99
C ILE A 856 15.01 -3.14 34.72
N ALA A 857 13.89 -2.98 34.02
CA ALA A 857 13.90 -2.14 32.81
C ALA A 857 14.32 -0.72 33.16
N ALA A 858 13.81 -0.17 34.27
CA ALA A 858 14.20 1.17 34.70
C ALA A 858 15.70 1.26 34.95
N LEU A 859 16.31 0.18 35.43
CA LEU A 859 17.75 0.16 35.64
C LEU A 859 18.50 0.32 34.33
N TYR A 860 18.04 -0.37 33.27
CA TYR A 860 18.67 -0.23 31.96
C TYR A 860 18.58 1.22 31.48
N ASP A 861 17.43 1.86 31.71
CA ASP A 861 17.30 3.28 31.37
C ASP A 861 18.33 4.11 32.12
N LYS A 862 18.36 3.97 33.46
CA LYS A 862 19.25 4.79 34.28
C LYS A 862 20.68 4.72 33.79
N LEU A 863 21.16 3.51 33.49
CA LEU A 863 22.56 3.35 33.10
C LEU A 863 22.79 3.68 31.64
N LEU A 864 21.79 3.54 30.78
CA LEU A 864 22.09 3.51 29.36
C LEU A 864 21.37 4.55 28.53
N VAL A 865 20.29 5.14 29.03
CA VAL A 865 19.48 6.04 28.21
C VAL A 865 19.80 7.48 28.62
N SER A 866 20.06 8.32 27.62
CA SER A 866 20.08 9.77 27.80
C SER A 866 18.96 10.20 28.73
N GLU A 867 19.25 11.18 29.59
CA GLU A 867 18.26 11.63 30.56
C GLU A 867 17.11 12.37 29.88
N ASP A 868 17.35 12.94 28.69
CA ASP A 868 16.24 13.56 27.97
C ASP A 868 15.20 12.53 27.54
N LEU A 869 15.56 11.25 27.51
CA LEU A 869 14.61 10.19 27.19
C LEU A 869 14.10 9.45 28.43
N TRP A 870 14.47 9.89 29.63
CA TRP A 870 14.02 9.18 30.82
C TRP A 870 12.53 9.35 31.04
N ALA A 871 11.99 10.51 30.69
CA ALA A 871 10.55 10.71 30.80
C ALA A 871 9.80 9.74 29.89
N PHE A 872 10.36 9.47 28.71
CA PHE A 872 9.74 8.54 27.76
C PHE A 872 9.68 7.13 28.34
N GLY A 873 10.81 6.61 28.83
CA GLY A 873 10.81 5.27 29.42
C GLY A 873 9.84 5.16 30.57
N GLU A 874 9.83 6.17 31.43
CA GLU A 874 8.91 6.23 32.55
C GLU A 874 7.46 6.15 32.08
N LYS A 875 7.13 6.80 30.96
CA LYS A 875 5.79 6.70 30.40
C LYS A 875 5.49 5.27 29.95
N LEU A 876 6.46 4.62 29.28
CA LEU A 876 6.26 3.23 28.87
C LEU A 876 6.04 2.33 30.08
N ARG A 877 6.81 2.53 31.16
CA ARG A 877 6.64 1.70 32.35
C ARG A 877 5.28 1.95 33.01
N ALA A 878 4.81 3.21 33.02
CA ALA A 878 3.45 3.43 33.51
C ALA A 878 2.44 2.69 32.63
N ASN A 879 2.72 2.62 31.33
CA ASN A 879 1.85 1.86 30.43
C ASN A 879 1.91 0.36 30.75
N PHE A 880 3.12 -0.18 30.88
CA PHE A 880 3.32 -1.53 31.40
C PHE A 880 2.43 -1.84 32.60
N ASP A 881 2.43 -0.95 33.60
CA ASP A 881 1.72 -1.24 34.84
C ASP A 881 0.22 -1.17 34.66
N GLU A 882 -0.25 -0.17 33.92
CA GLU A 882 -1.68 -0.05 33.66
C GLU A 882 -2.17 -1.21 32.79
N THR A 883 -1.39 -1.56 31.77
CA THR A 883 -1.78 -2.68 30.92
C THR A 883 -1.86 -3.98 31.73
N LYS A 884 -0.87 -4.21 32.60
CA LYS A 884 -0.90 -5.41 33.44
C LYS A 884 -2.16 -5.46 34.29
N ASN A 885 -2.54 -4.33 34.90
CA ASN A 885 -3.69 -4.38 35.80
C ASN A 885 -4.98 -4.57 35.03
N LEU A 886 -5.11 -3.99 33.84
CA LEU A 886 -6.30 -4.26 33.04
C LEU A 886 -6.33 -5.70 32.56
N VAL A 887 -5.17 -6.30 32.27
CA VAL A 887 -5.16 -7.73 31.93
C VAL A 887 -5.65 -8.55 33.12
N LEU A 888 -5.11 -8.28 34.31
CA LEU A 888 -5.55 -8.98 35.52
C LEU A 888 -7.04 -8.82 35.77
N GLN A 889 -7.58 -7.61 35.53
CA GLN A 889 -9.02 -7.41 35.69
C GLN A 889 -9.81 -8.31 34.74
N THR A 890 -9.39 -8.36 33.47
CA THR A 890 -10.08 -9.20 32.49
C THR A 890 -10.04 -10.66 32.91
N ALA A 891 -8.90 -11.12 33.45
CA ALA A 891 -8.78 -12.51 33.88
C ALA A 891 -9.49 -12.79 35.19
N GLY A 892 -9.99 -11.77 35.87
CA GLY A 892 -10.56 -11.96 37.20
C GLY A 892 -9.53 -12.43 38.21
N HIS A 893 -8.31 -11.93 38.08
CA HIS A 893 -7.18 -12.34 38.93
C HIS A 893 -6.69 -11.14 39.70
N LYS A 894 -6.38 -11.35 40.98
CA LYS A 894 -5.73 -10.31 41.76
C LYS A 894 -4.23 -10.31 41.53
N ASP A 895 -3.66 -11.48 41.27
CA ASP A 895 -2.23 -11.63 41.02
C ASP A 895 -2.01 -12.40 39.72
N LEU A 896 -0.85 -12.14 39.11
CA LEU A 896 -0.45 -12.88 37.93
C LEU A 896 -0.42 -14.39 38.21
N LEU A 897 -0.90 -15.17 37.25
CA LEU A 897 -0.85 -16.63 37.28
C LEU A 897 -1.59 -17.21 38.48
N GLU A 898 -2.58 -16.45 38.97
CA GLU A 898 -3.43 -16.91 40.05
C GLU A 898 -4.03 -18.27 39.76
N GLY A 899 -4.37 -18.53 38.51
CA GLY A 899 -4.91 -19.82 38.15
C GLY A 899 -3.90 -20.90 37.83
N ASP A 900 -2.59 -20.59 37.89
CA ASP A 900 -1.54 -21.57 37.60
C ASP A 900 -0.41 -21.49 38.62
N PRO A 901 -0.61 -22.04 39.81
CA PRO A 901 0.46 -21.98 40.81
C PRO A 901 1.70 -22.77 40.41
N TYR A 902 1.57 -23.77 39.52
CA TYR A 902 2.74 -24.54 39.07
C TYR A 902 3.69 -23.69 38.24
N LEU A 903 3.16 -22.96 37.27
CA LEU A 903 4.03 -22.08 36.49
C LEU A 903 4.56 -20.95 37.35
N LYS A 904 3.72 -20.40 38.23
CA LYS A 904 4.18 -19.30 39.09
C LYS A 904 5.38 -19.74 39.93
N GLN A 905 5.31 -20.92 40.53
CA GLN A 905 6.43 -21.44 41.30
C GLN A 905 7.68 -21.56 40.43
N ARG A 906 7.52 -22.09 39.21
CA ARG A 906 8.67 -22.31 38.34
C ARG A 906 9.35 -20.98 37.99
N LEU A 907 8.57 -19.97 37.61
CA LEU A 907 9.14 -18.67 37.23
C LEU A 907 9.82 -18.01 38.42
N ARG A 908 9.21 -18.09 39.59
CA ARG A 908 9.81 -17.48 40.78
C ARG A 908 11.17 -18.07 41.08
N LEU A 909 11.33 -19.39 40.89
CA LEU A 909 12.60 -20.03 41.17
C LEU A 909 13.66 -19.73 40.12
N ARG A 910 13.27 -19.28 38.92
CA ARG A 910 14.28 -18.84 37.96
C ARG A 910 14.74 -17.41 38.22
N ASP A 911 13.89 -16.58 38.83
CA ASP A 911 14.03 -15.13 38.73
C ASP A 911 15.35 -14.64 39.31
N SER A 912 15.76 -15.17 40.45
CA SER A 912 16.94 -14.63 41.13
C SER A 912 18.18 -14.76 40.26
N TYR A 913 18.33 -15.89 39.55
CA TYR A 913 19.46 -16.02 38.62
C TYR A 913 19.33 -15.06 37.45
N ILE A 914 18.13 -14.89 36.91
CA ILE A 914 17.97 -14.02 35.75
C ILE A 914 18.28 -12.58 36.13
N THR A 915 17.75 -12.13 37.27
CA THR A 915 18.02 -10.79 37.77
C THR A 915 19.51 -10.50 37.87
N THR A 916 20.27 -11.44 38.43
CA THR A 916 21.72 -11.29 38.48
C THR A 916 22.29 -11.07 37.08
N LEU A 917 21.85 -11.87 36.11
CA LEU A 917 22.35 -11.69 34.75
C LEU A 917 21.90 -10.35 34.17
N ASN A 918 20.67 -9.91 34.48
CA ASN A 918 20.20 -8.60 34.03
C ASN A 918 21.10 -7.48 34.55
N VAL A 919 21.27 -7.40 35.87
CA VAL A 919 22.13 -6.36 36.44
C VAL A 919 23.51 -6.43 35.82
N CYS A 920 24.05 -7.64 35.68
CA CYS A 920 25.37 -7.77 35.07
C CYS A 920 25.37 -7.29 33.63
N GLN A 921 24.32 -7.59 32.88
CA GLN A 921 24.29 -7.17 31.48
C GLN A 921 24.18 -5.67 31.35
N ALA A 922 23.32 -5.04 32.16
CA ALA A 922 23.14 -3.59 32.08
C ALA A 922 24.47 -2.86 32.35
N TYR A 923 25.16 -3.22 33.43
CA TYR A 923 26.41 -2.52 33.72
C TYR A 923 27.50 -2.89 32.73
N THR A 924 27.49 -4.12 32.23
CA THR A 924 28.47 -4.50 31.22
C THR A 924 28.24 -3.73 29.92
N LEU A 925 26.98 -3.48 29.56
CA LEU A 925 26.69 -2.65 28.40
C LEU A 925 27.24 -1.25 28.60
N LYS A 926 27.05 -0.67 29.79
CA LYS A 926 27.60 0.66 30.08
C LYS A 926 29.13 0.66 30.00
N ARG A 927 29.77 -0.38 30.55
CA ARG A 927 31.23 -0.47 30.49
C ARG A 927 31.72 -0.62 29.05
N ILE A 928 30.91 -1.23 28.19
CA ILE A 928 31.30 -1.40 26.79
C ILE A 928 31.06 -0.11 26.01
N ARG A 929 29.94 0.56 26.25
CA ARG A 929 29.53 1.69 25.43
C ARG A 929 30.19 2.99 25.86
N ASP A 930 30.13 3.30 27.15
CA ASP A 930 30.53 4.60 27.68
C ASP A 930 32.02 4.58 28.04
N ALA A 931 32.85 5.24 27.23
CA ALA A 931 34.28 5.29 27.52
C ALA A 931 34.59 6.09 28.78
N ASN A 932 33.68 6.96 29.23
CA ASN A 932 33.89 7.78 30.41
C ASN A 932 33.31 7.18 31.69
N TYR A 933 32.87 5.93 31.65
CA TYR A 933 32.31 5.30 32.83
C TYR A 933 33.43 4.69 33.66
N ASN A 934 33.60 5.17 34.89
CA ASN A 934 34.68 4.73 35.76
C ASN A 934 34.16 3.68 36.73
N VAL A 935 34.88 2.56 36.83
CA VAL A 935 34.62 1.58 37.87
C VAL A 935 35.89 1.35 38.67
N THR A 936 35.70 1.03 39.95
CA THR A 936 36.79 0.59 40.84
C THR A 936 36.75 -0.93 40.89
N LEU A 937 37.70 -1.56 40.19
CA LEU A 937 37.80 -3.00 40.20
C LEU A 937 38.29 -3.51 41.56
N ARG A 938 37.73 -4.58 42.00
CA ARG A 938 38.39 -5.20 43.14
C ARG A 938 39.46 -6.17 42.66
N PRO A 939 40.47 -6.45 43.47
CA PRO A 939 41.51 -7.41 43.06
C PRO A 939 40.89 -8.73 42.61
N HIS A 940 41.50 -9.33 41.58
CA HIS A 940 40.95 -10.52 40.92
C HIS A 940 40.62 -11.61 41.93
N ILE A 941 39.43 -12.19 41.80
CA ILE A 941 38.88 -13.08 42.82
C ILE A 941 39.21 -14.54 42.53
N SER A 942 38.99 -15.02 41.31
CA SER A 942 38.97 -16.46 41.11
C SER A 942 40.33 -17.02 40.70
N LYS A 943 40.48 -18.34 40.88
CA LYS A 943 41.62 -19.11 40.42
C LYS A 943 41.29 -19.93 39.17
N GLY A 967 37.67 -10.44 27.83
CA GLY A 967 36.95 -9.26 27.38
C GLY A 967 35.55 -9.13 27.96
N LEU A 968 35.06 -7.89 28.06
CA LEU A 968 33.70 -7.69 28.53
C LEU A 968 32.67 -8.14 27.50
N GLU A 969 33.05 -8.24 26.23
CA GLU A 969 32.15 -8.76 25.22
C GLU A 969 31.75 -10.21 25.51
N ASP A 970 32.70 -11.02 26.00
CA ASP A 970 32.37 -12.39 26.37
C ASP A 970 31.32 -12.42 27.49
N THR A 971 31.47 -11.55 28.49
CA THR A 971 30.46 -11.48 29.55
C THR A 971 29.10 -11.08 28.99
N LEU A 972 29.09 -10.13 28.05
CA LEU A 972 27.83 -9.70 27.46
C LEU A 972 27.13 -10.86 26.76
N ILE A 973 27.89 -11.62 25.97
CA ILE A 973 27.34 -12.78 25.27
C ILE A 973 26.75 -13.78 26.27
N LEU A 974 27.49 -14.07 27.33
CA LEU A 974 27.01 -15.01 28.34
C LEU A 974 25.71 -14.53 28.96
N THR A 975 25.58 -13.23 29.22
CA THR A 975 24.37 -12.76 29.87
C THR A 975 23.17 -12.86 28.92
N MET A 976 23.41 -12.62 27.62
CA MET A 976 22.32 -12.69 26.64
C MET A 976 21.83 -14.13 26.49
N LYS A 977 22.75 -15.09 26.38
CA LYS A 977 22.34 -16.50 26.29
C LYS A 977 21.69 -16.96 27.59
N GLY A 978 22.25 -16.59 28.74
CA GLY A 978 21.64 -16.99 30.00
C GLY A 978 20.26 -16.40 30.20
N ILE A 979 20.11 -15.10 29.89
CA ILE A 979 18.79 -14.47 30.06
C ILE A 979 17.78 -15.10 29.11
N ALA A 980 18.18 -15.34 27.85
CA ALA A 980 17.24 -15.97 26.91
C ALA A 980 16.86 -17.37 27.36
N ALA A 981 17.84 -18.17 27.81
CA ALA A 981 17.52 -19.49 28.34
C ALA A 981 16.61 -19.40 29.54
N GLY A 982 16.75 -18.35 30.34
CA GLY A 982 15.89 -18.21 31.51
C GLY A 982 14.46 -17.83 31.19
N LEU A 983 14.25 -17.09 30.10
CA LEU A 983 12.92 -16.55 29.78
C LEU A 983 12.16 -17.36 28.73
N GLN A 984 12.87 -18.18 27.94
CA GLN A 984 12.29 -19.10 26.95
C GLN A 984 11.30 -18.32 26.07
N ASN A 985 10.05 -18.78 25.95
CA ASN A 985 9.10 -18.24 24.98
C ASN A 985 8.29 -17.10 25.59
N THR A 986 8.05 -16.07 24.78
CA THR A 986 7.11 -15.02 25.15
C THR A 986 6.13 -14.79 24.00
N GLY A 987 6.48 -13.91 23.06
CA GLY A 987 5.59 -13.58 21.94
C GLY A 987 6.21 -13.81 20.56
N ASP B 32 25.81 19.40 -14.04
CA ASP B 32 24.69 19.13 -14.92
C ASP B 32 23.64 18.29 -14.20
N ALA B 33 24.04 17.06 -13.84
CA ALA B 33 23.28 16.10 -13.05
C ALA B 33 22.57 16.75 -11.88
N GLN B 34 23.03 16.51 -10.64
CA GLN B 34 22.35 16.97 -9.41
C GLN B 34 20.82 16.86 -9.49
N LEU B 35 20.21 17.34 -10.59
CA LEU B 35 18.90 16.87 -11.03
C LEU B 35 18.75 15.37 -10.84
N ARG B 36 19.75 14.59 -11.30
CA ARG B 36 19.69 13.15 -11.13
C ARG B 36 19.64 12.76 -9.66
N GLN B 37 20.20 13.58 -8.78
CA GLN B 37 20.07 13.33 -7.36
C GLN B 37 18.70 13.76 -6.84
N LEU B 38 18.11 14.80 -7.43
CA LEU B 38 16.74 15.17 -7.10
C LEU B 38 15.78 14.04 -7.44
N VAL B 39 15.95 13.42 -8.62
CA VAL B 39 15.09 12.35 -9.09
C VAL B 39 15.96 11.15 -9.47
N PRO B 40 16.31 10.29 -8.52
CA PRO B 40 17.29 9.24 -8.82
C PRO B 40 16.78 8.13 -9.74
N ALA B 41 15.47 7.84 -9.76
CA ALA B 41 14.98 6.68 -10.48
C ALA B 41 14.23 7.09 -11.74
N LYS B 42 14.31 6.23 -12.76
CA LYS B 42 13.45 6.37 -13.93
C LYS B 42 12.06 5.84 -13.61
N VAL B 43 11.04 6.52 -14.15
CA VAL B 43 9.66 6.07 -13.94
C VAL B 43 9.15 5.19 -15.08
N SER B 44 9.86 5.16 -16.20
CA SER B 44 9.55 4.28 -17.30
C SER B 44 10.86 4.06 -18.05
N GLU B 45 10.93 2.98 -18.83
CA GLU B 45 12.19 2.67 -19.52
C GLU B 45 12.55 3.79 -20.49
N ASP B 46 11.55 4.40 -21.14
CA ASP B 46 11.79 5.52 -22.04
C ASP B 46 11.71 6.88 -21.34
N ASP B 47 11.93 6.91 -20.03
CA ASP B 47 11.95 8.16 -19.27
C ASP B 47 13.24 8.92 -19.56
N LYS B 48 13.12 10.08 -20.20
CA LYS B 48 14.27 10.94 -20.49
C LYS B 48 14.12 12.33 -19.87
N LEU B 49 13.26 12.50 -18.86
CA LEU B 49 12.89 13.85 -18.47
C LEU B 49 14.08 14.59 -17.86
N VAL B 50 14.81 13.93 -16.94
CA VAL B 50 15.99 14.56 -16.35
C VAL B 50 16.97 14.99 -17.44
N GLU B 51 17.20 14.14 -18.43
CA GLU B 51 18.09 14.47 -19.53
C GLU B 51 17.60 15.69 -20.31
N TYR B 52 16.30 15.73 -20.62
CA TYR B 52 15.73 16.92 -21.27
C TYR B 52 16.03 18.16 -20.44
N ASP B 53 15.78 18.10 -19.14
CA ASP B 53 15.95 19.27 -18.29
C ASP B 53 17.42 19.70 -18.22
N ALA B 54 18.33 18.75 -18.03
CA ALA B 54 19.76 19.07 -18.02
C ALA B 54 20.18 19.72 -19.32
N LEU B 55 19.71 19.19 -20.46
CA LEU B 55 20.06 19.77 -21.75
C LEU B 55 19.55 21.20 -21.86
N LEU B 56 18.26 21.40 -21.57
CA LEU B 56 17.69 22.74 -21.67
C LEU B 56 18.37 23.72 -20.73
N LEU B 57 18.64 23.29 -19.50
CA LEU B 57 19.25 24.17 -18.52
C LEU B 57 20.66 24.54 -18.95
N ASP B 58 21.44 23.55 -19.39
CA ASP B 58 22.80 23.78 -19.86
C ASP B 58 22.83 24.81 -20.98
N ARG B 59 21.95 24.66 -21.99
CA ARG B 59 21.98 25.58 -23.12
C ARG B 59 21.47 26.95 -22.73
N PHE B 60 20.46 27.00 -21.85
CA PHE B 60 19.94 28.31 -21.44
C PHE B 60 20.99 29.09 -20.67
N LEU B 61 21.75 28.43 -19.79
CA LEU B 61 22.78 29.12 -19.03
C LEU B 61 23.87 29.70 -19.94
N ASP B 62 24.29 28.95 -20.95
CA ASP B 62 25.21 29.52 -21.95
C ASP B 62 24.61 30.75 -22.62
N ILE B 63 23.32 30.70 -22.97
CA ILE B 63 22.66 31.86 -23.55
C ILE B 63 22.64 33.03 -22.55
N LEU B 64 22.31 32.74 -21.29
CA LEU B 64 22.35 33.78 -20.26
C LEU B 64 23.73 34.42 -20.20
N GLN B 65 24.78 33.61 -20.25
CA GLN B 65 26.14 34.14 -20.20
C GLN B 65 26.44 35.00 -21.41
N ASP B 66 26.08 34.53 -22.62
CA ASP B 66 26.28 35.32 -23.83
C ASP B 66 25.61 36.67 -23.74
N LEU B 67 24.43 36.74 -23.12
CA LEU B 67 23.67 37.98 -23.16
C LEU B 67 23.98 38.92 -22.00
N HIS B 68 24.36 38.39 -20.84
CA HIS B 68 24.46 39.22 -19.64
C HIS B 68 25.78 39.07 -18.89
N GLY B 69 26.67 38.19 -19.32
CA GLY B 69 27.97 38.05 -18.71
C GLY B 69 28.08 36.81 -17.84
N GLU B 70 29.32 36.43 -17.56
CA GLU B 70 29.57 35.23 -16.76
C GLU B 70 29.16 35.40 -15.31
N ASP B 71 29.29 36.61 -14.75
CA ASP B 71 28.91 36.84 -13.35
C ASP B 71 27.42 36.62 -13.14
N LEU B 72 26.60 37.19 -14.02
CA LEU B 72 25.17 36.92 -13.99
C LEU B 72 24.90 35.44 -14.07
N ARG B 73 25.52 34.75 -15.03
CA ARG B 73 25.28 33.32 -15.19
C ARG B 73 25.67 32.56 -13.93
N GLU B 74 26.81 32.91 -13.32
CA GLU B 74 27.27 32.22 -12.13
C GLU B 74 26.34 32.45 -10.95
N THR B 75 25.77 33.66 -10.85
CA THR B 75 24.80 33.94 -9.78
C THR B 75 23.53 33.12 -9.99
N VAL B 76 23.00 33.12 -11.21
CA VAL B 76 21.83 32.30 -11.51
C VAL B 76 22.13 30.84 -11.17
N GLN B 77 23.30 30.37 -11.58
CA GLN B 77 23.70 28.99 -11.29
C GLN B 77 23.84 28.75 -9.80
N GLU B 78 24.27 29.76 -9.03
CA GLU B 78 24.37 29.61 -7.58
C GLU B 78 22.99 29.48 -6.95
N LEU B 79 22.08 30.38 -7.33
CA LEU B 79 20.70 30.30 -6.85
C LEU B 79 20.08 28.95 -7.16
N TYR B 80 20.30 28.44 -8.37
CA TYR B 80 19.74 27.14 -8.73
C TYR B 80 20.26 26.05 -7.79
N GLU B 81 21.57 26.02 -7.55
CA GLU B 81 22.14 25.03 -6.64
C GLU B 81 21.55 25.13 -5.24
N LEU B 82 21.40 26.36 -4.73
CA LEU B 82 20.85 26.54 -3.39
C LEU B 82 19.44 25.99 -3.31
N SER B 83 18.59 26.28 -4.30
CA SER B 83 17.21 25.80 -4.22
C SER B 83 17.11 24.31 -4.51
N ALA B 84 17.95 23.78 -5.38
CA ALA B 84 18.00 22.33 -5.55
C ALA B 84 18.49 21.64 -4.28
N GLU B 85 19.41 22.25 -3.55
CA GLU B 85 19.80 21.72 -2.24
C GLU B 85 18.63 21.77 -1.27
N TYR B 86 17.87 22.87 -1.30
CA TYR B 86 16.66 22.95 -0.49
C TYR B 86 15.69 21.82 -0.80
N GLU B 87 15.48 21.52 -2.09
CA GLU B 87 14.57 20.42 -2.42
C GLU B 87 15.05 19.09 -1.87
N GLY B 88 16.36 18.96 -1.63
CA GLY B 88 16.89 17.70 -1.15
C GLY B 88 16.57 17.45 0.31
N LYS B 89 16.58 18.49 1.13
CA LYS B 89 16.29 18.23 2.53
C LYS B 89 15.28 19.20 3.14
N ARG B 90 15.09 20.37 2.53
CA ARG B 90 14.12 21.35 2.99
C ARG B 90 14.50 21.89 4.37
N GLU B 91 15.79 22.24 4.53
CA GLU B 91 16.27 23.06 5.66
C GLU B 91 15.86 24.51 5.48
N PRO B 92 15.20 25.12 6.46
CA PRO B 92 14.89 26.55 6.36
C PRO B 92 16.11 27.44 6.23
N SER B 93 17.28 27.00 6.69
CA SER B 93 18.48 27.85 6.55
C SER B 93 18.88 28.01 5.10
N LYS B 94 18.61 27.00 4.26
CA LYS B 94 18.91 27.14 2.82
C LYS B 94 18.04 28.21 2.18
N LEU B 95 16.81 28.41 2.67
CA LEU B 95 16.00 29.52 2.18
C LEU B 95 16.59 30.86 2.56
N GLU B 96 17.24 30.95 3.72
CA GLU B 96 17.83 32.23 4.10
C GLU B 96 19.12 32.51 3.32
N GLU B 97 19.90 31.46 3.02
CA GLU B 97 21.00 31.63 2.07
C GLU B 97 20.49 32.14 0.72
N LEU B 98 19.43 31.51 0.18
CA LEU B 98 18.79 32.05 -1.01
C LEU B 98 18.46 33.52 -0.84
N GLY B 99 17.83 33.87 0.29
CA GLY B 99 17.44 35.25 0.51
C GLY B 99 18.61 36.23 0.56
N SER B 100 19.72 35.81 1.19
CA SER B 100 20.83 36.76 1.32
C SER B 100 21.38 37.14 -0.04
N VAL B 101 21.41 36.18 -0.98
CA VAL B 101 21.77 36.50 -2.35
C VAL B 101 20.68 37.36 -3.00
N LEU B 102 19.43 36.90 -2.94
CA LEU B 102 18.37 37.59 -3.69
C LEU B 102 18.17 39.00 -3.17
N THR B 103 18.20 39.17 -1.85
CA THR B 103 17.91 40.49 -1.31
C THR B 103 19.05 41.47 -1.58
N SER B 104 20.23 40.99 -1.97
CA SER B 104 21.35 41.85 -2.35
C SER B 104 21.29 42.29 -3.80
N LEU B 105 20.25 41.95 -4.55
CA LEU B 105 20.19 42.28 -5.97
C LEU B 105 19.47 43.61 -6.16
N ASP B 106 20.07 44.50 -6.96
CA ASP B 106 19.39 45.74 -7.30
C ASP B 106 18.20 45.43 -8.21
N PRO B 107 17.32 46.41 -8.48
CA PRO B 107 16.14 46.12 -9.31
C PRO B 107 16.46 45.52 -10.68
N GLY B 108 17.47 46.03 -11.37
CA GLY B 108 17.78 45.53 -12.70
C GLY B 108 18.23 44.08 -12.68
N ASP B 109 19.09 43.72 -11.74
CA ASP B 109 19.51 42.32 -11.61
C ASP B 109 18.36 41.44 -11.15
N SER B 110 17.44 41.99 -10.34
CA SER B 110 16.30 41.20 -9.88
C SER B 110 15.41 40.80 -11.05
N ILE B 111 15.21 41.72 -12.01
CA ILE B 111 14.42 41.40 -13.19
C ILE B 111 15.07 40.28 -14.00
N VAL B 112 16.38 40.39 -14.25
CA VAL B 112 17.06 39.38 -15.05
C VAL B 112 16.95 38.01 -14.38
N ILE B 113 17.17 37.95 -13.07
CA ILE B 113 17.14 36.69 -12.34
C ILE B 113 15.73 36.10 -12.32
N SER B 114 14.70 36.94 -12.10
CA SER B 114 13.35 36.39 -12.04
C SER B 114 12.84 35.98 -13.43
N LYS B 115 13.17 36.77 -14.46
CA LYS B 115 12.98 36.34 -15.85
C LYS B 115 13.65 35.00 -16.10
N ALA B 116 14.91 34.86 -15.68
CA ALA B 116 15.65 33.62 -15.95
C ALA B 116 14.93 32.42 -15.35
N PHE B 117 14.54 32.50 -14.08
CA PHE B 117 13.96 31.32 -13.45
C PHE B 117 12.55 31.04 -13.95
N SER B 118 11.83 32.09 -14.36
CA SER B 118 10.55 31.90 -15.02
C SER B 118 10.72 31.15 -16.34
N HIS B 119 11.72 31.56 -17.14
CA HIS B 119 11.96 30.89 -18.41
C HIS B 119 12.41 29.45 -18.20
N MET B 120 13.21 29.20 -17.17
CA MET B 120 13.61 27.82 -16.87
C MET B 120 12.40 26.95 -16.57
N LEU B 121 11.42 27.51 -15.87
CA LEU B 121 10.18 26.81 -15.59
C LEU B 121 9.44 26.50 -16.88
N ASN B 122 9.31 27.50 -17.76
CA ASN B 122 8.69 27.27 -19.05
C ASN B 122 9.41 26.15 -19.81
N LEU B 123 10.75 26.14 -19.79
CA LEU B 123 11.46 25.07 -20.48
C LEU B 123 11.17 23.71 -19.83
N ALA B 124 11.12 23.67 -18.50
CA ALA B 124 10.81 22.41 -17.82
C ALA B 124 9.43 21.87 -18.24
N ASN B 125 8.44 22.77 -18.38
CA ASN B 125 7.10 22.34 -18.80
C ASN B 125 7.09 21.84 -20.25
N LEU B 126 7.85 22.49 -21.14
CA LEU B 126 7.98 21.96 -22.50
C LEU B 126 8.54 20.54 -22.48
N ALA B 127 9.57 20.30 -21.66
CA ALA B 127 10.13 18.95 -21.57
C ALA B 127 9.11 17.95 -21.07
N GLU B 128 8.33 18.31 -20.04
CA GLU B 128 7.24 17.44 -19.59
C GLU B 128 6.31 17.05 -20.74
N GLU B 129 5.92 18.05 -21.54
CA GLU B 129 5.01 17.79 -22.65
C GLU B 129 5.59 16.77 -23.62
N VAL B 130 6.87 16.96 -23.99
CA VAL B 130 7.53 15.99 -24.86
C VAL B 130 7.56 14.61 -24.20
N GLN B 131 7.92 14.56 -22.92
CA GLN B 131 7.98 13.26 -22.25
C GLN B 131 6.61 12.58 -22.24
N ILE B 132 5.57 13.34 -21.84
CA ILE B 132 4.21 12.79 -21.81
C ILE B 132 3.77 12.34 -23.20
N ALA B 133 4.05 13.17 -24.21
CA ALA B 133 3.61 12.84 -25.57
C ALA B 133 4.19 11.52 -26.06
N HIS B 134 5.40 11.17 -25.62
CA HIS B 134 6.11 10.03 -26.20
C HIS B 134 6.35 8.91 -25.22
N ARG B 135 5.68 8.90 -24.07
CA ARG B 135 5.81 7.79 -23.15
C ARG B 135 5.01 6.60 -23.69
N ARG B 136 5.72 5.54 -24.04
CA ARG B 136 5.05 4.41 -24.67
C ARG B 136 4.11 3.72 -23.68
N ARG B 137 2.97 3.26 -24.19
CA ARG B 137 1.97 2.58 -23.38
C ARG B 137 2.40 1.16 -23.07
N ILE B 138 2.37 0.80 -21.79
CA ILE B 138 2.63 -0.55 -21.31
C ILE B 138 1.29 -1.14 -20.90
N LYS B 139 0.75 -2.07 -21.70
CA LYS B 139 -0.58 -2.61 -21.40
C LYS B 139 -0.59 -3.34 -20.06
N LYS B 140 0.50 -4.05 -19.75
CA LYS B 140 0.55 -4.80 -18.48
C LYS B 140 0.66 -3.90 -17.27
N LEU B 141 0.66 -2.59 -17.44
CA LEU B 141 0.53 -1.70 -16.31
C LEU B 141 -0.92 -1.58 -15.85
N LYS B 142 -1.88 -1.84 -16.75
CA LYS B 142 -3.29 -1.75 -16.38
C LYS B 142 -3.62 -2.74 -15.27
N LYS B 143 -4.41 -2.27 -14.30
CA LYS B 143 -4.97 -3.16 -13.29
C LYS B 143 -6.29 -3.78 -13.72
N GLY B 144 -6.96 -3.24 -14.73
CA GLY B 144 -8.27 -3.74 -15.09
C GLY B 144 -9.40 -3.20 -14.24
N ASP B 145 -9.21 -2.09 -13.54
CA ASP B 145 -10.31 -1.48 -12.81
C ASP B 145 -10.38 0.01 -13.07
N PHE B 146 -11.26 0.73 -12.35
CA PHE B 146 -11.50 2.13 -12.71
C PHE B 146 -10.30 3.01 -12.40
N VAL B 147 -9.44 2.58 -11.47
CA VAL B 147 -8.23 3.34 -11.17
C VAL B 147 -7.35 3.48 -12.40
N ASP B 148 -7.48 2.58 -13.39
CA ASP B 148 -6.73 2.76 -14.65
C ASP B 148 -7.05 4.10 -15.30
N GLU B 149 -8.25 4.62 -15.08
CA GLU B 149 -8.69 5.84 -15.76
C GLU B 149 -8.18 7.12 -15.10
N SER B 150 -7.38 7.03 -14.04
CA SER B 150 -6.86 8.24 -13.41
C SER B 150 -5.49 8.64 -13.95
N SER B 151 -4.91 7.87 -14.89
CA SER B 151 -3.59 8.14 -15.43
C SER B 151 -3.57 7.86 -16.94
N ALA B 152 -2.93 8.76 -17.68
CA ALA B 152 -2.74 8.54 -19.12
C ALA B 152 -1.95 7.27 -19.41
N THR B 153 -1.07 6.84 -18.49
CA THR B 153 -0.29 5.62 -18.72
C THR B 153 -1.16 4.37 -18.71
N THR B 154 -2.37 4.43 -18.15
CA THR B 154 -3.23 3.26 -18.04
C THR B 154 -4.66 3.47 -18.55
N GLU B 155 -5.06 4.70 -18.86
CA GLU B 155 -6.46 4.97 -19.20
C GLU B 155 -6.84 4.27 -20.50
N SER B 156 -8.13 4.01 -20.65
CA SER B 156 -8.64 3.43 -21.89
C SER B 156 -8.67 4.49 -22.98
N ASP B 157 -8.15 4.16 -24.15
CA ASP B 157 -8.39 4.97 -25.35
C ASP B 157 -9.82 4.68 -25.85
N ILE B 158 -10.19 5.24 -27.00
CA ILE B 158 -11.59 5.15 -27.40
C ILE B 158 -11.98 3.72 -27.76
N GLU B 159 -11.10 2.99 -28.47
CA GLU B 159 -11.41 1.60 -28.81
C GLU B 159 -11.44 0.70 -27.57
N GLU B 160 -10.51 0.89 -26.62
CA GLU B 160 -10.55 0.11 -25.38
C GLU B 160 -11.84 0.40 -24.61
N THR B 161 -12.35 1.62 -24.68
CA THR B 161 -13.65 1.95 -24.08
C THR B 161 -14.77 1.18 -24.78
N PHE B 162 -14.82 1.26 -26.12
CA PHE B 162 -15.78 0.46 -26.89
C PHE B 162 -15.75 -1.00 -26.46
N LYS B 163 -14.55 -1.57 -26.37
CA LYS B 163 -14.44 -3.01 -26.16
C LYS B 163 -14.85 -3.41 -24.76
N ARG B 164 -14.58 -2.58 -23.74
CA ARG B 164 -15.10 -2.87 -22.41
C ARG B 164 -16.61 -2.77 -22.39
N LEU B 165 -17.18 -1.77 -23.07
CA LEU B 165 -18.63 -1.63 -23.06
C LEU B 165 -19.31 -2.85 -23.69
N VAL B 166 -18.70 -3.39 -24.76
CA VAL B 166 -19.24 -4.59 -25.40
C VAL B 166 -19.07 -5.81 -24.51
N SER B 167 -17.82 -6.11 -24.13
CA SER B 167 -17.55 -7.39 -23.48
C SER B 167 -17.91 -7.39 -22.00
N ASP B 168 -17.75 -6.27 -21.29
CA ASP B 168 -18.04 -6.23 -19.85
C ASP B 168 -19.43 -5.72 -19.52
N LEU B 169 -20.01 -4.86 -20.35
CA LEU B 169 -21.34 -4.30 -20.09
C LEU B 169 -22.39 -4.85 -21.03
N GLY B 170 -22.02 -5.76 -21.93
CA GLY B 170 -22.97 -6.32 -22.87
C GLY B 170 -23.66 -5.30 -23.76
N LYS B 171 -23.04 -4.15 -24.00
CA LYS B 171 -23.64 -3.21 -24.93
C LYS B 171 -23.39 -3.68 -26.35
N SER B 172 -24.33 -3.37 -27.26
CA SER B 172 -24.08 -3.75 -28.63
C SER B 172 -23.31 -2.65 -29.34
N PRO B 173 -22.54 -2.99 -30.38
CA PRO B 173 -21.89 -1.94 -31.18
C PRO B 173 -22.88 -0.93 -31.73
N GLU B 174 -24.10 -1.37 -32.06
CA GLU B 174 -25.10 -0.41 -32.54
C GLU B 174 -25.49 0.58 -31.44
N GLU B 175 -25.60 0.09 -30.19
CA GLU B 175 -25.93 0.99 -29.09
C GLU B 175 -24.83 2.02 -28.87
N ILE B 176 -23.58 1.56 -28.90
CA ILE B 176 -22.44 2.47 -28.78
C ILE B 176 -22.46 3.51 -29.88
N PHE B 177 -22.58 3.05 -31.13
CA PHE B 177 -22.64 3.96 -32.27
C PHE B 177 -23.79 4.97 -32.12
N ASP B 178 -24.96 4.48 -31.70
CA ASP B 178 -26.12 5.37 -31.60
C ASP B 178 -25.92 6.42 -30.51
N ALA B 179 -25.39 6.00 -29.36
CA ALA B 179 -25.09 6.96 -28.29
C ALA B 179 -24.03 7.96 -28.75
N LEU B 180 -22.99 7.47 -29.43
CA LEU B 180 -21.91 8.34 -29.90
C LEU B 180 -22.43 9.40 -30.84
N LYS B 181 -23.33 9.02 -31.74
CA LYS B 181 -23.87 9.97 -32.71
C LYS B 181 -24.59 11.10 -32.03
N ASN B 182 -25.22 10.83 -30.89
CA ASN B 182 -26.05 11.82 -30.23
C ASN B 182 -25.34 12.54 -29.10
N GLN B 183 -24.04 12.33 -28.93
CA GLN B 183 -23.36 12.90 -27.77
C GLN B 183 -22.64 14.19 -28.13
N THR B 184 -22.48 15.07 -27.14
CA THR B 184 -21.70 16.29 -27.31
C THR B 184 -20.79 16.49 -26.11
N VAL B 185 -19.51 16.77 -26.38
CA VAL B 185 -18.57 17.32 -25.44
C VAL B 185 -18.36 18.78 -25.82
N ASP B 186 -18.61 19.69 -24.87
CA ASP B 186 -18.55 21.13 -25.10
C ASP B 186 -17.49 21.69 -24.16
N LEU B 187 -16.36 22.15 -24.73
CA LEU B 187 -15.22 22.62 -23.93
C LEU B 187 -15.23 24.14 -23.91
N VAL B 188 -15.31 24.73 -22.72
CA VAL B 188 -15.50 26.16 -22.58
C VAL B 188 -14.17 26.79 -22.22
N LEU B 189 -13.60 27.57 -23.15
CA LEU B 189 -12.33 28.25 -22.92
C LEU B 189 -12.53 29.48 -22.06
N THR B 190 -11.70 29.64 -21.03
CA THR B 190 -11.69 30.84 -20.22
C THR B 190 -10.29 31.46 -20.27
N ALA B 191 -10.24 32.73 -19.89
CA ALA B 191 -9.00 33.49 -20.01
C ALA B 191 -7.95 33.01 -19.00
N HIS B 192 -6.69 33.27 -19.33
CA HIS B 192 -5.59 32.94 -18.44
C HIS B 192 -5.55 33.95 -17.28
N PRO B 193 -5.63 33.50 -16.02
CA PRO B 193 -5.72 34.46 -14.91
C PRO B 193 -4.46 35.29 -14.71
N THR B 194 -3.30 34.93 -15.31
CA THR B 194 -2.08 35.71 -15.10
C THR B 194 -1.34 36.09 -16.38
N GLN B 195 -1.28 35.20 -17.37
CA GLN B 195 -0.41 35.41 -18.53
C GLN B 195 -1.12 34.96 -19.80
N SER B 196 -1.44 35.89 -20.69
CA SER B 196 -1.93 35.52 -22.01
C SER B 196 -0.73 35.39 -22.94
N VAL B 197 -0.54 34.20 -23.52
CA VAL B 197 0.63 33.89 -24.34
C VAL B 197 0.26 34.04 -25.82
N ARG B 198 1.04 34.83 -26.54
CA ARG B 198 0.78 35.13 -27.94
C ARG B 198 1.18 33.95 -28.84
N ARG B 199 0.47 33.85 -29.96
CA ARG B 199 0.64 32.74 -30.89
C ARG B 199 2.09 32.51 -31.34
N SER B 200 2.85 33.58 -31.58
CA SER B 200 4.21 33.37 -32.09
C SER B 200 5.13 32.79 -31.04
N LEU B 201 4.90 33.12 -29.76
CA LEU B 201 5.61 32.43 -28.68
C LEU B 201 5.25 30.95 -28.63
N LEU B 202 3.97 30.62 -28.86
CA LEU B 202 3.57 29.22 -28.89
C LEU B 202 4.36 28.46 -29.96
N GLN B 203 4.57 29.10 -31.13
CA GLN B 203 5.32 28.46 -32.20
C GLN B 203 6.78 28.25 -31.79
N LYS B 204 7.40 29.26 -31.17
CA LYS B 204 8.75 29.05 -30.64
C LYS B 204 8.78 27.88 -29.67
N HIS B 205 7.77 27.78 -28.79
CA HIS B 205 7.72 26.67 -27.84
C HIS B 205 7.60 25.33 -28.57
N GLY B 206 6.80 25.28 -29.64
CA GLY B 206 6.68 24.03 -30.41
C GLY B 206 7.97 23.62 -31.10
N ARG B 207 8.76 24.59 -31.56
CA ARG B 207 10.04 24.25 -32.17
C ARG B 207 11.01 23.71 -31.13
N ILE B 208 11.01 24.31 -29.93
CA ILE B 208 11.81 23.75 -28.83
C ILE B 208 11.40 22.31 -28.57
N ARG B 209 10.09 22.06 -28.42
CA ARG B 209 9.61 20.70 -28.22
C ARG B 209 10.06 19.80 -29.36
N ASP B 210 9.90 20.27 -30.61
CA ASP B 210 10.29 19.45 -31.75
C ASP B 210 11.77 19.10 -31.73
N CYS B 211 12.63 20.08 -31.39
CA CYS B 211 14.05 19.79 -31.28
C CYS B 211 14.30 18.75 -30.21
N LEU B 212 13.72 18.93 -29.02
CA LEU B 212 13.89 17.96 -27.94
C LEU B 212 13.53 16.56 -28.39
N ALA B 213 12.37 16.41 -29.05
CA ALA B 213 11.92 15.09 -29.47
C ALA B 213 12.90 14.47 -30.46
N GLN B 214 13.30 15.23 -31.48
CA GLN B 214 14.16 14.67 -32.53
C GLN B 214 15.58 14.40 -32.02
N LEU B 215 16.05 15.18 -31.05
CA LEU B 215 17.45 15.07 -30.61
C LEU B 215 17.76 13.69 -30.05
N TYR B 216 16.76 13.01 -29.47
CA TYR B 216 16.96 11.72 -28.84
C TYR B 216 16.42 10.57 -29.68
N ALA B 217 16.22 10.80 -30.98
CA ALA B 217 15.79 9.73 -31.87
C ALA B 217 16.90 8.71 -32.04
N LYS B 218 16.51 7.53 -32.55
CA LYS B 218 17.31 6.32 -32.48
C LYS B 218 18.61 6.43 -33.28
N ASP B 219 18.52 6.49 -34.60
CA ASP B 219 19.73 6.48 -35.42
C ASP B 219 20.05 7.88 -35.93
N ILE B 220 20.07 8.87 -35.03
CA ILE B 220 20.27 10.24 -35.47
C ILE B 220 21.72 10.44 -35.88
N THR B 221 21.90 11.08 -37.03
CA THR B 221 23.20 11.39 -37.58
C THR B 221 23.93 12.46 -36.73
N PRO B 222 25.26 12.41 -36.66
CA PRO B 222 25.99 13.47 -35.93
C PRO B 222 25.75 14.87 -36.46
N ASP B 223 25.71 15.07 -37.79
CA ASP B 223 25.47 16.41 -38.30
C ASP B 223 24.02 16.83 -38.09
N ASP B 224 23.07 15.91 -38.24
CA ASP B 224 21.68 16.21 -37.90
C ASP B 224 21.57 16.66 -36.43
N LYS B 225 22.17 15.88 -35.53
CA LYS B 225 22.11 16.21 -34.12
C LYS B 225 22.74 17.58 -33.86
N GLN B 226 23.93 17.81 -34.42
CA GLN B 226 24.58 19.11 -34.30
C GLN B 226 23.66 20.24 -34.76
N GLU B 227 22.97 20.06 -35.89
CA GLU B 227 22.09 21.11 -36.38
C GLU B 227 20.83 21.25 -35.51
N LEU B 228 20.31 20.15 -34.97
CA LEU B 228 19.16 20.24 -34.08
C LEU B 228 19.53 20.95 -32.79
N ASP B 229 20.75 20.71 -32.30
CA ASP B 229 21.27 21.41 -31.12
C ASP B 229 21.36 22.91 -31.37
N GLU B 230 21.89 23.31 -32.53
CA GLU B 230 21.99 24.73 -32.85
C GLU B 230 20.61 25.34 -33.05
N SER B 231 19.67 24.60 -33.65
CA SER B 231 18.31 25.09 -33.75
C SER B 231 17.68 25.26 -32.36
N LEU B 232 17.91 24.29 -31.48
CA LEU B 232 17.35 24.38 -30.13
C LEU B 232 17.89 25.60 -29.39
N GLN B 233 19.19 25.87 -29.53
CA GLN B 233 19.77 27.04 -28.87
C GLN B 233 19.15 28.33 -29.37
N ARG B 234 18.92 28.45 -30.68
CA ARG B 234 18.42 29.71 -31.18
C ARG B 234 16.95 29.92 -30.80
N GLU B 235 16.17 28.84 -30.71
CA GLU B 235 14.76 28.97 -30.31
C GLU B 235 14.64 29.26 -28.81
N ILE B 236 15.51 28.68 -27.98
CA ILE B 236 15.52 29.06 -26.57
C ILE B 236 15.75 30.56 -26.44
N GLN B 237 16.71 31.08 -27.23
CA GLN B 237 17.05 32.50 -27.12
C GLN B 237 15.94 33.37 -27.68
N ALA B 238 15.37 32.99 -28.82
CA ALA B 238 14.24 33.75 -29.36
C ALA B 238 13.10 33.82 -28.35
N ALA B 239 12.83 32.70 -27.67
CA ALA B 239 11.75 32.70 -26.68
C ALA B 239 12.09 33.59 -25.50
N PHE B 240 13.35 33.55 -25.05
CA PHE B 240 13.77 34.36 -23.90
C PHE B 240 13.72 35.85 -24.20
N ARG B 241 13.93 36.25 -25.45
CA ARG B 241 14.06 37.67 -25.77
C ARG B 241 12.86 38.28 -26.50
N THR B 251 -6.01 44.23 -22.64
CA THR B 251 -7.43 44.40 -22.97
C THR B 251 -8.12 43.04 -23.13
N PRO B 252 -9.44 42.99 -22.87
CA PRO B 252 -10.16 41.73 -23.09
C PRO B 252 -10.05 41.22 -24.52
N GLN B 253 -10.06 42.11 -25.52
CA GLN B 253 -9.84 41.65 -26.89
C GLN B 253 -8.49 40.98 -27.04
N ASP B 254 -7.44 41.57 -26.44
CA ASP B 254 -6.11 40.95 -26.46
C ASP B 254 -6.10 39.60 -25.77
N GLU B 255 -6.75 39.51 -24.60
CA GLU B 255 -6.84 38.23 -23.90
C GLU B 255 -7.53 37.18 -24.75
N MET B 256 -8.59 37.58 -25.46
CA MET B 256 -9.36 36.63 -26.27
C MET B 256 -8.52 36.11 -27.43
N ARG B 257 -7.91 37.00 -28.20
CA ARG B 257 -7.04 36.60 -29.31
C ARG B 257 -5.93 35.67 -28.82
N ALA B 258 -5.30 36.03 -27.70
CA ALA B 258 -4.33 35.12 -27.10
C ALA B 258 -4.96 33.76 -26.82
N GLY B 259 -6.13 33.76 -26.17
CA GLY B 259 -6.72 32.49 -25.79
C GLY B 259 -7.25 31.69 -26.95
N MET B 260 -7.66 32.37 -28.04
CA MET B 260 -8.03 31.65 -29.26
C MET B 260 -6.84 31.04 -29.94
N SER B 261 -5.66 31.21 -29.36
CA SER B 261 -4.46 30.67 -30.03
C SER B 261 -4.41 29.15 -30.09
N TYR B 262 -5.21 28.43 -29.31
CA TYR B 262 -4.89 27.00 -29.48
C TYR B 262 -5.58 26.38 -30.70
N PHE B 263 -6.51 27.09 -31.37
CA PHE B 263 -7.18 26.46 -32.51
C PHE B 263 -6.21 26.20 -33.67
N HIS B 264 -5.40 27.19 -34.04
CA HIS B 264 -4.52 27.08 -35.19
C HIS B 264 -3.34 26.14 -34.90
N GLU B 265 -2.89 26.11 -33.64
CA GLU B 265 -1.73 25.31 -33.25
C GLU B 265 -2.05 23.83 -33.26
N THR B 266 -3.17 23.44 -32.63
CA THR B 266 -3.47 22.02 -32.49
C THR B 266 -4.94 21.64 -32.71
N ILE B 267 -5.88 22.46 -32.23
CA ILE B 267 -7.27 21.98 -32.16
C ILE B 267 -7.87 21.87 -33.56
N TRP B 268 -7.58 22.86 -34.42
CA TRP B 268 -8.12 22.84 -35.79
C TRP B 268 -7.85 21.51 -36.50
N LYS B 269 -6.59 21.05 -36.47
CA LYS B 269 -6.26 19.76 -37.07
C LYS B 269 -6.52 18.59 -36.13
N GLY B 270 -6.43 18.82 -34.83
CA GLY B 270 -6.64 17.73 -33.88
C GLY B 270 -8.04 17.15 -33.92
N VAL B 271 -9.05 17.98 -34.19
CA VAL B 271 -10.43 17.49 -34.11
C VAL B 271 -10.70 16.43 -35.18
N PRO B 272 -10.47 16.69 -36.48
CA PRO B 272 -10.71 15.62 -37.46
C PRO B 272 -9.75 14.45 -37.31
N LYS B 273 -8.55 14.66 -36.77
CA LYS B 273 -7.68 13.50 -36.54
C LYS B 273 -8.30 12.56 -35.51
N PHE B 274 -8.85 13.11 -34.42
CA PHE B 274 -9.47 12.23 -33.43
C PHE B 274 -10.76 11.61 -33.97
N LEU B 275 -11.57 12.38 -34.71
CA LEU B 275 -12.80 11.81 -35.27
C LEU B 275 -12.48 10.69 -36.24
N ARG B 276 -11.37 10.79 -36.98
CA ARG B 276 -10.95 9.66 -37.79
C ARG B 276 -10.59 8.46 -36.92
N ARG B 277 -10.01 8.69 -35.74
CA ARG B 277 -9.73 7.57 -34.85
C ARG B 277 -11.01 6.90 -34.36
N VAL B 278 -12.06 7.68 -34.09
CA VAL B 278 -13.34 7.10 -33.69
C VAL B 278 -13.84 6.19 -34.80
N ASP B 279 -13.76 6.65 -36.06
CA ASP B 279 -14.15 5.80 -37.18
C ASP B 279 -13.40 4.48 -37.14
N THR B 280 -12.06 4.55 -36.99
CA THR B 280 -11.25 3.34 -36.93
C THR B 280 -11.69 2.43 -35.79
N ALA B 281 -11.95 3.00 -34.61
CA ALA B 281 -12.44 2.20 -33.48
C ALA B 281 -13.80 1.58 -33.79
N LEU B 282 -14.66 2.31 -34.52
CA LEU B 282 -15.96 1.79 -34.88
C LEU B 282 -15.82 0.56 -35.79
N LYS B 283 -14.97 0.64 -36.81
CA LYS B 283 -14.78 -0.53 -37.67
C LYS B 283 -14.27 -1.71 -36.87
N ASN B 284 -13.42 -1.47 -35.88
CA ASN B 284 -12.82 -2.58 -35.15
C ASN B 284 -13.77 -3.23 -34.15
N ILE B 285 -14.96 -2.68 -33.91
CA ILE B 285 -15.99 -3.38 -33.15
C ILE B 285 -17.16 -3.78 -34.03
N GLY B 286 -17.02 -3.64 -35.34
CA GLY B 286 -18.01 -4.16 -36.27
C GLY B 286 -18.98 -3.14 -36.82
N ILE B 287 -18.76 -1.86 -36.56
CA ILE B 287 -19.59 -0.80 -37.15
C ILE B 287 -18.83 -0.26 -38.36
N ASP B 288 -19.38 -0.49 -39.55
CA ASP B 288 -18.74 -0.01 -40.76
C ASP B 288 -19.08 1.44 -41.10
N GLU B 289 -20.00 2.06 -40.39
CA GLU B 289 -20.29 3.47 -40.63
C GLU B 289 -19.24 4.36 -39.99
N ARG B 290 -18.96 5.48 -40.62
CA ARG B 290 -18.20 6.53 -39.94
C ARG B 290 -19.13 7.35 -39.08
N VAL B 291 -18.56 8.06 -38.11
CA VAL B 291 -19.42 9.03 -37.42
C VAL B 291 -19.90 10.05 -38.45
N PRO B 292 -21.20 10.29 -38.58
CA PRO B 292 -21.68 11.31 -39.52
C PRO B 292 -20.93 12.62 -39.31
N TYR B 293 -20.53 13.25 -40.43
CA TYR B 293 -19.62 14.39 -40.33
C TYR B 293 -20.27 15.62 -39.74
N ASN B 294 -21.60 15.69 -39.68
CA ASN B 294 -22.23 16.84 -39.05
C ASN B 294 -22.71 16.55 -37.63
N ALA B 295 -22.42 15.38 -37.10
CA ALA B 295 -22.74 15.12 -35.69
C ALA B 295 -21.90 16.02 -34.78
N PRO B 296 -22.51 16.84 -33.89
CA PRO B 296 -21.67 17.74 -33.05
C PRO B 296 -21.06 17.02 -31.85
N LEU B 297 -20.20 16.02 -32.13
CA LEU B 297 -19.56 15.28 -31.05
C LEU B 297 -18.68 16.17 -30.19
N ILE B 298 -18.11 17.21 -30.78
CA ILE B 298 -17.16 18.09 -30.12
C ILE B 298 -17.50 19.52 -30.47
N GLN B 299 -17.67 20.37 -29.46
CA GLN B 299 -17.97 21.79 -29.62
C GLN B 299 -17.06 22.58 -28.68
N PHE B 300 -16.84 23.83 -29.03
CA PHE B 300 -16.05 24.72 -28.18
C PHE B 300 -16.84 25.98 -27.91
N SER B 301 -16.74 26.45 -26.67
CA SER B 301 -17.40 27.66 -26.23
C SER B 301 -16.33 28.55 -25.62
N SER B 302 -16.73 29.75 -25.21
CA SER B 302 -15.76 30.71 -24.73
C SER B 302 -16.43 31.71 -23.80
N TRP B 303 -15.70 32.12 -22.78
CA TRP B 303 -16.11 33.23 -21.92
C TRP B 303 -15.37 34.52 -22.23
N MET B 304 -14.39 34.49 -23.12
CA MET B 304 -13.46 35.61 -23.28
C MET B 304 -14.18 36.74 -24.01
N GLY B 305 -14.41 37.84 -23.29
CA GLY B 305 -15.22 38.91 -23.82
C GLY B 305 -16.72 38.73 -23.62
N GLY B 306 -17.15 37.69 -22.89
CA GLY B 306 -18.55 37.54 -22.54
C GLY B 306 -18.85 37.59 -21.05
N ASP B 307 -17.90 37.13 -20.24
CA ASP B 307 -18.04 37.16 -18.79
C ASP B 307 -17.79 38.57 -18.27
N ARG B 308 -18.84 39.26 -17.85
CA ARG B 308 -18.76 40.59 -17.26
C ARG B 308 -19.00 40.56 -15.75
N ASP B 309 -19.10 39.37 -15.16
CA ASP B 309 -19.33 39.24 -13.72
C ASP B 309 -18.21 39.91 -12.94
N GLY B 310 -18.52 41.01 -12.26
CA GLY B 310 -17.49 41.71 -11.51
C GLY B 310 -16.32 42.14 -12.37
N ASN B 311 -16.59 42.59 -13.60
CA ASN B 311 -15.53 43.03 -14.51
C ASN B 311 -16.08 44.07 -15.45
N PRO B 312 -16.12 45.35 -15.01
CA PRO B 312 -16.68 46.40 -15.86
C PRO B 312 -15.90 46.65 -17.14
N ARG B 313 -14.66 46.15 -17.23
CA ARG B 313 -13.91 46.28 -18.47
C ARG B 313 -14.51 45.46 -19.61
N VAL B 314 -15.33 44.46 -19.32
CA VAL B 314 -16.04 43.73 -20.36
C VAL B 314 -17.32 44.50 -20.63
N THR B 315 -17.31 45.25 -21.71
CA THR B 315 -18.38 46.15 -22.10
C THR B 315 -19.18 45.54 -23.23
N PRO B 316 -20.33 46.11 -23.58
CA PRO B 316 -21.05 45.62 -24.76
C PRO B 316 -20.21 45.67 -26.02
N GLU B 317 -19.31 46.65 -26.14
CA GLU B 317 -18.49 46.79 -27.34
C GLU B 317 -17.43 45.70 -27.40
N VAL B 318 -16.84 45.37 -26.25
CA VAL B 318 -15.93 44.24 -26.15
C VAL B 318 -16.60 42.97 -26.65
N THR B 319 -17.86 42.76 -26.25
CA THR B 319 -18.58 41.56 -26.68
C THR B 319 -18.79 41.56 -28.18
N ARG B 320 -19.16 42.70 -28.75
CA ARG B 320 -19.31 42.78 -30.20
C ARG B 320 -18.00 42.48 -30.90
N ASP B 321 -16.89 43.06 -30.40
CA ASP B 321 -15.57 42.85 -30.97
C ASP B 321 -15.17 41.37 -30.99
N VAL B 322 -15.32 40.66 -29.85
CA VAL B 322 -14.85 39.28 -29.83
C VAL B 322 -15.72 38.41 -30.72
N CYS B 323 -17.00 38.75 -30.88
CA CYS B 323 -17.81 37.99 -31.82
C CYS B 323 -17.31 38.15 -33.25
N LEU B 324 -16.92 39.37 -33.62
CA LEU B 324 -16.41 39.63 -34.96
C LEU B 324 -15.02 39.03 -35.15
N LEU B 325 -14.16 39.16 -34.14
CA LEU B 325 -12.85 38.50 -34.16
C LEU B 325 -12.99 36.99 -34.38
N ALA B 326 -13.86 36.33 -33.61
CA ALA B 326 -14.03 34.88 -33.74
C ALA B 326 -14.46 34.51 -35.17
N ARG B 327 -15.39 35.28 -35.74
CA ARG B 327 -15.85 34.98 -37.09
C ARG B 327 -14.77 35.27 -38.12
N MET B 328 -13.98 36.31 -37.89
CA MET B 328 -12.83 36.57 -38.77
C MET B 328 -11.81 35.45 -38.69
N MET B 329 -11.50 34.98 -37.48
CA MET B 329 -10.50 33.92 -37.30
C MET B 329 -10.94 32.63 -37.96
N ALA B 330 -12.24 32.30 -37.84
CA ALA B 330 -12.78 31.11 -38.49
C ALA B 330 -12.64 31.20 -40.01
N ALA B 331 -13.15 32.28 -40.60
CA ALA B 331 -13.08 32.44 -42.06
C ALA B 331 -11.65 32.34 -42.56
N ASN B 332 -10.73 33.00 -41.85
CA ASN B 332 -9.31 32.93 -42.18
C ASN B 332 -8.79 31.49 -42.17
N LEU B 333 -9.17 30.71 -41.14
CA LEU B 333 -8.74 29.32 -41.08
C LEU B 333 -9.32 28.51 -42.24
N TYR B 334 -10.60 28.70 -42.55
CA TYR B 334 -11.18 28.03 -43.70
C TYR B 334 -10.50 28.45 -44.99
N TYR B 335 -10.21 29.74 -45.11
CA TYR B 335 -9.70 30.26 -46.37
C TYR B 335 -8.29 29.77 -46.63
N ASN B 336 -7.48 29.62 -45.57
CA ASN B 336 -6.12 29.13 -45.72
C ASN B 336 -6.06 27.62 -45.89
N GLN B 337 -7.20 26.97 -46.05
CA GLN B 337 -7.31 25.53 -46.21
C GLN B 337 -7.99 25.12 -47.51
N ILE B 338 -8.90 25.95 -48.04
CA ILE B 338 -9.75 25.55 -49.16
C ILE B 338 -8.92 25.26 -50.40
N GLU B 339 -7.80 25.97 -50.59
CA GLU B 339 -6.98 25.73 -51.78
C GLU B 339 -6.32 24.37 -51.77
N ASN B 340 -5.97 23.86 -50.59
CA ASN B 340 -5.43 22.51 -50.54
C ASN B 340 -6.47 21.51 -51.03
N LEU B 341 -7.74 21.72 -50.69
CA LEU B 341 -8.80 20.88 -51.25
C LEU B 341 -8.89 21.05 -52.75
N MET B 342 -8.78 22.29 -53.23
CA MET B 342 -8.82 22.52 -54.67
C MET B 342 -7.67 21.81 -55.37
N PHE B 343 -6.45 21.93 -54.83
CA PHE B 343 -5.31 21.27 -55.45
C PHE B 343 -5.56 19.78 -55.58
N GLU B 344 -6.07 19.17 -54.50
CA GLU B 344 -6.19 17.71 -54.44
C GLU B 344 -7.29 17.18 -55.36
N LEU B 345 -8.42 17.89 -55.44
CA LEU B 345 -9.59 17.38 -56.16
C LEU B 345 -9.59 17.85 -57.61
N SER B 346 -8.64 17.28 -58.36
CA SER B 346 -8.48 17.54 -59.78
C SER B 346 -9.30 16.59 -60.65
N MET B 347 -10.13 15.75 -60.02
CA MET B 347 -10.96 14.79 -60.73
C MET B 347 -11.77 15.46 -61.83
N TRP B 348 -12.05 14.70 -62.87
CA TRP B 348 -12.99 15.11 -63.90
C TRP B 348 -14.31 14.35 -63.84
N ARG B 349 -14.30 13.14 -63.28
CA ARG B 349 -15.52 12.36 -63.10
C ARG B 349 -16.40 12.97 -62.01
N CYS B 350 -17.66 13.20 -62.33
CA CYS B 350 -18.63 13.68 -61.35
C CYS B 350 -20.03 13.28 -61.82
N THR B 351 -21.00 13.44 -60.92
CA THR B 351 -22.38 13.12 -61.26
C THR B 351 -22.95 14.19 -62.21
N ASP B 352 -24.13 13.86 -62.78
CA ASP B 352 -24.83 14.85 -63.61
C ASP B 352 -25.23 16.06 -62.77
N GLU B 353 -25.70 15.82 -61.54
CA GLU B 353 -26.01 16.93 -60.64
C GLU B 353 -24.82 17.84 -60.45
N PHE B 354 -23.62 17.27 -60.26
CA PHE B 354 -22.45 18.09 -60.05
C PHE B 354 -22.08 18.85 -61.32
N ARG B 355 -22.21 18.21 -62.47
CA ARG B 355 -21.86 18.87 -63.73
C ARG B 355 -22.75 20.08 -63.97
N VAL B 356 -24.06 19.95 -63.70
CA VAL B 356 -24.97 21.08 -63.89
C VAL B 356 -24.56 22.23 -62.99
N ARG B 357 -24.18 21.94 -61.74
CA ARG B 357 -23.75 23.00 -60.84
C ARG B 357 -22.42 23.61 -61.27
N ALA B 358 -21.48 22.77 -61.72
CA ALA B 358 -20.19 23.30 -62.18
C ALA B 358 -20.38 24.17 -63.41
N ASP B 359 -21.10 23.67 -64.43
CA ASP B 359 -21.38 24.48 -65.61
C ASP B 359 -22.04 25.79 -65.22
N GLU B 360 -22.97 25.74 -64.26
CA GLU B 360 -23.70 26.93 -63.85
C GLU B 360 -22.76 28.04 -63.38
N LEU B 361 -21.66 27.67 -62.72
CA LEU B 361 -20.72 28.67 -62.21
C LEU B 361 -19.83 29.25 -63.31
N ILE B 374 -7.63 34.72 -52.71
CA ILE B 374 -7.81 34.63 -54.13
C ILE B 374 -6.75 33.69 -54.73
N GLU B 375 -5.53 33.64 -54.16
CA GLU B 375 -4.52 32.76 -54.79
C GLU B 375 -3.49 31.97 -54.00
N PHE B 376 -2.46 31.64 -54.81
CA PHE B 376 -1.82 30.33 -54.92
C PHE B 376 -2.64 29.56 -55.98
N TRP B 377 -3.03 30.21 -57.10
CA TRP B 377 -3.92 29.49 -58.01
C TRP B 377 -3.82 29.70 -59.55
N LYS B 378 -4.59 30.64 -60.14
CA LYS B 378 -4.69 31.00 -61.58
C LYS B 378 -5.59 30.13 -62.51
N THR B 379 -6.73 30.70 -62.96
CA THR B 379 -7.79 30.24 -63.90
C THR B 379 -8.15 28.74 -63.95
N ILE B 380 -9.42 28.42 -63.72
CA ILE B 380 -9.93 27.06 -63.48
C ILE B 380 -10.73 26.59 -64.69
N PRO B 381 -10.40 25.45 -65.28
CA PRO B 381 -11.12 24.97 -66.46
C PRO B 381 -12.38 24.21 -66.06
N PRO B 382 -13.39 24.16 -66.95
CA PRO B 382 -14.61 23.41 -66.63
C PRO B 382 -14.39 21.91 -66.54
N THR B 383 -13.26 21.40 -67.03
CA THR B 383 -12.98 19.97 -66.94
C THR B 383 -12.48 19.56 -65.55
N GLU B 384 -12.31 20.51 -64.65
CA GLU B 384 -12.00 20.26 -63.24
C GLU B 384 -13.18 20.80 -62.42
N PRO B 385 -14.31 20.07 -62.42
CA PRO B 385 -15.54 20.63 -61.83
C PRO B 385 -15.46 20.80 -60.31
N TYR B 386 -14.80 19.90 -59.59
CA TYR B 386 -14.67 20.09 -58.14
C TYR B 386 -13.91 21.37 -57.84
N ARG B 387 -12.91 21.68 -58.66
CA ARG B 387 -12.19 22.94 -58.50
C ARG B 387 -13.07 24.14 -58.76
N VAL B 388 -14.03 24.01 -59.69
CA VAL B 388 -14.94 25.13 -59.95
C VAL B 388 -15.84 25.39 -58.74
N ILE B 389 -16.44 24.34 -58.19
CA ILE B 389 -17.31 24.52 -57.02
C ILE B 389 -16.49 25.06 -55.86
N LEU B 390 -15.38 24.40 -55.54
CA LEU B 390 -14.56 24.83 -54.41
C LEU B 390 -13.94 26.20 -54.64
N GLY B 391 -13.62 26.56 -55.89
CA GLY B 391 -13.13 27.90 -56.15
C GLY B 391 -14.15 28.97 -55.80
N ASP B 392 -15.43 28.69 -56.06
CA ASP B 392 -16.47 29.61 -55.63
C ASP B 392 -16.56 29.69 -54.10
N VAL B 393 -16.35 28.57 -53.41
CA VAL B 393 -16.32 28.60 -51.95
C VAL B 393 -15.17 29.47 -51.45
N ARG B 394 -13.98 29.30 -52.05
CA ARG B 394 -12.87 30.20 -51.74
C ARG B 394 -13.27 31.66 -51.88
N ASP B 395 -13.95 32.00 -52.98
CA ASP B 395 -14.39 33.37 -53.23
C ASP B 395 -15.23 33.89 -52.07
N LYS B 396 -16.29 33.15 -51.69
CA LYS B 396 -17.12 33.58 -50.57
C LYS B 396 -16.34 33.60 -49.25
N LEU B 397 -15.39 32.69 -49.07
CA LEU B 397 -14.60 32.71 -47.83
C LEU B 397 -13.75 33.97 -47.74
N TYR B 398 -13.15 34.39 -48.88
CA TYR B 398 -12.37 35.62 -48.89
C TYR B 398 -13.21 36.82 -48.48
N HIS B 399 -14.42 36.94 -49.05
CA HIS B 399 -15.28 38.07 -48.71
C HIS B 399 -15.75 37.98 -47.27
N THR B 400 -16.13 36.78 -46.81
CA THR B 400 -16.48 36.57 -45.41
C THR B 400 -15.38 37.09 -44.49
N ARG B 401 -14.12 36.73 -44.78
CA ARG B 401 -13.03 37.18 -43.93
C ARG B 401 -12.87 38.70 -43.98
N GLU B 402 -12.88 39.27 -45.19
CA GLU B 402 -12.67 40.72 -45.30
C GLU B 402 -13.85 41.49 -44.74
N ARG B 403 -15.08 41.03 -44.99
CA ARG B 403 -16.23 41.72 -44.40
C ARG B 403 -16.14 41.75 -42.88
N SER B 404 -15.80 40.60 -42.27
CA SER B 404 -15.61 40.58 -40.83
C SER B 404 -14.52 41.53 -40.39
N ARG B 405 -13.39 41.53 -41.10
CA ARG B 405 -12.29 42.41 -40.74
C ARG B 405 -12.71 43.88 -40.81
N GLN B 406 -13.49 44.24 -41.84
CA GLN B 406 -13.95 45.62 -41.99
C GLN B 406 -14.92 45.99 -40.87
N LEU B 407 -15.99 45.20 -40.68
CA LEU B 407 -16.96 45.45 -39.62
C LEU B 407 -16.27 45.61 -38.27
N LEU B 408 -15.22 44.82 -38.04
CA LEU B 408 -14.50 44.88 -36.78
C LEU B 408 -13.72 46.18 -36.65
N SER B 409 -12.97 46.54 -37.69
CA SER B 409 -11.95 47.58 -37.59
C SER B 409 -12.48 49.00 -37.82
N ASN B 410 -13.69 49.15 -38.39
CA ASN B 410 -14.21 50.50 -38.62
C ASN B 410 -15.73 50.58 -38.52
N GLY B 411 -16.44 49.53 -38.12
CA GLY B 411 -17.84 49.41 -38.50
C GLY B 411 -17.94 49.41 -40.01
N ILE B 412 -19.14 49.18 -40.57
CA ILE B 412 -19.46 49.30 -42.00
C ILE B 412 -18.56 48.48 -42.93
N SER B 413 -19.14 47.98 -44.02
CA SER B 413 -18.33 47.23 -44.97
C SER B 413 -18.82 47.48 -46.38
N ASP B 414 -17.87 47.71 -47.29
CA ASP B 414 -18.16 47.62 -48.72
C ASP B 414 -18.96 46.35 -49.03
N ILE B 415 -18.47 45.23 -48.54
CA ILE B 415 -18.88 43.90 -48.96
C ILE B 415 -20.30 43.58 -48.50
N PRO B 416 -21.19 43.23 -49.42
CA PRO B 416 -22.55 42.86 -49.03
C PRO B 416 -22.60 41.49 -48.35
N GLU B 417 -23.63 41.29 -47.53
CA GLU B 417 -23.80 40.00 -46.87
C GLU B 417 -23.92 38.86 -47.88
N GLU B 418 -24.50 39.15 -49.06
CA GLU B 418 -24.84 38.11 -50.02
C GLU B 418 -23.62 37.49 -50.68
N ALA B 419 -22.47 38.16 -50.61
CA ALA B 419 -21.21 37.62 -51.11
C ALA B 419 -20.45 36.82 -50.08
N THR B 420 -21.02 36.64 -48.88
CA THR B 420 -20.36 35.97 -47.77
C THR B 420 -21.21 34.81 -47.27
N PHE B 421 -20.59 33.96 -46.45
CA PHE B 421 -21.33 32.95 -45.71
C PHE B 421 -21.81 33.57 -44.41
N THR B 422 -23.13 33.63 -44.22
CA THR B 422 -23.70 34.11 -42.98
C THR B 422 -24.25 33.02 -42.09
N ASN B 423 -24.59 31.86 -42.65
CA ASN B 423 -24.96 30.72 -41.83
C ASN B 423 -24.20 29.50 -42.32
N VAL B 424 -24.04 28.54 -41.41
CA VAL B 424 -23.12 27.44 -41.66
C VAL B 424 -23.61 26.53 -42.79
N GLU B 425 -24.93 26.40 -42.98
CA GLU B 425 -25.39 25.44 -43.99
C GLU B 425 -25.24 25.97 -45.41
N GLN B 426 -25.16 27.29 -45.59
CA GLN B 426 -24.65 27.81 -46.85
C GLN B 426 -23.29 27.22 -47.16
N PHE B 427 -22.35 27.37 -46.22
CA PHE B 427 -20.99 26.83 -46.36
C PHE B 427 -21.03 25.33 -46.60
N LEU B 428 -21.84 24.60 -45.81
CA LEU B 428 -21.86 23.14 -45.90
C LEU B 428 -22.40 22.64 -47.23
N GLU B 429 -23.32 23.37 -47.84
CA GLU B 429 -24.05 22.82 -48.99
C GLU B 429 -23.13 22.45 -50.16
N PRO B 430 -22.25 23.31 -50.66
CA PRO B 430 -21.36 22.89 -51.76
C PRO B 430 -20.37 21.82 -51.36
N LEU B 431 -19.94 21.80 -50.10
CA LEU B 431 -19.00 20.76 -49.65
C LEU B 431 -19.68 19.40 -49.62
N GLU B 432 -20.91 19.35 -49.11
CA GLU B 432 -21.68 18.11 -49.14
C GLU B 432 -21.98 17.67 -50.56
N LEU B 433 -22.20 18.62 -51.47
CA LEU B 433 -22.38 18.27 -52.88
C LEU B 433 -21.14 17.58 -53.42
N CYS B 434 -19.96 18.12 -53.10
CA CYS B 434 -18.72 17.46 -53.52
C CYS B 434 -18.63 16.05 -52.94
N TYR B 435 -18.99 15.88 -51.67
CA TYR B 435 -18.90 14.57 -51.04
C TYR B 435 -19.77 13.55 -51.76
N ARG B 436 -21.04 13.90 -52.00
CA ARG B 436 -21.97 12.92 -52.56
C ARG B 436 -21.60 12.58 -54.00
N SER B 437 -21.17 13.59 -54.78
CA SER B 437 -20.71 13.32 -56.13
C SER B 437 -19.53 12.36 -56.14
N LEU B 438 -18.53 12.61 -55.29
CA LEU B 438 -17.35 11.74 -55.27
C LEU B 438 -17.74 10.31 -54.91
N CYS B 439 -18.61 10.14 -53.92
CA CYS B 439 -19.01 8.80 -53.50
C CYS B 439 -19.78 8.08 -54.59
N SER B 440 -20.59 8.82 -55.36
CA SER B 440 -21.37 8.20 -56.42
C SER B 440 -20.49 7.70 -57.56
N CYS B 441 -19.37 8.37 -57.82
CA CYS B 441 -18.52 8.00 -58.93
C CYS B 441 -17.46 6.98 -58.57
N GLY B 442 -17.57 6.34 -57.39
CA GLY B 442 -16.56 5.38 -56.99
C GLY B 442 -15.38 5.94 -56.22
N ASP B 443 -15.40 7.21 -55.85
CA ASP B 443 -14.29 7.86 -55.16
C ASP B 443 -14.58 8.15 -53.68
N SER B 444 -15.40 7.33 -53.04
CA SER B 444 -15.63 7.54 -51.62
C SER B 444 -14.36 7.45 -50.78
N PRO B 445 -13.35 6.61 -51.11
CA PRO B 445 -12.07 6.71 -50.37
C PRO B 445 -11.46 8.09 -50.41
N ILE B 446 -11.60 8.78 -51.55
CA ILE B 446 -11.06 10.13 -51.67
C ILE B 446 -11.92 11.12 -50.91
N ALA B 447 -13.24 11.00 -51.03
CA ALA B 447 -14.12 11.90 -50.29
C ALA B 447 -13.88 11.78 -48.79
N ASP B 448 -13.50 10.59 -48.33
CA ASP B 448 -13.24 10.32 -46.92
C ASP B 448 -11.87 10.75 -46.46
N GLY B 449 -11.08 11.38 -47.33
CA GLY B 449 -9.82 11.96 -46.90
C GLY B 449 -9.99 13.39 -46.46
N SER B 450 -9.31 14.30 -47.17
CA SER B 450 -9.31 15.72 -46.80
C SER B 450 -10.70 16.31 -46.77
N LEU B 451 -11.57 15.93 -47.71
CA LEU B 451 -12.88 16.56 -47.75
C LEU B 451 -13.68 16.22 -46.50
N LEU B 452 -13.65 14.95 -46.08
CA LEU B 452 -14.29 14.55 -44.83
C LEU B 452 -13.73 15.32 -43.64
N ASP B 453 -12.40 15.51 -43.58
CA ASP B 453 -11.84 16.33 -42.51
C ASP B 453 -12.42 17.73 -42.53
N PHE B 454 -12.53 18.32 -43.73
CA PHE B 454 -13.01 19.70 -43.84
C PHE B 454 -14.48 19.79 -43.44
N LEU B 455 -15.30 18.83 -43.85
CA LEU B 455 -16.69 18.78 -43.41
C LEU B 455 -16.80 18.69 -41.88
N ARG B 456 -15.96 17.86 -41.27
CA ARG B 456 -16.00 17.75 -39.81
C ARG B 456 -15.54 19.04 -39.14
N GLN B 457 -14.59 19.75 -39.74
CA GLN B 457 -14.16 21.02 -39.19
C GLN B 457 -15.29 22.06 -39.27
N VAL B 458 -15.98 22.11 -40.42
CA VAL B 458 -17.10 23.06 -40.52
C VAL B 458 -18.16 22.74 -39.48
N SER B 459 -18.48 21.45 -39.30
CA SER B 459 -19.51 21.06 -38.34
C SER B 459 -19.08 21.33 -36.91
N THR B 460 -17.80 21.20 -36.61
CA THR B 460 -17.31 21.42 -35.25
C THR B 460 -17.18 22.90 -34.93
N PHE B 461 -16.58 23.67 -35.83
CA PHE B 461 -16.26 25.05 -35.51
C PHE B 461 -17.28 26.05 -36.05
N GLY B 462 -18.03 25.68 -37.08
CA GLY B 462 -18.98 26.60 -37.66
C GLY B 462 -18.30 27.86 -38.15
N LEU B 463 -19.06 28.94 -38.20
CA LEU B 463 -18.55 30.22 -38.69
C LEU B 463 -17.92 31.07 -37.61
N SER B 464 -17.87 30.62 -36.34
CA SER B 464 -17.31 31.43 -35.26
C SER B 464 -16.23 30.76 -34.44
N LEU B 465 -15.91 29.48 -34.68
CA LEU B 465 -14.99 28.70 -33.85
C LEU B 465 -15.56 28.38 -32.48
N VAL B 466 -16.04 29.39 -31.75
CA VAL B 466 -16.58 29.23 -30.39
C VAL B 466 -17.92 29.96 -30.32
N ARG B 467 -18.80 29.42 -29.49
CA ARG B 467 -19.95 30.17 -29.02
C ARG B 467 -19.56 30.90 -27.75
N LEU B 468 -19.97 32.17 -27.66
CA LEU B 468 -19.67 33.00 -26.52
C LEU B 468 -20.80 32.90 -25.49
N ASP B 469 -20.47 32.49 -24.25
CA ASP B 469 -21.37 32.67 -23.13
C ASP B 469 -21.36 34.12 -22.65
N ILE B 470 -22.52 34.62 -22.24
CA ILE B 470 -22.64 35.90 -21.56
C ILE B 470 -22.90 35.62 -20.08
N ARG B 471 -22.12 36.25 -19.19
CA ARG B 471 -22.35 36.04 -17.77
C ARG B 471 -22.49 37.36 -17.02
N GLN B 472 -23.56 37.47 -16.22
CA GLN B 472 -23.81 38.63 -15.38
C GLN B 472 -24.45 38.15 -14.07
N GLU B 473 -24.22 38.90 -13.00
CA GLU B 473 -24.73 38.47 -11.69
C GLU B 473 -26.18 38.90 -11.51
N SER B 474 -26.89 38.11 -10.70
CA SER B 474 -28.33 38.23 -10.62
C SER B 474 -28.76 39.60 -10.11
N GLU B 475 -28.03 40.17 -9.16
CA GLU B 475 -28.44 41.43 -8.55
C GLU B 475 -28.45 42.55 -9.57
N ARG B 476 -27.59 42.47 -10.61
CA ARG B 476 -27.61 43.49 -11.64
C ARG B 476 -28.90 43.43 -12.45
N HIS B 477 -29.50 42.25 -12.63
CA HIS B 477 -30.80 42.18 -13.29
C HIS B 477 -31.90 42.65 -12.35
N THR B 478 -31.79 42.31 -11.07
CA THR B 478 -32.71 42.84 -10.07
C THR B 478 -32.72 44.37 -10.08
N ASP B 479 -31.54 44.98 -10.19
CA ASP B 479 -31.44 46.45 -10.23
C ASP B 479 -32.26 47.03 -11.38
N VAL B 480 -32.17 46.41 -12.56
CA VAL B 480 -32.94 46.89 -13.70
C VAL B 480 -34.43 46.79 -13.41
N LEU B 481 -34.89 45.63 -12.93
CA LEU B 481 -36.32 45.49 -12.69
C LEU B 481 -36.79 46.37 -11.54
N ASP B 482 -35.92 46.64 -10.56
CA ASP B 482 -36.30 47.54 -9.48
C ASP B 482 -36.52 48.95 -10.01
N ALA B 483 -35.64 49.43 -10.89
CA ALA B 483 -35.81 50.76 -11.48
C ALA B 483 -37.08 50.82 -12.33
N ILE B 484 -37.37 49.74 -13.07
CA ILE B 484 -38.54 49.72 -13.94
C ILE B 484 -39.81 49.81 -13.10
N THR B 485 -39.89 49.01 -12.04
CA THR B 485 -41.09 48.98 -11.22
C THR B 485 -41.19 50.21 -10.34
N LYS B 486 -40.07 50.72 -9.85
CA LYS B 486 -40.07 51.98 -9.12
C LYS B 486 -40.74 53.08 -9.95
N HIS B 487 -40.39 53.15 -11.24
CA HIS B 487 -40.95 54.18 -12.11
C HIS B 487 -42.46 54.03 -12.29
N LEU B 488 -43.02 52.84 -12.05
CA LEU B 488 -44.47 52.68 -12.10
C LEU B 488 -45.19 53.45 -10.99
N ASP B 489 -44.48 53.81 -9.90
CA ASP B 489 -45.04 54.63 -8.81
C ASP B 489 -46.23 53.93 -8.14
N ILE B 490 -46.02 52.68 -7.72
CA ILE B 490 -47.09 51.86 -7.18
C ILE B 490 -46.87 51.55 -5.70
N GLY B 491 -46.03 52.34 -5.02
CA GLY B 491 -45.84 52.22 -3.59
C GLY B 491 -44.80 51.21 -3.15
N SER B 492 -44.29 50.38 -4.06
CA SER B 492 -43.19 49.46 -3.77
C SER B 492 -42.58 49.05 -5.10
N SER B 493 -41.49 48.31 -5.04
CA SER B 493 -40.78 47.93 -6.25
C SER B 493 -40.19 46.53 -6.09
N TYR B 494 -39.79 45.98 -7.24
CA TYR B 494 -39.33 44.61 -7.39
C TYR B 494 -38.44 44.15 -6.25
N ARG B 495 -37.46 44.96 -5.87
CA ARG B 495 -36.52 44.54 -4.84
C ARG B 495 -37.22 44.29 -3.51
N ASP B 496 -38.25 45.07 -3.17
CA ASP B 496 -38.99 44.87 -1.92
C ASP B 496 -39.73 43.54 -1.89
N TRP B 497 -40.12 43.02 -3.05
CA TRP B 497 -41.06 41.93 -3.08
C TRP B 497 -40.41 40.61 -2.67
N SER B 498 -41.23 39.72 -2.10
CA SER B 498 -40.81 38.38 -1.78
C SER B 498 -40.53 37.60 -3.05
N GLU B 499 -39.90 36.42 -2.91
CA GLU B 499 -39.67 35.60 -4.09
C GLU B 499 -40.99 35.28 -4.80
N GLU B 500 -42.03 35.00 -4.03
CA GLU B 500 -43.32 34.71 -4.61
C GLU B 500 -43.94 35.95 -5.27
N GLY B 501 -43.73 37.13 -4.69
CA GLY B 501 -44.23 38.34 -5.31
C GLY B 501 -43.53 38.66 -6.61
N ARG B 502 -42.20 38.47 -6.64
CA ARG B 502 -41.45 38.66 -7.88
C ARG B 502 -41.93 37.71 -8.96
N GLN B 503 -42.09 36.42 -8.63
CA GLN B 503 -42.58 35.46 -9.62
C GLN B 503 -43.93 35.89 -10.14
N GLU B 504 -44.82 36.35 -9.25
CA GLU B 504 -46.15 36.77 -9.67
C GLU B 504 -46.08 37.90 -10.66
N TRP B 505 -45.21 38.90 -10.40
CA TRP B 505 -45.06 40.02 -11.32
C TRP B 505 -44.42 39.57 -12.63
N LEU B 506 -43.35 38.78 -12.54
CA LEU B 506 -42.66 38.32 -13.75
C LEU B 506 -43.61 37.53 -14.64
N LEU B 507 -44.44 36.68 -14.05
CA LEU B 507 -45.30 35.86 -14.89
C LEU B 507 -46.45 36.67 -15.49
N ALA B 508 -46.92 37.71 -14.80
CA ALA B 508 -47.93 38.58 -15.40
C ALA B 508 -47.36 39.28 -16.63
N GLU B 509 -46.16 39.85 -16.50
CA GLU B 509 -45.46 40.41 -17.66
C GLU B 509 -45.28 39.37 -18.76
N LEU B 510 -44.76 38.21 -18.41
CA LEU B 510 -44.40 37.23 -19.44
C LEU B 510 -45.62 36.73 -20.19
N SER B 511 -46.71 36.49 -19.47
CA SER B 511 -47.93 36.00 -20.08
C SER B 511 -48.67 37.08 -20.85
N GLY B 512 -48.33 38.35 -20.64
CA GLY B 512 -48.92 39.44 -21.40
C GLY B 512 -48.00 39.89 -22.53
N LYS B 513 -48.42 40.96 -23.20
CA LYS B 513 -47.65 41.48 -24.32
C LYS B 513 -47.53 43.00 -24.30
N ARG B 514 -47.63 43.60 -23.12
CA ARG B 514 -47.37 45.02 -23.00
C ARG B 514 -45.86 45.25 -22.92
N PRO B 515 -45.31 46.23 -23.63
CA PRO B 515 -43.85 46.43 -23.60
C PRO B 515 -43.39 46.89 -22.22
N LEU B 516 -42.33 46.26 -21.73
CA LEU B 516 -41.73 46.67 -20.46
C LEU B 516 -41.02 48.02 -20.59
N PHE B 517 -40.55 48.35 -21.78
CA PHE B 517 -39.85 49.60 -22.01
C PHE B 517 -40.67 50.58 -22.83
N GLY B 518 -40.18 51.82 -22.83
CA GLY B 518 -40.89 52.97 -23.30
C GLY B 518 -41.18 54.03 -22.22
N PRO B 519 -40.25 54.23 -21.21
CA PRO B 519 -40.53 55.25 -20.19
C PRO B 519 -39.48 56.35 -20.04
N ASP B 520 -39.56 57.23 -19.03
CA ASP B 520 -38.40 58.06 -18.69
C ASP B 520 -37.29 57.22 -18.11
N LEU B 521 -37.35 55.88 -18.24
CA LEU B 521 -36.62 54.94 -17.38
C LEU B 521 -35.27 55.51 -16.96
N PRO B 522 -35.19 56.07 -15.75
CA PRO B 522 -33.91 56.64 -15.30
C PRO B 522 -32.86 55.55 -15.24
N LYS B 523 -31.95 55.57 -16.20
CA LYS B 523 -30.97 54.52 -16.37
C LYS B 523 -29.64 54.97 -15.80
N THR B 524 -29.15 54.25 -14.79
CA THR B 524 -27.80 54.43 -14.28
C THR B 524 -26.78 53.86 -15.28
N GLU B 525 -25.50 54.06 -14.96
CA GLU B 525 -24.42 53.47 -15.75
C GLU B 525 -24.54 51.95 -15.79
N GLU B 526 -24.66 51.32 -14.62
CA GLU B 526 -24.72 49.85 -14.55
C GLU B 526 -25.96 49.32 -15.25
N ILE B 527 -27.10 49.98 -15.06
CA ILE B 527 -28.34 49.52 -15.69
C ILE B 527 -28.23 49.62 -17.19
N SER B 528 -27.65 50.72 -17.70
CA SER B 528 -27.47 50.90 -19.13
C SER B 528 -26.59 49.80 -19.70
N ASP B 529 -25.55 49.42 -18.95
CA ASP B 529 -24.67 48.33 -19.39
C ASP B 529 -25.46 47.03 -19.58
N VAL B 530 -26.31 46.68 -18.61
CA VAL B 530 -27.10 45.46 -18.70
C VAL B 530 -27.97 45.46 -19.95
N LEU B 531 -28.69 46.57 -20.18
CA LEU B 531 -29.59 46.66 -21.33
C LEU B 531 -28.83 46.73 -22.64
N ASP B 532 -27.72 47.48 -22.66
CA ASP B 532 -26.87 47.55 -23.84
C ASP B 532 -26.22 46.20 -24.16
N THR B 533 -25.94 45.38 -23.14
CA THR B 533 -25.45 44.03 -23.41
C THR B 533 -26.51 43.24 -24.17
N PHE B 534 -27.75 43.29 -23.70
CA PHE B 534 -28.84 42.63 -24.42
C PHE B 534 -29.03 43.23 -25.80
N LYS B 535 -28.76 44.53 -25.96
CA LYS B 535 -28.89 45.15 -27.28
C LYS B 535 -27.88 44.54 -28.26
N VAL B 536 -26.61 44.52 -27.87
CA VAL B 536 -25.56 43.87 -28.67
C VAL B 536 -25.94 42.45 -29.04
N ILE B 537 -26.49 41.69 -28.08
CA ILE B 537 -26.91 40.32 -28.35
C ILE B 537 -27.98 40.28 -29.43
N SER B 538 -28.96 41.19 -29.35
CA SER B 538 -30.09 41.18 -30.29
C SER B 538 -29.64 41.47 -31.72
N GLU B 539 -28.49 42.13 -31.89
CA GLU B 539 -28.01 42.59 -33.19
C GLU B 539 -26.98 41.68 -33.85
N LEU B 540 -26.52 40.63 -33.18
CA LEU B 540 -25.52 39.73 -33.75
C LEU B 540 -26.15 38.37 -34.08
N PRO B 541 -25.56 37.61 -35.02
CA PRO B 541 -26.14 36.31 -35.36
C PRO B 541 -26.22 35.41 -34.13
N SER B 542 -27.26 34.57 -34.09
CA SER B 542 -27.46 33.73 -32.92
C SER B 542 -26.35 32.68 -32.80
N ASP B 543 -25.67 32.35 -33.90
CA ASP B 543 -24.56 31.40 -33.88
C ASP B 543 -23.35 31.91 -33.11
N CYS B 544 -23.28 33.19 -32.78
CA CYS B 544 -22.16 33.72 -32.01
C CYS B 544 -22.21 33.34 -30.54
N PHE B 545 -23.38 32.99 -30.01
CA PHE B 545 -23.63 32.98 -28.59
C PHE B 545 -23.97 31.60 -28.08
N GLY B 546 -23.66 31.37 -26.80
CA GLY B 546 -24.06 30.16 -26.12
C GLY B 546 -25.07 30.44 -25.04
N ALA B 547 -24.68 30.23 -23.79
CA ALA B 547 -25.57 30.37 -22.65
C ALA B 547 -25.52 31.79 -22.09
N TYR B 548 -26.62 32.20 -21.46
CA TYR B 548 -26.60 33.37 -20.59
C TYR B 548 -26.51 32.85 -19.16
N ILE B 549 -25.35 33.02 -18.54
CA ILE B 549 -25.07 32.51 -17.21
C ILE B 549 -25.45 33.59 -16.20
N ILE B 550 -26.17 33.21 -15.16
CA ILE B 550 -26.50 34.13 -14.08
C ILE B 550 -25.63 33.77 -12.88
N SER B 551 -24.64 34.60 -12.58
CA SER B 551 -23.85 34.42 -11.36
C SER B 551 -24.69 34.73 -10.13
N MET B 552 -24.33 34.07 -9.03
CA MET B 552 -25.00 34.32 -7.75
C MET B 552 -26.50 34.12 -7.89
N ALA B 553 -26.89 33.13 -8.70
CA ALA B 553 -28.29 32.76 -8.85
C ALA B 553 -28.77 32.02 -7.61
N THR B 554 -30.03 32.29 -7.21
CA THR B 554 -30.63 31.57 -6.09
C THR B 554 -32.04 31.04 -6.39
N SER B 555 -32.79 31.72 -7.25
CA SER B 555 -34.24 31.66 -7.23
C SER B 555 -34.82 31.55 -8.63
N PRO B 556 -36.03 31.01 -8.76
CA PRO B 556 -36.69 31.01 -10.07
C PRO B 556 -36.81 32.40 -10.66
N SER B 557 -37.00 33.43 -9.82
CA SER B 557 -37.18 34.78 -10.34
C SER B 557 -35.90 35.31 -11.00
N ASP B 558 -34.72 34.86 -10.55
CA ASP B 558 -33.48 35.26 -11.21
C ASP B 558 -33.47 34.82 -12.67
N VAL B 559 -33.91 33.60 -12.94
CA VAL B 559 -33.94 33.09 -14.31
C VAL B 559 -35.04 33.78 -15.12
N LEU B 560 -36.26 33.84 -14.55
CA LEU B 560 -37.36 34.52 -15.24
C LEU B 560 -37.03 35.98 -15.54
N ALA B 561 -36.29 36.64 -14.65
CA ALA B 561 -35.98 38.05 -14.87
C ALA B 561 -35.16 38.24 -16.15
N VAL B 562 -34.21 37.32 -16.41
CA VAL B 562 -33.39 37.43 -17.60
C VAL B 562 -34.18 37.03 -18.84
N GLU B 563 -35.08 36.05 -18.71
CA GLU B 563 -35.95 35.73 -19.83
C GLU B 563 -36.81 36.94 -20.21
N LEU B 564 -37.32 37.66 -19.22
CA LEU B 564 -38.14 38.84 -19.51
C LEU B 564 -37.29 39.90 -20.19
N LEU B 565 -36.08 40.14 -19.67
CA LEU B 565 -35.26 41.21 -20.21
C LEU B 565 -34.76 40.87 -21.61
N GLN B 566 -34.45 39.60 -21.88
CA GLN B 566 -34.10 39.20 -23.25
C GLN B 566 -35.23 39.52 -24.22
N ARG B 567 -36.45 39.11 -23.88
CA ARG B 567 -37.59 39.31 -24.77
C ARG B 567 -37.88 40.79 -24.98
N GLU B 568 -37.79 41.59 -23.91
CA GLU B 568 -38.15 42.99 -23.96
C GLU B 568 -37.06 43.85 -24.57
N CYS B 569 -35.84 43.33 -24.65
CA CYS B 569 -34.75 43.97 -25.39
C CYS B 569 -34.66 43.47 -26.83
N HIS B 570 -35.62 42.64 -27.25
CA HIS B 570 -35.82 42.24 -28.63
C HIS B 570 -34.73 41.27 -29.12
N VAL B 571 -34.28 40.39 -28.24
CA VAL B 571 -33.47 39.23 -28.65
C VAL B 571 -34.43 38.23 -29.28
N LYS B 572 -34.40 38.13 -30.61
CA LYS B 572 -35.35 37.28 -31.31
C LYS B 572 -35.11 35.80 -31.04
N ASN B 573 -33.86 35.40 -30.87
CA ASN B 573 -33.52 34.02 -30.49
C ASN B 573 -32.87 34.10 -29.12
N PRO B 574 -33.66 34.07 -28.05
CA PRO B 574 -33.08 34.25 -26.71
C PRO B 574 -32.07 33.16 -26.37
N LEU B 575 -31.02 33.56 -25.67
CA LEU B 575 -30.04 32.59 -25.20
C LEU B 575 -30.69 31.71 -24.14
N ARG B 576 -30.24 30.45 -24.07
CA ARG B 576 -30.64 29.62 -22.95
C ARG B 576 -30.10 30.25 -21.69
N VAL B 577 -30.89 30.20 -20.62
CA VAL B 577 -30.54 30.87 -19.38
C VAL B 577 -30.07 29.84 -18.37
N VAL B 578 -28.90 30.09 -17.77
CA VAL B 578 -28.20 29.09 -16.98
C VAL B 578 -27.90 29.67 -15.61
N PRO B 579 -28.60 29.23 -14.55
CA PRO B 579 -28.25 29.72 -13.22
C PRO B 579 -26.95 29.08 -12.75
N LEU B 580 -26.09 29.91 -12.14
CA LEU B 580 -24.91 29.44 -11.44
C LEU B 580 -25.19 29.55 -9.95
N PHE B 581 -25.40 28.41 -9.29
CA PHE B 581 -25.66 28.36 -7.84
C PHE B 581 -24.33 28.19 -7.12
N GLU B 582 -23.97 29.17 -6.27
CA GLU B 582 -22.61 29.27 -5.75
C GLU B 582 -22.49 28.86 -4.28
N LYS B 583 -23.24 29.50 -3.39
CA LYS B 583 -23.09 29.16 -1.98
C LYS B 583 -23.79 27.87 -1.64
N LEU B 584 -23.33 27.27 -0.55
CA LEU B 584 -23.87 25.99 -0.11
C LEU B 584 -25.40 26.06 0.03
N ALA B 585 -25.91 27.10 0.67
CA ALA B 585 -27.36 27.25 0.82
C ALA B 585 -28.05 27.38 -0.54
N ASP B 586 -27.40 28.03 -1.50
CA ASP B 586 -27.96 28.13 -2.86
C ASP B 586 -27.99 26.76 -3.55
N LEU B 587 -26.91 25.99 -3.42
CA LEU B 587 -26.91 24.61 -3.93
C LEU B 587 -28.04 23.80 -3.32
N GLU B 588 -28.22 23.91 -2.00
CA GLU B 588 -29.24 23.12 -1.34
C GLU B 588 -30.63 23.51 -1.82
N ALA B 589 -30.85 24.78 -2.16
CA ALA B 589 -32.15 25.20 -2.66
C ALA B 589 -32.28 25.03 -4.17
N ALA B 590 -31.20 24.69 -4.88
CA ALA B 590 -31.26 24.69 -6.33
C ALA B 590 -32.24 23.68 -6.92
N PRO B 591 -32.34 22.43 -6.44
CA PRO B 591 -33.31 21.51 -7.06
C PRO B 591 -34.75 22.01 -6.98
N ALA B 592 -35.17 22.56 -5.84
CA ALA B 592 -36.53 23.08 -5.73
C ALA B 592 -36.72 24.29 -6.63
N ALA B 593 -35.70 25.15 -6.75
CA ALA B 593 -35.80 26.29 -7.66
C ALA B 593 -36.01 25.81 -9.09
N VAL B 594 -35.25 24.80 -9.50
CA VAL B 594 -35.34 24.31 -10.86
C VAL B 594 -36.69 23.63 -11.09
N ALA B 595 -37.16 22.85 -10.11
CA ALA B 595 -38.47 22.24 -10.20
C ALA B 595 -39.56 23.29 -10.34
N ARG B 596 -39.47 24.39 -9.60
CA ARG B 596 -40.44 25.46 -9.77
C ARG B 596 -40.36 26.03 -11.19
N LEU B 597 -39.15 26.26 -11.71
CA LEU B 597 -39.05 26.74 -13.10
C LEU B 597 -39.73 25.78 -14.07
N PHE B 598 -39.45 24.47 -13.96
CA PHE B 598 -40.01 23.51 -14.89
C PHE B 598 -41.53 23.43 -14.78
N SER B 599 -42.08 23.71 -13.59
CA SER B 599 -43.52 23.67 -13.40
C SER B 599 -44.25 24.88 -13.95
N ILE B 600 -43.52 25.90 -14.38
CA ILE B 600 -44.12 27.13 -14.91
C ILE B 600 -44.30 26.98 -16.42
N ASP B 601 -45.56 27.09 -16.89
CA ASP B 601 -45.88 26.80 -18.29
C ASP B 601 -45.07 27.64 -19.27
N TRP B 602 -44.96 28.95 -18.99
CA TRP B 602 -44.22 29.80 -19.91
C TRP B 602 -42.78 29.33 -20.03
N TYR B 603 -42.14 29.04 -18.90
CA TYR B 603 -40.74 28.63 -18.92
C TYR B 603 -40.58 27.25 -19.54
N LYS B 604 -41.46 26.30 -19.17
CA LYS B 604 -41.43 24.97 -19.77
C LYS B 604 -41.52 25.04 -21.29
N ASN B 605 -42.42 25.87 -21.80
CA ASN B 605 -42.54 26.02 -23.25
C ASN B 605 -41.30 26.68 -23.86
N ARG B 606 -40.72 27.68 -23.18
CA ARG B 606 -39.58 28.37 -23.74
C ARG B 606 -38.37 27.45 -23.91
N ILE B 607 -38.17 26.48 -22.99
CA ILE B 607 -36.90 25.76 -22.97
C ILE B 607 -36.88 24.54 -23.88
N ASN B 608 -38.05 24.09 -24.35
CA ASN B 608 -38.12 23.03 -25.35
C ASN B 608 -37.34 21.78 -24.90
N GLY B 609 -37.60 21.35 -23.67
CA GLY B 609 -37.06 20.10 -23.16
C GLY B 609 -35.59 20.08 -22.77
N LYS B 610 -34.94 21.22 -22.60
CA LYS B 610 -33.50 21.26 -22.31
C LYS B 610 -33.20 22.32 -21.27
N GLN B 611 -32.30 21.99 -20.33
CA GLN B 611 -31.87 22.92 -19.30
C GLN B 611 -30.41 22.69 -18.98
N GLU B 612 -29.67 23.78 -18.83
CA GLU B 612 -28.30 23.74 -18.37
C GLU B 612 -28.22 24.43 -17.03
N VAL B 613 -27.47 23.83 -16.11
CA VAL B 613 -27.25 24.37 -14.76
C VAL B 613 -25.74 24.39 -14.52
N MET B 614 -25.22 25.51 -14.07
CA MET B 614 -23.79 25.64 -13.87
C MET B 614 -23.45 25.45 -12.39
N ILE B 615 -22.35 24.76 -12.13
CA ILE B 615 -21.82 24.67 -10.76
C ILE B 615 -20.37 25.17 -10.77
N GLY B 616 -19.96 25.75 -9.65
CA GLY B 616 -18.62 26.28 -9.56
C GLY B 616 -17.92 25.79 -8.32
N TYR B 617 -16.94 24.89 -8.49
CA TYR B 617 -16.29 24.26 -7.34
C TYR B 617 -15.49 25.25 -6.52
N SER B 618 -14.66 26.07 -7.17
CA SER B 618 -13.92 27.08 -6.42
C SER B 618 -14.87 28.03 -5.70
N ASP B 619 -15.98 28.39 -6.36
CA ASP B 619 -16.95 29.31 -5.77
C ASP B 619 -17.57 28.72 -4.51
N SER B 620 -18.04 27.46 -4.59
CA SER B 620 -18.69 26.84 -3.45
C SER B 620 -17.70 26.54 -2.33
N GLY B 621 -16.47 26.16 -2.68
CA GLY B 621 -15.48 25.87 -1.66
C GLY B 621 -15.05 27.11 -0.89
N LYS B 622 -15.10 28.29 -1.52
CA LYS B 622 -14.82 29.51 -0.79
C LYS B 622 -15.87 29.76 0.28
N ASP B 623 -17.13 29.40 0.00
CA ASP B 623 -18.20 29.63 0.97
C ASP B 623 -18.13 28.64 2.12
N ALA B 624 -17.74 27.40 1.87
CA ALA B 624 -17.97 26.35 2.84
C ALA B 624 -16.83 25.36 2.99
N GLY B 625 -15.74 25.55 2.28
CA GLY B 625 -14.71 24.54 2.33
C GLY B 625 -14.92 23.50 1.26
N ARG B 626 -13.79 22.98 0.77
CA ARG B 626 -13.83 22.15 -0.44
C ARG B 626 -14.51 20.81 -0.19
N LEU B 627 -14.28 20.18 0.97
CA LEU B 627 -14.93 18.91 1.23
C LEU B 627 -16.46 19.04 1.20
N SER B 628 -16.99 20.04 1.91
CA SER B 628 -18.44 20.19 1.96
C SER B 628 -19.00 20.61 0.61
N ALA B 629 -18.29 21.48 -0.11
CA ALA B 629 -18.70 21.83 -1.46
C ALA B 629 -18.76 20.58 -2.33
N ALA B 630 -17.72 19.73 -2.25
CA ALA B 630 -17.68 18.57 -3.12
C ALA B 630 -18.85 17.64 -2.86
N TRP B 631 -19.16 17.41 -1.57
CA TRP B 631 -20.24 16.48 -1.24
C TRP B 631 -21.60 17.08 -1.54
N GLU B 632 -21.80 18.37 -1.22
CA GLU B 632 -23.07 19.01 -1.55
C GLU B 632 -23.30 19.05 -3.05
N LEU B 633 -22.23 19.24 -3.83
CA LEU B 633 -22.36 19.26 -5.29
C LEU B 633 -22.72 17.89 -5.86
N TYR B 634 -22.14 16.82 -5.29
CA TYR B 634 -22.56 15.48 -5.71
C TYR B 634 -24.05 15.30 -5.48
N LYS B 635 -24.52 15.63 -4.27
CA LYS B 635 -25.92 15.46 -3.91
C LYS B 635 -26.82 16.37 -4.72
N ALA B 636 -26.42 17.64 -4.90
CA ALA B 636 -27.26 18.57 -5.66
C ALA B 636 -27.48 18.07 -7.08
N GLN B 637 -26.44 17.50 -7.69
CA GLN B 637 -26.60 16.93 -9.03
C GLN B 637 -27.51 15.70 -9.01
N GLU B 638 -27.39 14.85 -8.00
CA GLU B 638 -28.33 13.74 -7.84
C GLU B 638 -29.77 14.23 -7.85
N GLU B 639 -30.05 15.30 -7.09
CA GLU B 639 -31.41 15.82 -6.96
C GLU B 639 -31.86 16.51 -8.25
N LEU B 640 -30.99 17.31 -8.88
CA LEU B 640 -31.35 17.90 -10.15
C LEU B 640 -31.70 16.85 -11.20
N VAL B 641 -30.97 15.72 -11.20
CA VAL B 641 -31.31 14.62 -12.11
C VAL B 641 -32.75 14.16 -11.88
N LYS B 642 -33.13 14.00 -10.61
CA LYS B 642 -34.49 13.54 -10.31
C LYS B 642 -35.51 14.55 -10.77
N VAL B 643 -35.24 15.85 -10.54
CA VAL B 643 -36.17 16.88 -10.97
C VAL B 643 -36.33 16.82 -12.49
N ALA B 644 -35.21 16.82 -13.23
CA ALA B 644 -35.27 16.83 -14.68
C ALA B 644 -36.02 15.62 -15.21
N LYS B 645 -35.77 14.44 -14.63
CA LYS B 645 -36.52 13.26 -15.05
C LYS B 645 -38.02 13.43 -14.82
N LYS B 646 -38.40 13.95 -13.65
CA LYS B 646 -39.81 14.16 -13.36
C LYS B 646 -40.48 15.01 -14.44
N TYR B 647 -39.82 16.09 -14.87
CA TYR B 647 -40.45 17.01 -15.82
C TYR B 647 -40.08 16.71 -17.27
N GLY B 648 -39.36 15.63 -17.54
CA GLY B 648 -39.00 15.30 -18.91
C GLY B 648 -38.01 16.24 -19.57
N VAL B 649 -37.07 16.80 -18.82
CA VAL B 649 -36.12 17.77 -19.34
C VAL B 649 -34.75 17.12 -19.43
N LYS B 650 -34.03 17.38 -20.52
CA LYS B 650 -32.66 16.89 -20.68
C LYS B 650 -31.73 17.90 -20.01
N LEU B 651 -31.09 17.45 -18.94
CA LEU B 651 -30.31 18.33 -18.08
C LEU B 651 -28.83 18.26 -18.45
N THR B 652 -28.22 19.41 -18.68
CA THR B 652 -26.77 19.49 -18.87
C THR B 652 -26.17 20.21 -17.67
N MET B 653 -25.20 19.57 -17.01
CA MET B 653 -24.40 20.23 -15.99
C MET B 653 -23.21 20.92 -16.64
N PHE B 654 -22.99 22.18 -16.29
CA PHE B 654 -21.84 22.96 -16.75
C PHE B 654 -20.86 23.03 -15.58
N HIS B 655 -19.73 22.34 -15.71
CA HIS B 655 -18.72 22.31 -14.65
C HIS B 655 -17.86 23.56 -14.73
N GLY B 656 -17.96 24.41 -13.70
CA GLY B 656 -17.09 25.55 -13.57
C GLY B 656 -15.72 25.15 -13.04
N ARG B 657 -14.85 26.15 -12.90
CA ARG B 657 -13.48 25.88 -12.55
C ARG B 657 -13.38 25.31 -11.13
N GLY B 658 -12.27 24.62 -10.89
CA GLY B 658 -11.91 24.12 -9.60
C GLY B 658 -12.28 22.67 -9.33
N GLY B 659 -12.89 22.00 -10.26
CA GLY B 659 -13.30 20.63 -10.04
C GLY B 659 -12.25 19.63 -10.49
N THR B 660 -12.44 18.38 -10.09
CA THR B 660 -11.58 17.30 -10.56
C THR B 660 -11.64 17.16 -12.08
N VAL B 661 -12.79 17.44 -12.71
CA VAL B 661 -12.85 17.39 -14.17
C VAL B 661 -12.03 18.49 -14.82
N GLY B 662 -11.58 19.47 -14.07
CA GLY B 662 -10.79 20.56 -14.63
C GLY B 662 -9.30 20.40 -14.56
N ARG B 663 -8.82 19.26 -14.03
CA ARG B 663 -7.39 19.01 -13.91
C ARG B 663 -6.70 18.80 -15.27
N GLY B 664 -7.42 18.39 -16.29
CA GLY B 664 -6.71 17.91 -17.47
C GLY B 664 -5.77 16.74 -17.21
N GLY B 665 -5.08 16.29 -18.24
CA GLY B 665 -4.40 15.03 -18.09
C GLY B 665 -5.36 13.86 -17.80
N GLY B 666 -4.72 12.72 -17.57
CA GLY B 666 -5.39 11.51 -17.15
C GLY B 666 -6.41 11.65 -16.03
N PRO B 667 -6.13 12.43 -14.98
CA PRO B 667 -7.11 12.52 -13.88
C PRO B 667 -8.50 12.96 -14.32
N THR B 668 -8.59 13.79 -15.38
CA THR B 668 -9.88 14.20 -15.91
C THR B 668 -10.74 13.02 -16.33
N HIS B 669 -10.10 11.95 -16.82
CA HIS B 669 -10.85 10.80 -17.33
C HIS B 669 -11.67 10.15 -16.21
N LEU B 670 -11.02 9.81 -15.09
CA LEU B 670 -11.76 9.24 -13.97
C LEU B 670 -12.71 10.26 -13.35
N ALA B 671 -12.32 11.54 -13.34
CA ALA B 671 -13.19 12.59 -12.80
C ALA B 671 -14.55 12.57 -13.49
N ILE B 672 -14.57 12.43 -14.82
CA ILE B 672 -15.83 12.39 -15.54
C ILE B 672 -16.60 11.12 -15.18
N LEU B 673 -15.93 9.96 -15.22
CA LEU B 673 -16.57 8.70 -14.88
C LEU B 673 -17.14 8.70 -13.46
N SER B 674 -16.59 9.52 -12.55
CA SER B 674 -17.05 9.55 -11.17
C SER B 674 -18.30 10.40 -10.97
N GLN B 675 -18.77 11.11 -12.00
CA GLN B 675 -19.99 11.89 -11.90
C GLN B 675 -21.15 11.03 -11.39
N PRO B 676 -22.07 11.57 -10.60
CA PRO B 676 -23.25 10.80 -10.18
C PRO B 676 -23.97 10.22 -11.38
N PRO B 677 -24.57 9.04 -11.24
CA PRO B 677 -25.26 8.41 -12.37
C PRO B 677 -26.26 9.35 -13.03
N ASP B 678 -26.32 9.29 -14.35
CA ASP B 678 -27.27 10.01 -15.20
C ASP B 678 -27.05 11.52 -15.21
N THR B 679 -25.99 12.04 -14.59
CA THR B 679 -25.70 13.47 -14.71
C THR B 679 -24.98 13.87 -15.99
N VAL B 680 -24.60 12.91 -16.84
CA VAL B 680 -23.90 13.26 -18.08
C VAL B 680 -24.87 13.09 -19.24
N ASN B 681 -25.34 11.86 -19.45
CA ASN B 681 -26.42 11.57 -20.39
C ASN B 681 -26.12 12.15 -21.77
N GLY B 682 -24.90 11.93 -22.25
CA GLY B 682 -24.53 12.36 -23.58
C GLY B 682 -24.18 13.82 -23.76
N SER B 683 -24.07 14.60 -22.68
CA SER B 683 -23.88 16.04 -22.84
C SER B 683 -22.95 16.53 -21.72
N LEU B 684 -21.67 16.70 -22.04
CA LEU B 684 -20.67 17.14 -21.08
C LEU B 684 -20.32 18.59 -21.41
N ARG B 685 -20.37 19.47 -20.42
CA ARG B 685 -19.95 20.85 -20.62
C ARG B 685 -18.98 21.20 -19.51
N VAL B 686 -17.76 21.58 -19.87
CA VAL B 686 -16.66 21.63 -18.92
C VAL B 686 -15.80 22.85 -19.21
N THR B 687 -15.51 23.60 -18.15
CA THR B 687 -14.55 24.69 -18.25
C THR B 687 -13.14 24.15 -18.48
N VAL B 688 -12.47 24.70 -19.50
CA VAL B 688 -11.03 24.48 -19.68
C VAL B 688 -10.37 25.69 -19.05
N GLN B 689 -9.78 25.51 -17.86
CA GLN B 689 -9.19 26.62 -17.14
C GLN B 689 -7.95 27.13 -17.86
N GLY B 690 -7.82 28.45 -17.91
CA GLY B 690 -6.69 29.08 -18.59
C GLY B 690 -5.35 28.52 -18.16
N GLU B 691 -5.20 28.23 -16.87
CA GLU B 691 -3.91 27.73 -16.41
C GLU B 691 -3.66 26.29 -16.84
N VAL B 692 -4.63 25.64 -17.46
CA VAL B 692 -4.51 24.25 -17.90
C VAL B 692 -4.52 24.12 -19.43
N ILE B 693 -4.86 25.18 -20.16
CA ILE B 693 -5.12 25.01 -21.59
C ILE B 693 -3.86 24.61 -22.33
N GLU B 694 -2.70 25.15 -21.93
CA GLU B 694 -1.45 24.81 -22.59
C GLU B 694 -1.13 23.33 -22.45
N GLN B 695 -1.30 22.77 -21.23
CA GLN B 695 -1.06 21.33 -21.04
C GLN B 695 -2.11 20.49 -21.75
N SER B 696 -3.36 20.99 -21.82
CA SER B 696 -4.44 20.21 -22.44
C SER B 696 -4.34 20.18 -23.95
N PHE B 697 -3.92 21.30 -24.58
CA PHE B 697 -3.98 21.46 -26.03
C PHE B 697 -2.70 21.97 -26.68
N GLY B 698 -1.64 22.28 -25.91
CA GLY B 698 -0.48 22.91 -26.50
C GLY B 698 0.28 22.00 -27.45
N GLU B 699 0.41 20.73 -27.10
CA GLU B 699 1.16 19.75 -27.89
C GLU B 699 0.17 18.82 -28.58
N ALA B 700 0.45 18.48 -29.86
CA ALA B 700 -0.56 17.82 -30.70
C ALA B 700 -1.02 16.47 -30.15
N HIS B 701 -0.11 15.66 -29.63
CA HIS B 701 -0.52 14.38 -29.05
C HIS B 701 -1.39 14.58 -27.82
N LEU B 702 -1.04 15.58 -27.00
CA LEU B 702 -1.79 15.82 -25.77
C LEU B 702 -3.17 16.36 -26.09
N CYS B 703 -3.26 17.22 -27.12
CA CYS B 703 -4.54 17.67 -27.62
C CYS B 703 -5.41 16.49 -28.04
N PHE B 704 -4.88 15.63 -28.91
CA PHE B 704 -5.60 14.43 -29.32
C PHE B 704 -6.10 13.66 -28.10
N ARG B 705 -5.24 13.49 -27.10
CA ARG B 705 -5.60 12.66 -25.95
C ARG B 705 -6.58 13.36 -25.04
N THR B 706 -6.58 14.69 -25.03
CA THR B 706 -7.60 15.43 -24.31
C THR B 706 -8.98 15.19 -24.92
N LEU B 707 -9.08 15.38 -26.24
CA LEU B 707 -10.33 15.15 -26.95
C LEU B 707 -10.81 13.71 -26.77
N GLN B 708 -9.87 12.77 -26.79
CA GLN B 708 -10.20 11.36 -26.66
C GLN B 708 -10.80 11.04 -25.30
N ARG B 709 -10.15 11.50 -24.22
CA ARG B 709 -10.63 11.08 -22.89
C ARG B 709 -11.97 11.74 -22.55
N PHE B 710 -12.18 13.00 -22.97
CA PHE B 710 -13.51 13.60 -22.81
C PHE B 710 -14.57 12.82 -23.57
N THR B 711 -14.26 12.43 -24.81
CA THR B 711 -15.23 11.68 -25.62
C THR B 711 -15.48 10.30 -25.04
N ALA B 712 -14.42 9.59 -24.68
CA ALA B 712 -14.59 8.22 -24.19
C ALA B 712 -15.30 8.22 -22.83
N ALA B 713 -14.90 9.09 -21.91
CA ALA B 713 -15.49 9.08 -20.58
C ALA B 713 -16.96 9.49 -20.62
N THR B 714 -17.28 10.45 -21.49
CA THR B 714 -18.66 10.86 -21.68
C THR B 714 -19.52 9.69 -22.16
N LEU B 715 -19.05 8.99 -23.19
CA LEU B 715 -19.78 7.85 -23.73
C LEU B 715 -19.95 6.74 -22.67
N GLU B 716 -18.85 6.38 -22.01
CA GLU B 716 -18.90 5.31 -21.02
C GLU B 716 -19.81 5.68 -19.86
N HIS B 717 -19.74 6.91 -19.35
CA HIS B 717 -20.59 7.26 -18.23
C HIS B 717 -22.04 7.05 -18.65
N GLY B 718 -22.83 6.43 -17.82
CA GLY B 718 -24.21 6.36 -18.27
C GLY B 718 -24.53 5.31 -19.33
N MET B 719 -23.53 4.66 -19.92
CA MET B 719 -23.67 3.23 -20.10
C MET B 719 -23.02 2.46 -18.96
N ASN B 720 -22.31 3.15 -18.06
CA ASN B 720 -21.55 2.50 -16.99
C ASN B 720 -21.40 3.49 -15.82
N PRO B 721 -22.50 3.83 -15.16
CA PRO B 721 -22.42 4.76 -14.05
C PRO B 721 -21.55 4.18 -12.91
N PRO B 722 -20.96 5.03 -12.10
CA PRO B 722 -20.18 4.52 -10.97
C PRO B 722 -21.11 3.94 -9.91
N ILE B 723 -20.53 3.18 -8.97
CA ILE B 723 -21.35 2.59 -7.90
C ILE B 723 -22.05 3.69 -7.11
N SER B 724 -23.27 3.42 -6.71
CA SER B 724 -23.86 4.38 -5.81
C SER B 724 -23.29 4.21 -4.40
N PRO B 725 -23.15 5.29 -3.65
CA PRO B 725 -22.55 5.17 -2.31
C PRO B 725 -23.41 4.34 -1.36
N LYS B 726 -22.73 3.50 -0.58
CA LYS B 726 -23.41 2.79 0.50
C LYS B 726 -24.07 3.77 1.47
N PRO B 727 -25.20 3.39 2.08
CA PRO B 727 -25.84 4.28 3.05
C PRO B 727 -24.91 4.80 4.13
N GLU B 728 -24.00 3.96 4.64
CA GLU B 728 -23.12 4.44 5.71
C GLU B 728 -22.09 5.44 5.19
N TRP B 729 -21.75 5.37 3.89
CA TRP B 729 -20.87 6.38 3.33
C TRP B 729 -21.56 7.74 3.26
N ARG B 730 -22.77 7.77 2.69
CA ARG B 730 -23.59 8.97 2.73
C ARG B 730 -23.65 9.58 4.12
N ALA B 731 -23.99 8.75 5.11
CA ALA B 731 -24.24 9.27 6.45
C ALA B 731 -22.97 9.85 7.04
N LEU B 732 -21.83 9.20 6.81
CA LEU B 732 -20.58 9.74 7.35
C LEU B 732 -20.21 11.06 6.69
N LEU B 733 -20.38 11.16 5.37
CA LEU B 733 -20.03 12.40 4.70
C LEU B 733 -20.96 13.53 5.11
N ASP B 734 -22.25 13.23 5.30
CA ASP B 734 -23.17 14.25 5.80
C ASP B 734 -22.66 14.86 7.10
N GLU B 735 -22.16 14.02 8.02
CA GLU B 735 -21.64 14.55 9.28
C GLU B 735 -20.30 15.26 9.09
N MET B 736 -19.38 14.66 8.31
CA MET B 736 -18.09 15.28 8.07
C MET B 736 -18.26 16.63 7.40
N ALA B 737 -19.24 16.76 6.50
CA ALA B 737 -19.44 18.05 5.85
C ALA B 737 -19.78 19.12 6.89
N VAL B 738 -20.61 18.78 7.88
CA VAL B 738 -20.91 19.77 8.92
C VAL B 738 -19.63 20.17 9.64
N VAL B 739 -18.86 19.17 10.07
CA VAL B 739 -17.63 19.43 10.83
C VAL B 739 -16.63 20.24 9.98
N ALA B 740 -16.45 19.84 8.72
CA ALA B 740 -15.48 20.55 7.86
C ALA B 740 -15.89 22.00 7.61
N THR B 741 -17.17 22.25 7.34
CA THR B 741 -17.63 23.63 7.14
C THR B 741 -17.43 24.48 8.39
N GLU B 742 -17.77 23.93 9.55
CA GLU B 742 -17.53 24.63 10.81
C GLU B 742 -16.06 25.03 10.96
N GLU B 743 -15.12 24.08 10.76
CA GLU B 743 -13.71 24.43 10.89
C GLU B 743 -13.31 25.49 9.88
N TYR B 744 -13.62 25.24 8.60
CA TYR B 744 -13.28 26.19 7.54
C TYR B 744 -13.81 27.59 7.88
N ARG B 745 -15.09 27.66 8.24
CA ARG B 745 -15.70 28.95 8.51
C ARG B 745 -15.16 29.57 9.79
N SER B 746 -14.81 28.75 10.79
CA SER B 746 -14.28 29.29 12.02
C SER B 746 -12.97 30.00 11.78
N VAL B 747 -12.20 29.54 10.80
CA VAL B 747 -10.94 30.20 10.45
C VAL B 747 -11.19 31.39 9.52
N VAL B 748 -11.94 31.16 8.44
CA VAL B 748 -11.95 32.12 7.34
C VAL B 748 -12.89 33.29 7.61
N PHE B 749 -14.00 33.08 8.31
CA PHE B 749 -14.97 34.15 8.52
C PHE B 749 -15.10 34.59 9.97
N GLN B 750 -14.80 33.72 10.93
CA GLN B 750 -15.05 34.05 12.33
C GLN B 750 -13.82 34.45 13.11
N GLU B 751 -12.61 34.21 12.60
CA GLU B 751 -11.41 34.78 13.22
C GLU B 751 -11.33 36.26 12.90
N PRO B 752 -11.41 37.13 13.90
CA PRO B 752 -11.44 38.58 13.60
C PRO B 752 -10.21 39.08 12.89
N ARG B 753 -9.04 38.45 13.09
CA ARG B 753 -7.80 38.90 12.49
C ARG B 753 -7.43 38.14 11.23
N PHE B 754 -8.30 37.25 10.74
CA PHE B 754 -7.93 36.42 9.59
C PHE B 754 -7.61 37.28 8.38
N VAL B 755 -8.48 38.27 8.09
CA VAL B 755 -8.30 39.07 6.89
C VAL B 755 -6.99 39.85 6.95
N GLU B 756 -6.71 40.43 8.12
CA GLU B 756 -5.44 41.11 8.35
C GLU B 756 -4.27 40.18 8.05
N TYR B 757 -4.30 38.97 8.61
CA TYR B 757 -3.24 38.00 8.36
C TYR B 757 -3.16 37.67 6.88
N PHE B 758 -4.32 37.43 6.24
CA PHE B 758 -4.40 37.16 4.81
C PHE B 758 -3.71 38.26 3.99
N ARG B 759 -3.95 39.52 4.34
CA ARG B 759 -3.38 40.63 3.56
C ARG B 759 -1.88 40.76 3.75
N LEU B 760 -1.36 40.32 4.89
CA LEU B 760 0.08 40.33 5.11
C LEU B 760 0.76 39.11 4.51
N ALA B 761 0.24 37.92 4.81
CA ALA B 761 0.95 36.67 4.55
C ALA B 761 0.96 36.26 3.08
N THR B 762 0.20 36.93 2.23
CA THR B 762 0.07 36.56 0.83
C THR B 762 0.20 37.80 -0.03
N PRO B 763 0.48 37.64 -1.32
CA PRO B 763 0.50 38.78 -2.22
C PRO B 763 -0.87 39.18 -2.75
N GLU B 764 -1.94 38.91 -2.01
CA GLU B 764 -3.27 39.07 -2.58
C GLU B 764 -3.58 40.53 -2.91
N LEU B 765 -3.14 41.47 -2.07
CA LEU B 765 -3.38 42.88 -2.37
C LEU B 765 -2.64 43.32 -3.62
N GLU B 766 -1.41 42.82 -3.82
CA GLU B 766 -0.63 43.19 -4.98
C GLU B 766 -1.11 42.50 -6.25
N TYR B 767 -1.77 41.35 -6.14
CA TYR B 767 -2.45 40.77 -7.30
C TYR B 767 -3.61 41.66 -7.73
N GLY B 768 -4.42 42.09 -6.77
CA GLY B 768 -5.64 42.85 -6.93
C GLY B 768 -5.48 44.32 -7.25
N ARG B 769 -4.26 44.82 -7.43
CA ARG B 769 -4.08 46.18 -7.93
C ARG B 769 -3.51 46.17 -9.36
N MET B 770 -3.09 44.99 -9.86
CA MET B 770 -2.68 44.79 -11.27
C MET B 770 -3.72 43.79 -11.90
N ASN B 771 -3.47 42.49 -12.20
CA ASN B 771 -2.28 41.70 -12.59
C ASN B 771 -2.88 40.83 -13.67
N ILE B 772 -4.21 40.87 -13.63
CA ILE B 772 -5.12 40.33 -14.62
C ILE B 772 -5.90 41.48 -15.27
N ILE B 785 -13.74 38.55 2.73
CA ILE B 785 -13.50 37.28 2.02
C ILE B 785 -14.74 36.85 1.23
N GLU B 786 -15.92 37.00 1.84
CA GLU B 786 -17.15 36.75 1.11
C GLU B 786 -17.25 37.64 -0.12
N SER B 787 -16.73 38.87 -0.03
CA SER B 787 -16.73 39.79 -1.16
C SER B 787 -15.62 39.48 -2.17
N LEU B 788 -14.54 38.85 -1.72
CA LEU B 788 -13.43 38.51 -2.60
C LEU B 788 -13.88 37.47 -3.65
N ARG B 789 -13.42 37.62 -4.89
CA ARG B 789 -13.71 36.62 -5.91
C ARG B 789 -12.89 35.35 -5.66
N ALA B 790 -13.37 34.24 -6.25
CA ALA B 790 -12.75 32.94 -5.96
C ALA B 790 -11.37 32.82 -6.59
N ILE B 791 -11.17 33.37 -7.78
CA ILE B 791 -9.86 33.26 -8.43
C ILE B 791 -8.77 33.93 -7.60
N PRO B 792 -8.92 35.20 -7.15
CA PRO B 792 -7.91 35.77 -6.23
C PRO B 792 -7.74 34.98 -4.94
N TRP B 793 -8.83 34.47 -4.35
CA TRP B 793 -8.73 33.65 -3.15
C TRP B 793 -7.82 32.46 -3.37
N ILE B 794 -8.03 31.72 -4.46
CA ILE B 794 -7.16 30.57 -4.74
C ILE B 794 -5.74 31.05 -5.06
N PHE B 795 -5.63 32.11 -5.86
CA PHE B 795 -4.33 32.63 -6.29
C PHE B 795 -3.44 32.97 -5.10
N ALA B 796 -3.98 33.74 -4.16
CA ALA B 796 -3.17 34.28 -3.07
C ALA B 796 -2.45 33.17 -2.31
N TRP B 797 -3.18 32.11 -1.96
CA TRP B 797 -2.59 31.03 -1.17
C TRP B 797 -1.81 30.03 -2.01
N THR B 798 -2.05 29.99 -3.32
CA THR B 798 -1.20 29.22 -4.21
C THR B 798 0.20 29.79 -4.25
N GLN B 799 0.30 31.12 -4.36
CA GLN B 799 1.58 31.81 -4.47
C GLN B 799 2.52 31.43 -3.33
N THR B 800 2.02 31.41 -2.10
CA THR B 800 2.86 31.15 -0.94
C THR B 800 2.99 29.66 -0.63
N ARG B 801 2.51 28.79 -1.53
CA ARG B 801 2.68 27.34 -1.44
C ARG B 801 1.94 26.76 -0.24
N PHE B 802 0.91 27.45 0.21
CA PHE B 802 0.18 27.01 1.39
C PHE B 802 -1.16 26.37 1.05
N HIS B 803 -1.92 26.93 0.11
CA HIS B 803 -3.09 26.28 -0.49
C HIS B 803 -4.23 26.07 0.50
N LEU B 804 -4.31 26.90 1.54
CA LEU B 804 -5.38 26.84 2.54
C LEU B 804 -6.78 26.64 1.96
N PRO B 805 -7.20 27.33 0.89
CA PRO B 805 -8.57 27.12 0.39
C PRO B 805 -8.88 25.71 -0.04
N VAL B 806 -7.89 24.90 -0.34
CA VAL B 806 -8.15 23.58 -0.91
C VAL B 806 -8.32 22.52 0.17
N TRP B 807 -7.49 22.55 1.22
CA TRP B 807 -7.49 21.46 2.20
C TRP B 807 -8.18 21.81 3.52
N LEU B 808 -8.35 23.09 3.84
CA LEU B 808 -8.91 23.45 5.14
C LEU B 808 -10.30 22.87 5.32
N GLY B 809 -10.51 22.17 6.44
CA GLY B 809 -11.74 21.48 6.76
C GLY B 809 -11.61 19.97 6.68
N PHE B 810 -10.73 19.46 5.81
CA PHE B 810 -10.53 18.02 5.77
C PHE B 810 -9.98 17.50 7.11
N GLY B 811 -9.09 18.26 7.74
CA GLY B 811 -8.49 17.78 8.98
C GLY B 811 -9.51 17.54 10.08
N ALA B 812 -10.35 18.54 10.37
CA ALA B 812 -11.36 18.35 11.41
C ALA B 812 -12.32 17.24 11.02
N ALA B 813 -12.69 17.15 9.74
CA ALA B 813 -13.64 16.14 9.31
C ALA B 813 -13.09 14.73 9.54
N PHE B 814 -11.86 14.49 9.10
CA PHE B 814 -11.26 13.16 9.28
C PHE B 814 -11.05 12.86 10.76
N ARG B 815 -10.56 13.83 11.52
CA ARG B 815 -10.34 13.62 12.95
C ARG B 815 -11.66 13.30 13.64
N TYR B 816 -12.70 14.10 13.39
CA TYR B 816 -14.03 13.81 13.92
C TYR B 816 -14.45 12.38 13.59
N ALA B 817 -14.28 11.96 12.34
CA ALA B 817 -14.86 10.68 11.92
C ALA B 817 -14.19 9.51 12.63
N ILE B 818 -12.88 9.59 12.82
CA ILE B 818 -12.14 8.48 13.40
C ILE B 818 -12.39 8.41 14.90
N LYS B 819 -12.57 9.57 15.53
CA LYS B 819 -12.97 9.62 16.94
C LYS B 819 -14.43 9.19 17.14
N LYS B 820 -15.32 9.53 16.20
CA LYS B 820 -16.74 9.23 16.40
C LYS B 820 -16.99 7.74 16.50
N ASP B 821 -16.36 6.96 15.63
CA ASP B 821 -16.49 5.51 15.64
C ASP B 821 -15.21 4.96 15.02
N VAL B 822 -14.48 4.15 15.79
CA VAL B 822 -13.14 3.74 15.39
C VAL B 822 -13.15 2.98 14.08
N ARG B 823 -14.29 2.43 13.66
CA ARG B 823 -14.35 1.74 12.38
C ARG B 823 -14.44 2.68 11.18
N ASN B 824 -14.56 3.98 11.40
CA ASN B 824 -14.62 4.92 10.29
C ASN B 824 -13.27 5.09 9.61
N LEU B 825 -12.17 4.87 10.34
CA LEU B 825 -10.86 4.84 9.67
C LEU B 825 -10.90 3.85 8.51
N HIS B 826 -11.35 2.62 8.78
CA HIS B 826 -11.38 1.62 7.73
C HIS B 826 -12.44 1.92 6.68
N MET B 827 -13.57 2.53 7.08
CA MET B 827 -14.59 2.89 6.11
C MET B 827 -14.10 3.97 5.15
N LEU B 828 -13.44 5.00 5.68
CA LEU B 828 -12.87 6.02 4.82
C LEU B 828 -11.91 5.41 3.79
N GLN B 829 -11.14 4.39 4.20
CA GLN B 829 -10.21 3.77 3.28
C GLN B 829 -10.94 2.93 2.23
N ASP B 830 -12.03 2.27 2.62
CA ASP B 830 -12.87 1.59 1.65
C ASP B 830 -13.45 2.57 0.65
N MET B 831 -13.88 3.74 1.11
CA MET B 831 -14.42 4.74 0.21
C MET B 831 -13.38 5.15 -0.82
N TYR B 832 -12.15 5.44 -0.36
CA TYR B 832 -11.08 5.82 -1.26
C TYR B 832 -10.79 4.71 -2.28
N LYS B 833 -10.86 3.46 -1.85
CA LYS B 833 -10.60 2.35 -2.76
C LYS B 833 -11.76 2.06 -3.71
N GLN B 834 -13.00 2.27 -3.27
CA GLN B 834 -14.15 1.72 -3.97
C GLN B 834 -15.04 2.75 -4.64
N TRP B 835 -15.03 4.00 -4.18
CA TRP B 835 -15.98 5.01 -4.65
C TRP B 835 -15.27 6.05 -5.50
N PRO B 836 -15.42 6.03 -6.83
CA PRO B 836 -14.71 7.01 -7.67
C PRO B 836 -14.82 8.46 -7.22
N PHE B 837 -16.02 8.93 -6.85
CA PHE B 837 -16.16 10.31 -6.37
C PHE B 837 -15.19 10.60 -5.24
N PHE B 838 -15.10 9.71 -4.27
CA PHE B 838 -14.25 9.99 -3.11
C PHE B 838 -12.78 9.85 -3.48
N ARG B 839 -12.44 8.89 -4.35
CA ARG B 839 -11.05 8.74 -4.74
C ARG B 839 -10.55 9.96 -5.49
N VAL B 840 -11.33 10.45 -6.47
CA VAL B 840 -10.83 11.61 -7.23
C VAL B 840 -10.80 12.85 -6.35
N THR B 841 -11.69 12.95 -5.35
CA THR B 841 -11.67 14.10 -4.46
C THR B 841 -10.39 14.12 -3.62
N ILE B 842 -10.02 12.95 -3.08
CA ILE B 842 -8.78 12.86 -2.29
C ILE B 842 -7.56 13.06 -3.18
N ASP B 843 -7.56 12.42 -4.36
CA ASP B 843 -6.41 12.53 -5.28
C ASP B 843 -6.09 13.99 -5.57
N LEU B 844 -7.11 14.83 -5.74
CA LEU B 844 -6.82 16.23 -6.01
C LEU B 844 -6.20 16.91 -4.81
N ILE B 845 -6.73 16.65 -3.61
CA ILE B 845 -6.11 17.20 -2.40
C ILE B 845 -4.65 16.78 -2.31
N GLU B 846 -4.37 15.51 -2.59
CA GLU B 846 -3.01 15.00 -2.51
C GLU B 846 -2.10 15.67 -3.53
N MET B 847 -2.60 15.90 -4.75
CA MET B 847 -1.82 16.65 -5.74
C MET B 847 -1.48 18.05 -5.24
N VAL B 848 -2.43 18.72 -4.59
CA VAL B 848 -2.20 20.07 -4.12
C VAL B 848 -1.23 20.08 -2.93
N PHE B 849 -1.34 19.10 -2.02
CA PHE B 849 -0.36 19.02 -0.96
C PHE B 849 1.05 18.83 -1.52
N ALA B 850 1.18 18.07 -2.61
CA ALA B 850 2.50 17.88 -3.21
C ALA B 850 3.07 19.15 -3.79
N LYS B 851 2.23 20.15 -4.08
CA LYS B 851 2.67 21.46 -4.51
C LYS B 851 2.85 22.42 -3.34
N GLY B 852 2.66 21.95 -2.10
CA GLY B 852 2.78 22.78 -0.94
C GLY B 852 4.13 22.63 -0.24
N ASP B 853 4.47 23.67 0.52
CA ASP B 853 5.70 23.69 1.31
C ASP B 853 5.45 24.66 2.44
N PRO B 854 5.11 24.16 3.64
CA PRO B 854 4.88 25.06 4.78
C PRO B 854 6.14 25.80 5.20
N GLY B 855 7.32 25.28 4.89
CA GLY B 855 8.55 26.02 5.11
C GLY B 855 8.60 27.31 4.33
N ILE B 856 8.12 27.29 3.09
CA ILE B 856 8.11 28.53 2.32
C ILE B 856 7.03 29.47 2.85
N ALA B 857 5.86 28.92 3.18
CA ALA B 857 4.82 29.74 3.82
C ALA B 857 5.34 30.38 5.11
N ALA B 858 6.05 29.59 5.93
CA ALA B 858 6.63 30.15 7.16
C ALA B 858 7.55 31.32 6.86
N LEU B 859 8.27 31.26 5.72
CA LEU B 859 9.16 32.36 5.35
C LEU B 859 8.39 33.64 5.04
N TYR B 860 7.28 33.52 4.29
CA TYR B 860 6.41 34.68 4.10
C TYR B 860 5.95 35.25 5.44
N ASP B 861 5.65 34.39 6.42
CA ASP B 861 5.25 34.89 7.73
C ASP B 861 6.39 35.67 8.39
N LYS B 862 7.57 35.06 8.45
CA LYS B 862 8.73 35.69 9.08
C LYS B 862 8.99 37.07 8.50
N LEU B 863 8.88 37.23 7.20
CA LEU B 863 9.24 38.49 6.55
C LEU B 863 8.10 39.49 6.52
N LEU B 864 6.85 39.04 6.49
CA LEU B 864 5.75 39.92 6.14
C LEU B 864 4.69 40.08 7.21
N VAL B 865 4.62 39.18 8.18
CA VAL B 865 3.53 39.15 9.15
C VAL B 865 4.05 39.64 10.49
N SER B 866 3.31 40.54 11.11
CA SER B 866 3.67 41.03 12.43
C SER B 866 3.80 39.89 13.42
N GLU B 867 4.68 40.08 14.42
CA GLU B 867 4.98 39.00 15.35
C GLU B 867 3.78 38.58 16.18
N ASP B 868 2.81 39.46 16.39
CA ASP B 868 1.64 39.06 17.15
C ASP B 868 0.72 38.13 16.37
N LEU B 869 0.98 37.91 15.08
CA LEU B 869 0.23 36.96 14.28
C LEU B 869 1.05 35.73 13.90
N TRP B 870 2.29 35.63 14.37
CA TRP B 870 3.09 34.45 14.04
C TRP B 870 2.51 33.19 14.66
N ALA B 871 1.95 33.30 15.87
CA ALA B 871 1.36 32.12 16.51
C ALA B 871 0.17 31.60 15.71
N PHE B 872 -0.66 32.52 15.21
CA PHE B 872 -1.77 32.15 14.31
C PHE B 872 -1.24 31.40 13.10
N GLY B 873 -0.27 31.99 12.40
CA GLY B 873 0.31 31.33 11.23
C GLY B 873 0.81 29.94 11.54
N GLU B 874 1.54 29.78 12.67
CA GLU B 874 2.05 28.47 13.03
C GLU B 874 0.93 27.50 13.32
N LYS B 875 -0.19 27.99 13.84
CA LYS B 875 -1.35 27.13 14.06
C LYS B 875 -1.91 26.62 12.74
N LEU B 876 -2.03 27.49 11.74
CA LEU B 876 -2.48 27.06 10.43
C LEU B 876 -1.55 26.00 9.84
N ARG B 877 -0.23 26.15 10.06
CA ARG B 877 0.71 25.20 9.47
C ARG B 877 0.66 23.85 10.17
N ALA B 878 0.40 23.84 11.49
CA ALA B 878 0.14 22.57 12.15
C ALA B 878 -1.12 21.93 11.58
N ASN B 879 -2.11 22.74 11.24
CA ASN B 879 -3.31 22.21 10.59
C ASN B 879 -2.96 21.59 9.24
N PHE B 880 -2.22 22.33 8.42
CA PHE B 880 -1.69 21.79 7.15
C PHE B 880 -1.08 20.41 7.36
N ASP B 881 -0.20 20.28 8.35
CA ASP B 881 0.52 19.03 8.52
C ASP B 881 -0.39 17.91 9.00
N GLU B 882 -1.26 18.21 9.97
CA GLU B 882 -2.18 17.16 10.44
C GLU B 882 -3.14 16.75 9.33
N THR B 883 -3.64 17.72 8.55
CA THR B 883 -4.57 17.40 7.48
C THR B 883 -3.90 16.54 6.42
N LYS B 884 -2.70 16.93 6.00
CA LYS B 884 -1.92 16.12 5.06
C LYS B 884 -1.82 14.67 5.51
N ASN B 885 -1.50 14.45 6.79
CA ASN B 885 -1.32 13.08 7.25
C ASN B 885 -2.64 12.33 7.35
N LEU B 886 -3.74 13.03 7.66
CA LEU B 886 -5.03 12.37 7.63
C LEU B 886 -5.44 12.03 6.20
N VAL B 887 -5.14 12.92 5.25
CA VAL B 887 -5.39 12.61 3.85
C VAL B 887 -4.58 11.38 3.44
N LEU B 888 -3.28 11.36 3.76
CA LEU B 888 -2.44 10.22 3.39
C LEU B 888 -2.96 8.93 4.01
N GLN B 889 -3.42 9.01 5.25
CA GLN B 889 -3.92 7.80 5.90
C GLN B 889 -5.18 7.29 5.19
N THR B 890 -6.04 8.21 4.76
CA THR B 890 -7.26 7.78 4.07
C THR B 890 -6.96 7.17 2.72
N ALA B 891 -5.93 7.68 2.04
CA ALA B 891 -5.53 7.16 0.74
C ALA B 891 -4.67 5.91 0.85
N GLY B 892 -4.33 5.47 2.06
CA GLY B 892 -3.44 4.32 2.19
C GLY B 892 -2.03 4.57 1.67
N HIS B 893 -1.53 5.78 1.81
CA HIS B 893 -0.23 6.16 1.26
C HIS B 893 0.68 6.56 2.39
N LYS B 894 1.95 6.16 2.29
CA LYS B 894 2.97 6.65 3.19
C LYS B 894 3.48 8.02 2.77
N ASP B 895 3.46 8.30 1.46
CA ASP B 895 3.97 9.56 0.94
C ASP B 895 3.01 10.09 -0.11
N LEU B 896 3.09 11.40 -0.33
CA LEU B 896 2.26 12.06 -1.35
C LEU B 896 2.52 11.45 -2.72
N LEU B 897 1.44 11.23 -3.47
CA LEU B 897 1.50 10.78 -4.87
C LEU B 897 2.22 9.45 -4.99
N GLU B 898 2.14 8.64 -3.94
CA GLU B 898 2.69 7.30 -3.98
C GLU B 898 2.11 6.48 -5.13
N GLY B 899 0.86 6.70 -5.47
CA GLY B 899 0.27 6.01 -6.60
C GLY B 899 0.50 6.64 -7.96
N ASP B 900 1.21 7.78 -8.01
CA ASP B 900 1.46 8.48 -9.27
C ASP B 900 2.90 8.97 -9.30
N PRO B 901 3.85 8.06 -9.55
CA PRO B 901 5.26 8.50 -9.62
C PRO B 901 5.56 9.39 -10.81
N TYR B 902 4.75 9.35 -11.87
CA TYR B 902 4.98 10.22 -13.04
C TYR B 902 4.73 11.67 -12.67
N LEU B 903 3.60 11.94 -12.02
CA LEU B 903 3.33 13.29 -11.56
C LEU B 903 4.33 13.72 -10.51
N LYS B 904 4.67 12.82 -9.60
CA LYS B 904 5.62 13.17 -8.55
C LYS B 904 6.94 13.62 -9.14
N GLN B 905 7.43 12.89 -10.14
CA GLN B 905 8.67 13.29 -10.80
C GLN B 905 8.54 14.69 -11.41
N ARG B 906 7.44 14.94 -12.12
CA ARG B 906 7.28 16.22 -12.80
C ARG B 906 7.29 17.38 -11.80
N LEU B 907 6.56 17.23 -10.69
CA LEU B 907 6.50 18.30 -9.68
C LEU B 907 7.86 18.51 -9.03
N ARG B 908 8.58 17.43 -8.73
CA ARG B 908 9.89 17.56 -8.11
C ARG B 908 10.83 18.39 -8.99
N LEU B 909 10.79 18.16 -10.31
CA LEU B 909 11.66 18.88 -11.22
C LEU B 909 11.25 20.34 -11.41
N ARG B 910 10.05 20.71 -10.99
CA ARG B 910 9.64 22.11 -11.05
C ARG B 910 10.04 22.88 -9.80
N ASP B 911 10.16 22.19 -8.65
CA ASP B 911 10.15 22.88 -7.37
C ASP B 911 11.32 23.86 -7.23
N SER B 912 12.51 23.47 -7.70
CA SER B 912 13.69 24.31 -7.56
C SER B 912 13.45 25.70 -8.11
N TYR B 913 12.93 25.78 -9.33
CA TYR B 913 12.70 27.09 -9.94
C TYR B 913 11.60 27.84 -9.22
N ILE B 914 10.54 27.14 -8.79
CA ILE B 914 9.46 27.83 -8.08
C ILE B 914 9.95 28.31 -6.72
N THR B 915 10.72 27.47 -6.01
CA THR B 915 11.25 27.87 -4.71
C THR B 915 12.06 29.16 -4.82
N THR B 916 12.96 29.23 -5.81
CA THR B 916 13.71 30.44 -6.06
C THR B 916 12.79 31.65 -6.23
N LEU B 917 11.74 31.49 -7.04
CA LEU B 917 10.83 32.62 -7.24
C LEU B 917 10.05 32.94 -5.96
N ASN B 918 9.74 31.94 -5.14
CA ASN B 918 9.07 32.18 -3.86
C ASN B 918 9.93 33.06 -2.95
N VAL B 919 11.16 32.62 -2.67
CA VAL B 919 12.08 33.41 -1.85
C VAL B 919 12.22 34.81 -2.41
N CYS B 920 12.44 34.90 -3.73
CA CYS B 920 12.55 36.21 -4.36
C CYS B 920 11.28 37.04 -4.14
N GLN B 921 10.11 36.41 -4.30
CA GLN B 921 8.86 37.15 -4.12
C GLN B 921 8.70 37.62 -2.68
N ALA B 922 9.00 36.76 -1.71
CA ALA B 922 8.79 37.14 -0.31
C ALA B 922 9.65 38.32 0.08
N TYR B 923 10.94 38.30 -0.27
CA TYR B 923 11.81 39.43 0.06
C TYR B 923 11.44 40.66 -0.75
N THR B 924 11.04 40.47 -2.01
CA THR B 924 10.65 41.62 -2.82
C THR B 924 9.42 42.30 -2.22
N LEU B 925 8.50 41.51 -1.66
CA LEU B 925 7.32 42.11 -1.02
C LEU B 925 7.72 42.93 0.19
N LYS B 926 8.65 42.41 0.99
CA LYS B 926 9.15 43.17 2.15
C LYS B 926 9.87 44.43 1.70
N ARG B 927 10.72 44.31 0.68
CA ARG B 927 11.39 45.50 0.15
C ARG B 927 10.38 46.50 -0.38
N ILE B 928 9.25 46.04 -0.94
CA ILE B 928 8.27 46.98 -1.46
C ILE B 928 7.47 47.61 -0.33
N ARG B 929 7.07 46.80 0.65
CA ARG B 929 6.10 47.26 1.66
C ARG B 929 6.77 48.03 2.79
N ASP B 930 7.93 47.57 3.24
CA ASP B 930 8.54 48.00 4.50
C ASP B 930 9.63 49.04 4.18
N ALA B 931 9.31 50.31 4.38
CA ALA B 931 10.27 51.38 4.10
C ALA B 931 11.51 51.32 4.98
N ASN B 932 11.45 50.59 6.10
CA ASN B 932 12.56 50.51 7.04
C ASN B 932 13.37 49.22 6.94
N TYR B 933 13.13 48.42 5.91
CA TYR B 933 13.90 47.19 5.68
C TYR B 933 15.16 47.53 4.90
N ASN B 934 16.33 47.35 5.52
CA ASN B 934 17.60 47.77 4.93
C ASN B 934 18.25 46.60 4.22
N VAL B 935 18.68 46.82 2.98
CA VAL B 935 19.42 45.79 2.26
C VAL B 935 20.77 46.35 1.85
N THR B 936 21.75 45.44 1.77
CA THR B 936 23.07 45.78 1.21
C THR B 936 23.12 45.24 -0.22
N LEU B 937 22.96 46.14 -1.18
CA LEU B 937 23.07 45.74 -2.57
C LEU B 937 24.49 45.29 -2.89
N ARG B 938 24.60 44.31 -3.73
CA ARG B 938 25.93 44.10 -4.30
C ARG B 938 26.05 44.89 -5.59
N PRO B 939 27.26 45.24 -6.02
CA PRO B 939 27.42 45.99 -7.27
C PRO B 939 26.78 45.24 -8.44
N HIS B 940 26.21 46.01 -9.36
CA HIS B 940 25.39 45.46 -10.44
C HIS B 940 26.13 44.36 -11.19
N ILE B 941 25.42 43.25 -11.41
CA ILE B 941 26.03 42.04 -11.95
C ILE B 941 25.82 41.91 -13.45
N SER B 942 24.64 42.28 -13.94
CA SER B 942 24.23 41.94 -15.29
C SER B 942 24.76 42.95 -16.31
N LYS B 943 25.13 42.44 -17.49
CA LYS B 943 25.51 43.26 -18.63
C LYS B 943 24.53 43.10 -19.79
N GLY B 967 11.96 48.76 -11.78
CA GLY B 967 11.39 48.78 -10.45
C GLY B 967 11.38 47.39 -9.82
N LEU B 968 11.27 47.36 -8.49
CA LEU B 968 11.02 46.11 -7.79
C LEU B 968 9.63 45.56 -8.10
N GLU B 969 8.70 46.40 -8.55
CA GLU B 969 7.39 45.91 -8.94
C GLU B 969 7.47 44.96 -10.13
N ASP B 970 8.25 45.32 -11.16
CA ASP B 970 8.44 44.41 -12.28
C ASP B 970 8.94 43.04 -11.82
N THR B 971 9.78 43.01 -10.79
CA THR B 971 10.22 41.72 -10.26
C THR B 971 9.05 41.00 -9.60
N LEU B 972 8.24 41.72 -8.83
CA LEU B 972 7.10 41.12 -8.17
C LEU B 972 6.17 40.48 -9.18
N ILE B 973 5.85 41.22 -10.25
CA ILE B 973 4.99 40.72 -11.31
C ILE B 973 5.60 39.48 -11.95
N LEU B 974 6.92 39.50 -12.21
CA LEU B 974 7.57 38.33 -12.79
C LEU B 974 7.47 37.13 -11.87
N THR B 975 7.63 37.33 -10.55
CA THR B 975 7.53 36.16 -9.68
C THR B 975 6.11 35.62 -9.63
N MET B 976 5.10 36.50 -9.73
CA MET B 976 3.71 36.04 -9.67
C MET B 976 3.36 35.20 -10.89
N LYS B 977 3.65 35.72 -12.09
CA LYS B 977 3.45 34.95 -13.31
C LYS B 977 4.23 33.65 -13.30
N GLY B 978 5.49 33.67 -12.87
CA GLY B 978 6.29 32.46 -12.89
C GLY B 978 5.83 31.42 -11.88
N ILE B 979 5.47 31.86 -10.66
CA ILE B 979 4.96 30.93 -9.67
C ILE B 979 3.64 30.31 -10.14
N ALA B 980 2.73 31.13 -10.68
CA ALA B 980 1.46 30.61 -11.19
C ALA B 980 1.69 29.61 -12.34
N ALA B 981 2.54 29.99 -13.30
CA ALA B 981 2.91 29.05 -14.36
C ALA B 981 3.49 27.77 -13.78
N GLY B 982 4.26 27.87 -12.70
CA GLY B 982 4.86 26.68 -12.13
C GLY B 982 3.87 25.77 -11.45
N LEU B 983 2.81 26.34 -10.85
CA LEU B 983 1.89 25.54 -10.03
C LEU B 983 0.60 25.13 -10.75
N GLN B 984 0.25 25.81 -11.85
CA GLN B 984 -0.89 25.48 -12.73
C GLN B 984 -2.15 25.30 -11.87
N ASN B 985 -2.90 24.22 -12.03
CA ASN B 985 -4.21 24.07 -11.42
C ASN B 985 -4.10 23.53 -10.00
N THR B 986 -4.92 24.08 -9.09
CA THR B 986 -5.12 23.48 -7.78
C THR B 986 -6.60 23.26 -7.48
N GLY B 987 -7.27 24.27 -6.91
CA GLY B 987 -8.68 24.15 -6.55
C GLY B 987 -9.59 25.25 -7.09
N ASP C . 6.68 -22.49 28.18
CA ASP C . 6.03 -22.01 29.40
C ASP C . 4.64 -21.47 29.08
O ASP C . 4.39 -21.11 27.92
CB ASP C . 6.83 -20.89 30.08
CG ASP C . 8.28 -21.27 30.33
OD1 ASP C . 8.58 -22.47 30.58
OD2 ASP C . 9.12 -20.35 30.27
OXT ASP C . 3.78 -21.39 29.97
CAC FLC D . 1.28 -25.41 34.17
CA FLC D . 2.67 -26.06 34.29
CB FLC D . 2.33 -27.48 33.86
CBC FLC D . 1.96 -27.44 32.36
CG FLC D . 3.42 -28.53 34.16
CGC FLC D . 3.45 -28.87 35.66
OA1 FLC D . 0.34 -25.78 34.93
OA2 FLC D . 1.05 -24.57 33.25
OB1 FLC D . 0.76 -27.43 31.98
OB2 FLC D . 2.82 -27.42 31.43
OG1 FLC D . 3.07 -30.01 36.08
OG2 FLC D . 3.89 -28.02 36.47
OHB FLC D . 1.24 -27.85 34.66
N ASP E . -2.48 19.13 -14.15
CA ASP E . -1.78 18.20 -13.27
C ASP E . -2.80 17.43 -12.45
O ASP E . -3.92 17.91 -12.24
CB ASP E . -0.84 18.94 -12.31
CG ASP E . 0.08 19.89 -13.01
OD1 ASP E . 0.43 19.65 -14.20
OD2 ASP E . 0.47 20.90 -12.37
OXT ASP E . -2.50 16.33 -11.96
CAC FLC F . 0.40 11.46 -14.36
CA FLC F . 0.92 12.16 -15.61
CB FLC F . 0.24 11.41 -16.73
CBC FLC F . -1.26 11.83 -16.79
CG FLC F . 1.01 11.59 -18.04
CGC FLC F . 2.35 10.82 -18.04
OA1 FLC F . 0.20 10.21 -14.31
OA2 FLC F . 0.14 12.18 -13.36
OB1 FLC F . -2.14 11.03 -16.43
OB2 FLC F . -1.67 12.96 -17.19
OG1 FLC F . 2.63 10.00 -18.95
OG2 FLC F . 3.21 11.04 -17.14
OHB FLC F . 0.33 10.04 -16.40
#